data_7C3Y
# 
_entry.id   7C3Y 
# 
_audit_conform.dict_name       mmcif_pdbx.dic 
_audit_conform.dict_version    5.380 
_audit_conform.dict_location   http://mmcif.pdb.org/dictionaries/ascii/mmcif_pdbx.dic 
# 
loop_
_database_2.database_id 
_database_2.database_code 
_database_2.pdbx_database_accession 
_database_2.pdbx_DOI 
PDB   7C3Y         pdb_00007c3y 10.2210/pdb7c3y/pdb 
WWPDB D_1300016976 ?            ?                   
# 
_pdbx_database_status.status_code                     REL 
_pdbx_database_status.status_code_sf                  REL 
_pdbx_database_status.status_code_mr                  ? 
_pdbx_database_status.entry_id                        7C3Y 
_pdbx_database_status.recvd_initial_deposition_date   2020-05-14 
_pdbx_database_status.SG_entry                        N 
_pdbx_database_status.deposit_site                    PDBJ 
_pdbx_database_status.process_site                    PDBJ 
_pdbx_database_status.status_code_cs                  ? 
_pdbx_database_status.status_code_nmr_data            ? 
_pdbx_database_status.methods_development_category    ? 
_pdbx_database_status.pdb_format_compatible           Y 
# 
loop_
_audit_author.name 
_audit_author.pdbx_ordinal 
_audit_author.identifier_ORCID 
'Su, Z.D.'    1 0000-0003-3558-001X 
'Cheng, X.Y.' 2 0000-0003-2161-1743 
'Zhang, B.L.' 3 ?                   
'Kuang, Z.K.' 4 ?                   
'Yang, J.'    5 ?                   
'Li, Z.C.'    6 ?                   
'Yu, J.P.'    7 ?                   
'Zhao, Z.T.'  8 ?                   
'Cao, C.Z.'   9 ?                   
# 
_citation.abstract                  ? 
_citation.abstract_id_CAS           ? 
_citation.book_id_ISBN              ? 
_citation.book_publisher            ? 
_citation.book_publisher_city       ? 
_citation.book_title                ? 
_citation.coordinate_linkage        ? 
_citation.country                   ? 
_citation.database_id_Medline       ? 
_citation.details                   ? 
_citation.id                        primary 
_citation.journal_abbrev            'To Be Published' 
_citation.journal_id_ASTM           ? 
_citation.journal_id_CSD            0353 
_citation.journal_id_ISSN           ? 
_citation.journal_full              ? 
_citation.journal_issue             ? 
_citation.journal_volume            ? 
_citation.language                  ? 
_citation.page_first                ? 
_citation.page_last                 ? 
_citation.title                     'Crystal structure of the N-terminal domain of human MdmX protein in complex with Nutlin3a' 
_citation.year                      ? 
_citation.database_id_CSD           ? 
_citation.pdbx_database_id_DOI      ? 
_citation.pdbx_database_id_PubMed   ? 
_citation.unpublished_flag          ? 
# 
loop_
_citation_author.citation_id 
_citation_author.name 
_citation_author.ordinal 
_citation_author.identifier_ORCID 
primary 'Su, Z.D.'    1 0000-0003-3558-001X 
primary 'Cheng, X.Y.' 2 0000-0003-2161-1743 
primary 'Zhang, B.L.' 3 ?                   
primary 'Kuang, Z.K.' 4 ?                   
primary 'Yang, J.'    5 ?                   
primary 'Li, Z.C.'    6 ?                   
primary 'Yu, J.P.'    7 ?                   
primary 'Cao, C.Z.'   8 ?                   
primary 'Zhao, Z.T.'  9 ?                   
# 
_cell.angle_alpha                  90.000 
_cell.angle_alpha_esd              ? 
_cell.angle_beta                   90.000 
_cell.angle_beta_esd               ? 
_cell.angle_gamma                  90.000 
_cell.angle_gamma_esd              ? 
_cell.entry_id                     7C3Y 
_cell.details                      ? 
_cell.formula_units_Z              ? 
_cell.length_a                     47.552 
_cell.length_a_esd                 ? 
_cell.length_b                     47.552 
_cell.length_b_esd                 ? 
_cell.length_c                     90.676 
_cell.length_c_esd                 ? 
_cell.volume                       ? 
_cell.volume_esd                   ? 
_cell.Z_PDB                        8 
_cell.reciprocal_angle_alpha       ? 
_cell.reciprocal_angle_beta        ? 
_cell.reciprocal_angle_gamma       ? 
_cell.reciprocal_angle_alpha_esd   ? 
_cell.reciprocal_angle_beta_esd    ? 
_cell.reciprocal_angle_gamma_esd   ? 
_cell.reciprocal_length_a          ? 
_cell.reciprocal_length_b          ? 
_cell.reciprocal_length_c          ? 
_cell.reciprocal_length_a_esd      ? 
_cell.reciprocal_length_b_esd      ? 
_cell.reciprocal_length_c_esd      ? 
_cell.pdbx_unique_axis             ? 
# 
_symmetry.entry_id                         7C3Y 
_symmetry.cell_setting                     ? 
_symmetry.Int_Tables_number                96 
_symmetry.space_group_name_Hall            ? 
_symmetry.space_group_name_H-M             'P 43 21 2' 
_symmetry.pdbx_full_space_group_name_H-M   ? 
# 
loop_
_entity.id 
_entity.type 
_entity.src_method 
_entity.pdbx_description 
_entity.formula_weight 
_entity.pdbx_number_of_molecules 
_entity.pdbx_ec 
_entity.pdbx_mutation 
_entity.pdbx_fragment 
_entity.details 
1 polymer     man 'Protein Mdm4' 11042.789 1  ? ? ? ? 
2 non-polymer syn 1,4,7,10,13,16-HEXAOXACYCLOOCTADECANE 264.315   1  ? ? ? ? 
3 non-polymer syn 
'4-({(4S,5R)-4,5-bis(4-chlorophenyl)-2-[4-methoxy-2-(propan-2-yloxy)phenyl]-4,5-dihydro-1H-imidazol-1-yl}carbonyl)piperazin-2-one' 
581.490   1  ? ? ? ? 
4 water       nat water 18.015    25 ? ? ? ? 
# 
_entity_name_com.entity_id   1 
_entity_name_com.name        'Double minute 4 protein,Mdm2-like p53-binding protein,Protein Mdmx,p53-binding protein Mdm4' 
# 
_entity_poly.entity_id                      1 
_entity_poly.type                           'polypeptide(L)' 
_entity_poly.nstd_linkage                   no 
_entity_poly.nstd_monomer                   no 
_entity_poly.pdbx_seq_one_letter_code       
;DLENLYFQGSQINQVRPKLPLLKILHAAGAQGEMFTVKEVMHYLGQYIMVKQLYDQQEQHMVYCGGDLLGELLGRQSFSV
KDPSPLYDMLRKNLVT
;
_entity_poly.pdbx_seq_one_letter_code_can   
;DLENLYFQGSQINQVRPKLPLLKILHAAGAQGEMFTVKEVMHYLGQYIMVKQLYDQQEQHMVYCGGDLLGELLGRQSFSV
KDPSPLYDMLRKNLVT
;
_entity_poly.pdbx_strand_id                 A 
_entity_poly.pdbx_target_identifier         ? 
# 
loop_
_entity_poly_seq.entity_id 
_entity_poly_seq.num 
_entity_poly_seq.mon_id 
_entity_poly_seq.hetero 
1 1  ASP n 
1 2  LEU n 
1 3  GLU n 
1 4  ASN n 
1 5  LEU n 
1 6  TYR n 
1 7  PHE n 
1 8  GLN n 
1 9  GLY n 
1 10 SER n 
1 11 GLN n 
1 12 ILE n 
1 13 ASN n 
1 14 GLN n 
1 15 VAL n 
1 16 ARG n 
1 17 PRO n 
1 18 LYS n 
1 19 LEU n 
1 20 PRO n 
1 21 LEU n 
1 22 LEU n 
1 23 LYS n 
1 24 ILE n 
1 25 LEU n 
1 26 HIS n 
1 27 ALA n 
1 28 ALA n 
1 29 GLY n 
1 30 ALA n 
1 31 GLN n 
1 32 GLY n 
1 33 GLU n 
1 34 MET n 
1 35 PHE n 
1 36 THR n 
1 37 VAL n 
1 38 LYS n 
1 39 GLU n 
1 40 VAL n 
1 41 MET n 
1 42 HIS n 
1 43 TYR n 
1 44 LEU n 
1 45 GLY n 
1 46 GLN n 
1 47 TYR n 
1 48 ILE n 
1 49 MET n 
1 50 VAL n 
1 51 LYS n 
1 52 GLN n 
1 53 LEU n 
1 54 TYR n 
1 55 ASP n 
1 56 GLN n 
1 57 GLN n 
1 58 GLU n 
1 59 GLN n 
1 60 HIS n 
1 61 MET n 
1 62 VAL n 
1 63 TYR n 
1 64 CYS n 
1 65 GLY n 
1 66 GLY n 
1 67 ASP n 
1 68 LEU n 
1 69 LEU n 
1 70 GLY n 
1 71 GLU n 
1 72 LEU n 
1 73 LEU n 
1 74 GLY n 
1 75 ARG n 
1 76 GLN n 
1 77 SER n 
1 78 PHE n 
1 79 SER n 
1 80 VAL n 
1 81 LYS n 
1 82 ASP n 
1 83 PRO n 
1 84 SER n 
1 85 PRO n 
1 86 LEU n 
1 87 TYR n 
1 88 ASP n 
1 89 MET n 
1 90 LEU n 
1 91 ARG n 
1 92 LYS n 
1 93 ASN n 
1 94 LEU n 
1 95 VAL n 
1 96 THR n 
# 
_entity_src_gen.entity_id                          1 
_entity_src_gen.pdbx_src_id                        1 
_entity_src_gen.pdbx_alt_source_flag               sample 
_entity_src_gen.pdbx_seq_type                      'Biological sequence' 
_entity_src_gen.pdbx_beg_seq_num                   1 
_entity_src_gen.pdbx_end_seq_num                   96 
_entity_src_gen.gene_src_common_name               Human 
_entity_src_gen.gene_src_genus                     ? 
_entity_src_gen.pdbx_gene_src_gene                 'MDM4, MDMX' 
_entity_src_gen.gene_src_species                   ? 
_entity_src_gen.gene_src_strain                    ? 
_entity_src_gen.gene_src_tissue                    ? 
_entity_src_gen.gene_src_tissue_fraction           ? 
_entity_src_gen.gene_src_details                   ? 
_entity_src_gen.pdbx_gene_src_fragment             ? 
_entity_src_gen.pdbx_gene_src_scientific_name      'Homo sapiens' 
_entity_src_gen.pdbx_gene_src_ncbi_taxonomy_id     9606 
_entity_src_gen.pdbx_gene_src_variant              ? 
_entity_src_gen.pdbx_gene_src_cell_line            ? 
_entity_src_gen.pdbx_gene_src_atcc                 ? 
_entity_src_gen.pdbx_gene_src_organ                ? 
_entity_src_gen.pdbx_gene_src_organelle            ? 
_entity_src_gen.pdbx_gene_src_cell                 ? 
_entity_src_gen.pdbx_gene_src_cellular_location    ? 
_entity_src_gen.host_org_common_name               ? 
_entity_src_gen.pdbx_host_org_scientific_name      'Escherichia coli K-12' 
_entity_src_gen.pdbx_host_org_ncbi_taxonomy_id     83333 
_entity_src_gen.host_org_genus                     ? 
_entity_src_gen.pdbx_host_org_gene                 ? 
_entity_src_gen.pdbx_host_org_organ                ? 
_entity_src_gen.host_org_species                   ? 
_entity_src_gen.pdbx_host_org_tissue               ? 
_entity_src_gen.pdbx_host_org_tissue_fraction      ? 
_entity_src_gen.pdbx_host_org_strain               K-12 
_entity_src_gen.pdbx_host_org_variant              ? 
_entity_src_gen.pdbx_host_org_cell_line            ? 
_entity_src_gen.pdbx_host_org_atcc                 ? 
_entity_src_gen.pdbx_host_org_culture_collection   ? 
_entity_src_gen.pdbx_host_org_cell                 ? 
_entity_src_gen.pdbx_host_org_organelle            ? 
_entity_src_gen.pdbx_host_org_cellular_location    ? 
_entity_src_gen.pdbx_host_org_vector_type          ? 
_entity_src_gen.pdbx_host_org_vector               ? 
_entity_src_gen.host_org_details                   ? 
_entity_src_gen.expression_system_id               ? 
_entity_src_gen.plasmid_name                       ? 
_entity_src_gen.plasmid_details                    ? 
_entity_src_gen.pdbx_description                   ? 
# 
_struct_ref.id                         1 
_struct_ref.db_name                    UNP 
_struct_ref.db_code                    MDM4_HUMAN 
_struct_ref.pdbx_db_accession          O15151 
_struct_ref.pdbx_db_isoform            ? 
_struct_ref.entity_id                  1 
_struct_ref.pdbx_seq_one_letter_code   
;QINQVRPKLPLLKILHAAGAQGEMFTVKEVMHYLGQYIMVKQLYDQQEQHMVYCGGDLLGELLGRQSFSVKDPSPLYDML
RKNLVT
;
_struct_ref.pdbx_align_begin           23 
# 
_struct_ref_seq.align_id                      1 
_struct_ref_seq.ref_id                        1 
_struct_ref_seq.pdbx_PDB_id_code              7C3Y 
_struct_ref_seq.pdbx_strand_id                A 
_struct_ref_seq.seq_align_beg                 11 
_struct_ref_seq.pdbx_seq_align_beg_ins_code   ? 
_struct_ref_seq.seq_align_end                 96 
_struct_ref_seq.pdbx_seq_align_end_ins_code   ? 
_struct_ref_seq.pdbx_db_accession             O15151 
_struct_ref_seq.db_align_beg                  23 
_struct_ref_seq.pdbx_db_align_beg_ins_code    ? 
_struct_ref_seq.db_align_end                  108 
_struct_ref_seq.pdbx_db_align_end_ins_code    ? 
_struct_ref_seq.pdbx_auth_seq_align_beg       22 
_struct_ref_seq.pdbx_auth_seq_align_end       107 
# 
loop_
_struct_ref_seq_dif.align_id 
_struct_ref_seq_dif.pdbx_pdb_id_code 
_struct_ref_seq_dif.mon_id 
_struct_ref_seq_dif.pdbx_pdb_strand_id 
_struct_ref_seq_dif.seq_num 
_struct_ref_seq_dif.pdbx_pdb_ins_code 
_struct_ref_seq_dif.pdbx_seq_db_name 
_struct_ref_seq_dif.pdbx_seq_db_accession_code 
_struct_ref_seq_dif.db_mon_id 
_struct_ref_seq_dif.pdbx_seq_db_seq_num 
_struct_ref_seq_dif.details 
_struct_ref_seq_dif.pdbx_auth_seq_num 
_struct_ref_seq_dif.pdbx_ordinal 
1 7C3Y ASP A 1  ? UNP O15151 ? ? 'expression tag' 12 1  
1 7C3Y LEU A 2  ? UNP O15151 ? ? 'expression tag' 13 2  
1 7C3Y GLU A 3  ? UNP O15151 ? ? 'expression tag' 14 3  
1 7C3Y ASN A 4  ? UNP O15151 ? ? 'expression tag' 15 4  
1 7C3Y LEU A 5  ? UNP O15151 ? ? 'expression tag' 16 5  
1 7C3Y TYR A 6  ? UNP O15151 ? ? 'expression tag' 17 6  
1 7C3Y PHE A 7  ? UNP O15151 ? ? 'expression tag' 18 7  
1 7C3Y GLN A 8  ? UNP O15151 ? ? 'expression tag' 19 8  
1 7C3Y GLY A 9  ? UNP O15151 ? ? 'expression tag' 20 9  
1 7C3Y SER A 10 ? UNP O15151 ? ? 'expression tag' 21 10 
# 
loop_
_chem_comp.id 
_chem_comp.type 
_chem_comp.mon_nstd_flag 
_chem_comp.name 
_chem_comp.pdbx_synonyms 
_chem_comp.formula 
_chem_comp.formula_weight 
ALA 'L-peptide linking' y ALANINE ?           'C3 H7 N O2'        89.093  
ARG 'L-peptide linking' y ARGININE ?           'C6 H15 N4 O2 1'    175.209 
ASN 'L-peptide linking' y ASPARAGINE ?           'C4 H8 N2 O3'       132.118 
ASP 'L-peptide linking' y 'ASPARTIC ACID' ?           'C4 H7 N O4'        133.103 
CYS 'L-peptide linking' y CYSTEINE ?           'C3 H7 N O2 S'      121.158 
GLN 'L-peptide linking' y GLUTAMINE ?           'C5 H10 N2 O3'      146.144 
GLU 'L-peptide linking' y 'GLUTAMIC ACID' ?           'C5 H9 N O4'        147.129 
GLY 'peptide linking'   y GLYCINE ?           'C2 H5 N O2'        75.067  
HIS 'L-peptide linking' y HISTIDINE ?           'C6 H10 N3 O2 1'    156.162 
HOH non-polymer         . WATER ?           'H2 O'              18.015  
ILE 'L-peptide linking' y ISOLEUCINE ?           'C6 H13 N O2'       131.173 
LEU 'L-peptide linking' y LEUCINE ?           'C6 H13 N O2'       131.173 
LYS 'L-peptide linking' y LYSINE ?           'C6 H15 N2 O2 1'    147.195 
MET 'L-peptide linking' y METHIONINE ?           'C5 H11 N O2 S'     149.211 
NUT non-polymer         . 
'4-({(4S,5R)-4,5-bis(4-chlorophenyl)-2-[4-methoxy-2-(propan-2-yloxy)phenyl]-4,5-dihydro-1H-imidazol-1-yl}carbonyl)piperazin-2-one' 
'Nutlin 3a' 'C30 H30 Cl2 N4 O4' 581.490 
O4B non-polymer         . 1,4,7,10,13,16-HEXAOXACYCLOOCTADECANE ?           'C12 H24 O6'        264.315 
PHE 'L-peptide linking' y PHENYLALANINE ?           'C9 H11 N O2'       165.189 
PRO 'L-peptide linking' y PROLINE ?           'C5 H9 N O2'        115.130 
SER 'L-peptide linking' y SERINE ?           'C3 H7 N O3'        105.093 
THR 'L-peptide linking' y THREONINE ?           'C4 H9 N O3'        119.119 
TYR 'L-peptide linking' y TYROSINE ?           'C9 H11 N O3'       181.189 
VAL 'L-peptide linking' y VALINE ?           'C5 H11 N O2'       117.146 
# 
_exptl.absorpt_coefficient_mu     ? 
_exptl.absorpt_correction_T_max   ? 
_exptl.absorpt_correction_T_min   ? 
_exptl.absorpt_correction_type    ? 
_exptl.absorpt_process_details    ? 
_exptl.entry_id                   7C3Y 
_exptl.crystals_number            1 
_exptl.details                    ? 
_exptl.method                     'X-RAY DIFFRACTION' 
_exptl.method_details             ? 
# 
_exptl_crystal.colour                      ? 
_exptl_crystal.density_diffrn              ? 
_exptl_crystal.density_Matthews            2.09 
_exptl_crystal.density_method              ? 
_exptl_crystal.density_percent_sol         47.00 
_exptl_crystal.description                 ? 
_exptl_crystal.F_000                       ? 
_exptl_crystal.id                          1 
_exptl_crystal.preparation                 ? 
_exptl_crystal.size_max                    ? 
_exptl_crystal.size_mid                    ? 
_exptl_crystal.size_min                    ? 
_exptl_crystal.size_rad                    ? 
_exptl_crystal.colour_lustre               ? 
_exptl_crystal.colour_modifier             ? 
_exptl_crystal.colour_primary              ? 
_exptl_crystal.density_meas                ? 
_exptl_crystal.density_meas_esd            ? 
_exptl_crystal.density_meas_gt             ? 
_exptl_crystal.density_meas_lt             ? 
_exptl_crystal.density_meas_temp           ? 
_exptl_crystal.density_meas_temp_esd       ? 
_exptl_crystal.density_meas_temp_gt        ? 
_exptl_crystal.density_meas_temp_lt        ? 
_exptl_crystal.pdbx_crystal_image_url      ? 
_exptl_crystal.pdbx_crystal_image_format   ? 
_exptl_crystal.pdbx_mosaicity              ? 
_exptl_crystal.pdbx_mosaicity_esd          ? 
# 
_exptl_crystal_grow.apparatus       ? 
_exptl_crystal_grow.atmosphere      ? 
_exptl_crystal_grow.crystal_id      1 
_exptl_crystal_grow.details         ? 
_exptl_crystal_grow.method          'VAPOR DIFFUSION, SITTING DROP' 
_exptl_crystal_grow.method_ref      ? 
_exptl_crystal_grow.pH              7.5 
_exptl_crystal_grow.pressure        ? 
_exptl_crystal_grow.pressure_esd    ? 
_exptl_crystal_grow.seeding         ? 
_exptl_crystal_grow.seeding_ref     ? 
_exptl_crystal_grow.temp            291 
_exptl_crystal_grow.temp_details    ? 
_exptl_crystal_grow.temp_esd        ? 
_exptl_crystal_grow.time            ? 
_exptl_crystal_grow.pdbx_details    '20% v/v Tacsimate pH 7.0, 0.1 M HEPES sodium salt pH 7.5, 2% (w/v) PEG 200' 
_exptl_crystal_grow.pdbx_pH_range   7.0-7.5 
# 
_diffrn.ambient_environment              ? 
_diffrn.ambient_temp                     100 
_diffrn.ambient_temp_details             ? 
_diffrn.ambient_temp_esd                 ? 
_diffrn.crystal_id                       1 
_diffrn.crystal_support                  ? 
_diffrn.crystal_treatment                ? 
_diffrn.details                          ? 
_diffrn.id                               1 
_diffrn.ambient_pressure                 ? 
_diffrn.ambient_pressure_esd             ? 
_diffrn.ambient_pressure_gt              ? 
_diffrn.ambient_pressure_lt              ? 
_diffrn.ambient_temp_gt                  ? 
_diffrn.ambient_temp_lt                  ? 
_diffrn.pdbx_serial_crystal_experiment   N 
# 
_diffrn_detector.details                      ? 
_diffrn_detector.detector                     PIXEL 
_diffrn_detector.diffrn_id                    1 
_diffrn_detector.type                         'DECTRIS EIGER X 16M' 
_diffrn_detector.area_resol_mean              ? 
_diffrn_detector.dtime                        ? 
_diffrn_detector.pdbx_frames_total            ? 
_diffrn_detector.pdbx_collection_time_total   ? 
_diffrn_detector.pdbx_collection_date         2020-01-01 
_diffrn_detector.pdbx_frequency               ? 
# 
_diffrn_radiation.collimation                      ? 
_diffrn_radiation.diffrn_id                        1 
_diffrn_radiation.filter_edge                      ? 
_diffrn_radiation.inhomogeneity                    ? 
_diffrn_radiation.monochromator                    ? 
_diffrn_radiation.polarisn_norm                    ? 
_diffrn_radiation.polarisn_ratio                   ? 
_diffrn_radiation.probe                            ? 
_diffrn_radiation.type                             ? 
_diffrn_radiation.xray_symbol                      ? 
_diffrn_radiation.wavelength_id                    1 
_diffrn_radiation.pdbx_monochromatic_or_laue_m_l   M 
_diffrn_radiation.pdbx_wavelength_list             ? 
_diffrn_radiation.pdbx_wavelength                  ? 
_diffrn_radiation.pdbx_diffrn_protocol             'SINGLE WAVELENGTH' 
_diffrn_radiation.pdbx_analyzer                    ? 
_diffrn_radiation.pdbx_scattering_type             x-ray 
# 
_diffrn_radiation_wavelength.id           1 
_diffrn_radiation_wavelength.wavelength   0.979 
_diffrn_radiation_wavelength.wt           1.0 
# 
_diffrn_source.current                     ? 
_diffrn_source.details                     ? 
_diffrn_source.diffrn_id                   1 
_diffrn_source.power                       ? 
_diffrn_source.size                        ? 
_diffrn_source.source                      SYNCHROTRON 
_diffrn_source.target                      ? 
_diffrn_source.type                        'SSRF BEAMLINE BL17U1' 
_diffrn_source.voltage                     ? 
_diffrn_source.take-off_angle              ? 
_diffrn_source.pdbx_wavelength_list        0.979 
_diffrn_source.pdbx_wavelength             ? 
_diffrn_source.pdbx_synchrotron_beamline   BL17U1 
_diffrn_source.pdbx_synchrotron_site       SSRF 
# 
_reflns.B_iso_Wilson_estimate            ? 
_reflns.entry_id                         7C3Y 
_reflns.data_reduction_details           ? 
_reflns.data_reduction_method            ? 
_reflns.d_resolution_high                1.632 
_reflns.d_resolution_low                 42.148 
_reflns.details                          ? 
_reflns.limit_h_max                      ? 
_reflns.limit_h_min                      ? 
_reflns.limit_k_max                      ? 
_reflns.limit_k_min                      ? 
_reflns.limit_l_max                      ? 
_reflns.limit_l_min                      ? 
_reflns.number_all                       ? 
_reflns.number_obs                       11624 
_reflns.observed_criterion               ? 
_reflns.observed_criterion_F_max         ? 
_reflns.observed_criterion_F_min         ? 
_reflns.observed_criterion_I_max         ? 
_reflns.observed_criterion_I_min         ? 
_reflns.observed_criterion_sigma_F       ? 
_reflns.observed_criterion_sigma_I       ? 
_reflns.percent_possible_obs             100.000 
_reflns.R_free_details                   ? 
_reflns.Rmerge_F_all                     ? 
_reflns.Rmerge_F_obs                     ? 
_reflns.Friedel_coverage                 ? 
_reflns.number_gt                        ? 
_reflns.threshold_expression             ? 
_reflns.pdbx_redundancy                  22.700 
_reflns.pdbx_Rmerge_I_obs                0.060 
_reflns.pdbx_Rmerge_I_all                ? 
_reflns.pdbx_Rsym_value                  ? 
_reflns.pdbx_netI_over_av_sigmaI         ? 
_reflns.pdbx_netI_over_sigmaI            28.400 
_reflns.pdbx_res_netI_over_av_sigmaI_2   ? 
_reflns.pdbx_res_netI_over_sigmaI_2      ? 
_reflns.pdbx_chi_squared                 ? 
_reflns.pdbx_scaling_rejects             ? 
_reflns.pdbx_d_res_high_opt              ? 
_reflns.pdbx_d_res_low_opt               ? 
_reflns.pdbx_d_res_opt_method            ? 
_reflns.phase_calculation_details        ? 
_reflns.pdbx_Rrim_I_all                  0.062 
_reflns.pdbx_Rpim_I_all                  0.013 
_reflns.pdbx_d_opt                       ? 
_reflns.pdbx_number_measured_all         ? 
_reflns.pdbx_diffrn_id                   1 
_reflns.pdbx_ordinal                     1 
_reflns.pdbx_CC_half                     1.000 
_reflns.pdbx_CC_star                     ? 
_reflns.pdbx_R_split                     ? 
# 
loop_
_reflns_shell.d_res_high 
_reflns_shell.d_res_low 
_reflns_shell.meanI_over_sigI_all 
_reflns_shell.meanI_over_sigI_obs 
_reflns_shell.number_measured_all 
_reflns_shell.number_measured_obs 
_reflns_shell.number_possible 
_reflns_shell.number_unique_all 
_reflns_shell.number_unique_obs 
_reflns_shell.percent_possible_all 
_reflns_shell.percent_possible_obs 
_reflns_shell.Rmerge_F_all 
_reflns_shell.Rmerge_F_obs 
_reflns_shell.Rmerge_I_all 
_reflns_shell.Rmerge_I_obs 
_reflns_shell.meanI_over_sigI_gt 
_reflns_shell.meanI_over_uI_all 
_reflns_shell.meanI_over_uI_gt 
_reflns_shell.number_measured_gt 
_reflns_shell.number_unique_gt 
_reflns_shell.percent_possible_gt 
_reflns_shell.Rmerge_F_gt 
_reflns_shell.Rmerge_I_gt 
_reflns_shell.pdbx_redundancy 
_reflns_shell.pdbx_Rsym_value 
_reflns_shell.pdbx_chi_squared 
_reflns_shell.pdbx_netI_over_sigmaI_all 
_reflns_shell.pdbx_netI_over_sigmaI_obs 
_reflns_shell.pdbx_Rrim_I_all 
_reflns_shell.pdbx_Rpim_I_all 
_reflns_shell.pdbx_rejects 
_reflns_shell.pdbx_ordinal 
_reflns_shell.pdbx_diffrn_id 
_reflns_shell.pdbx_CC_half 
_reflns_shell.pdbx_CC_star 
_reflns_shell.pdbx_R_split 
1.632 1.940  ? ? 22331 ? ? ? 1362 100.000 ? ? ? ? 0.854 ? ? ? ? ? ? ? ? 16.400 ? ? ? 3.300  0.882 0.215 ? 1 1 0.884 ? ? 
5.810 42.110 ? ? 7156  ? ? ? 378  99.900  ? ? ? ? 0.045 ? ? ? ? ? ? ? ? 18.900 ? ? ? 58.700 0.046 0.010 ? 2 1 1.000 ? ? 
# 
_refine.aniso_B[1][1]                            0.018 
_refine.aniso_B[1][2]                            -0.000 
_refine.aniso_B[1][3]                            -0.000 
_refine.aniso_B[2][2]                            0.018 
_refine.aniso_B[2][3]                            -0.000 
_refine.aniso_B[3][3]                            -0.036 
_refine.B_iso_max                                ? 
_refine.B_iso_mean                               35.876 
_refine.B_iso_min                                ? 
_refine.correlation_coeff_Fo_to_Fc               0.966 
_refine.correlation_coeff_Fo_to_Fc_free          0.957 
_refine.details                                  'Hydrogens have been added in their riding positions' 
_refine.diff_density_max                         ? 
_refine.diff_density_max_esd                     ? 
_refine.diff_density_min                         ? 
_refine.diff_density_min_esd                     ? 
_refine.diff_density_rms                         ? 
_refine.diff_density_rms_esd                     ? 
_refine.entry_id                                 7C3Y 
_refine.pdbx_refine_id                           'X-RAY DIFFRACTION' 
_refine.ls_abs_structure_details                 ? 
_refine.ls_abs_structure_Flack                   ? 
_refine.ls_abs_structure_Flack_esd               ? 
_refine.ls_abs_structure_Rogers                  ? 
_refine.ls_abs_structure_Rogers_esd              ? 
_refine.ls_d_res_high                            1.632 
_refine.ls_d_res_low                             42.148 
_refine.ls_extinction_coef                       ? 
_refine.ls_extinction_coef_esd                   ? 
_refine.ls_extinction_expression                 ? 
_refine.ls_extinction_method                     ? 
_refine.ls_goodness_of_fit_all                   ? 
_refine.ls_goodness_of_fit_all_esd               ? 
_refine.ls_goodness_of_fit_obs                   ? 
_refine.ls_goodness_of_fit_obs_esd               ? 
_refine.ls_hydrogen_treatment                    ? 
_refine.ls_matrix_type                           ? 
_refine.ls_number_constraints                    ? 
_refine.ls_number_parameters                     ? 
_refine.ls_number_reflns_all                     ? 
_refine.ls_number_reflns_obs                     11624 
_refine.ls_number_reflns_R_free                  563 
_refine.ls_number_reflns_R_work                  11061 
_refine.ls_number_restraints                     ? 
_refine.ls_percent_reflns_obs                    85.584 
_refine.ls_percent_reflns_R_free                 4.843 
_refine.ls_R_factor_all                          0.201 
_refine.ls_R_factor_obs                          ? 
_refine.ls_R_factor_R_free                       0.2269 
_refine.ls_R_factor_R_free_error                 ? 
_refine.ls_R_factor_R_free_error_details         ? 
_refine.ls_R_factor_R_work                       0.2000 
_refine.ls_R_Fsqd_factor_obs                     ? 
_refine.ls_R_I_factor_obs                        ? 
_refine.ls_redundancy_reflns_all                 ? 
_refine.ls_redundancy_reflns_obs                 ? 
_refine.ls_restrained_S_all                      ? 
_refine.ls_restrained_S_obs                      ? 
_refine.ls_shift_over_esd_max                    ? 
_refine.ls_shift_over_esd_mean                   ? 
_refine.ls_structure_factor_coef                 ? 
_refine.ls_weighting_details                     ? 
_refine.ls_weighting_scheme                      ? 
_refine.ls_wR_factor_all                         ? 
_refine.ls_wR_factor_obs                         ? 
_refine.ls_wR_factor_R_free                      ? 
_refine.ls_wR_factor_R_work                      ? 
_refine.occupancy_max                            ? 
_refine.occupancy_min                            ? 
_refine.solvent_model_details                    'MASK BULK SOLVENT' 
_refine.solvent_model_param_bsol                 ? 
_refine.solvent_model_param_ksol                 ? 
_refine.pdbx_R_complete                          ? 
_refine.ls_R_factor_gt                           ? 
_refine.ls_goodness_of_fit_gt                    ? 
_refine.ls_goodness_of_fit_ref                   ? 
_refine.ls_shift_over_su_max                     ? 
_refine.ls_shift_over_su_max_lt                  ? 
_refine.ls_shift_over_su_mean                    ? 
_refine.ls_shift_over_su_mean_lt                 ? 
_refine.pdbx_ls_sigma_I                          ? 
_refine.pdbx_ls_sigma_F                          ? 
_refine.pdbx_ls_sigma_Fsqd                       ? 
_refine.pdbx_data_cutoff_high_absF               ? 
_refine.pdbx_data_cutoff_high_rms_absF           ? 
_refine.pdbx_data_cutoff_low_absF                ? 
_refine.pdbx_isotropic_thermal_model             ? 
_refine.pdbx_ls_cross_valid_method               'FREE R-VALUE' 
_refine.pdbx_method_to_determine_struct          'MOLECULAR REPLACEMENT' 
_refine.pdbx_starting_model                      '6Q9W, 6V4F' 
_refine.pdbx_stereochemistry_target_values       ? 
_refine.pdbx_R_Free_selection_details            ? 
_refine.pdbx_stereochem_target_val_spec_case     ? 
_refine.pdbx_overall_ESU_R                       0.117 
_refine.pdbx_overall_ESU_R_Free                  0.110 
_refine.pdbx_solvent_vdw_probe_radii             1.200 
_refine.pdbx_solvent_ion_probe_radii             0.800 
_refine.pdbx_solvent_shrinkage_radii             0.800 
_refine.pdbx_real_space_R                        ? 
_refine.pdbx_density_correlation                 ? 
_refine.pdbx_pd_number_of_powder_patterns        ? 
_refine.pdbx_pd_number_of_points                 ? 
_refine.pdbx_pd_meas_number_of_points            ? 
_refine.pdbx_pd_proc_ls_prof_R_factor            ? 
_refine.pdbx_pd_proc_ls_prof_wR_factor           ? 
_refine.pdbx_pd_Marquardt_correlation_coeff      ? 
_refine.pdbx_pd_Fsqrd_R_factor                   ? 
_refine.pdbx_pd_ls_matrix_band_width             ? 
_refine.pdbx_overall_phase_error                 ? 
_refine.pdbx_overall_SU_R_free_Cruickshank_DPI   ? 
_refine.pdbx_overall_SU_R_free_Blow_DPI          ? 
_refine.pdbx_overall_SU_R_Blow_DPI               ? 
_refine.pdbx_TLS_residual_ADP_flag               ? 
_refine.pdbx_diffrn_id                           1 
_refine.overall_SU_B                             ? 
_refine.overall_SU_ML                            ? 
_refine.overall_SU_R_Cruickshank_DPI             ? 
_refine.overall_SU_R_free                        ? 
_refine.overall_FOM_free_R_set                   ? 
_refine.overall_FOM_work_R_set                   ? 
_refine.pdbx_average_fsc_overall                 ? 
_refine.pdbx_average_fsc_work                    ? 
_refine.pdbx_average_fsc_free                    ? 
# 
_refine_hist.pdbx_refine_id                   'X-RAY DIFFRACTION' 
_refine_hist.cycle_id                         LAST 
_refine_hist.pdbx_number_atoms_protein        773 
_refine_hist.pdbx_number_atoms_nucleic_acid   0 
_refine_hist.pdbx_number_atoms_ligand         58 
_refine_hist.number_atoms_solvent             25 
_refine_hist.number_atoms_total               856 
_refine_hist.d_res_high                       1.632 
_refine_hist.d_res_low                        42.148 
# 
loop_
_refine_ls_restr.pdbx_refine_id 
_refine_ls_restr.criterion 
_refine_ls_restr.dev_ideal 
_refine_ls_restr.dev_ideal_target 
_refine_ls_restr.number 
_refine_ls_restr.rejects 
_refine_ls_restr.type 
_refine_ls_restr.weight 
_refine_ls_restr.pdbx_restraint_function 
'X-RAY DIFFRACTION' ? 0.010  0.013  850  ? r_bond_refined_d               ? ? 
'X-RAY DIFFRACTION' ? 0.034  0.017  793  ? r_bond_other_d                 ? ? 
'X-RAY DIFFRACTION' ? 1.632  1.649  1142 ? r_angle_refined_deg            ? ? 
'X-RAY DIFFRACTION' ? 2.177  1.551  1849 ? r_angle_other_deg              ? ? 
'X-RAY DIFFRACTION' ? 6.887  5.000  95   ? r_dihedral_angle_1_deg         ? ? 
'X-RAY DIFFRACTION' ? 43.735 22.889 45   ? r_dihedral_angle_2_deg         ? ? 
'X-RAY DIFFRACTION' ? 15.581 15.000 148  ? r_dihedral_angle_3_deg         ? ? 
'X-RAY DIFFRACTION' ? 16.874 15.000 3    ? r_dihedral_angle_4_deg         ? ? 
'X-RAY DIFFRACTION' ? 0.080  0.200  95   ? r_chiral_restr                 ? ? 
'X-RAY DIFFRACTION' ? 0.009  0.020  906  ? r_gen_planes_refined           ? ? 
'X-RAY DIFFRACTION' ? 0.011  0.020  163  ? r_gen_planes_other             ? ? 
'X-RAY DIFFRACTION' ? 0.212  0.200  167  ? r_nbd_refined                  ? ? 
'X-RAY DIFFRACTION' ? 0.212  0.200  669  ? r_symmetry_nbd_other           ? ? 
'X-RAY DIFFRACTION' ? 0.178  0.200  411  ? r_nbtor_refined                ? ? 
'X-RAY DIFFRACTION' ? 0.077  0.200  375  ? r_symmetry_nbtor_other         ? ? 
'X-RAY DIFFRACTION' ? 0.162  0.200  21   ? r_xyhbond_nbd_refined          ? ? 
'X-RAY DIFFRACTION' ? 0.187  0.200  8    ? r_symmetry_nbd_refined         ? ? 
'X-RAY DIFFRACTION' ? 0.199  0.200  41   ? r_nbd_other                    ? ? 
'X-RAY DIFFRACTION' ? 0.260  0.200  4    ? r_symmetry_xyhbond_nbd_refined ? ? 
'X-RAY DIFFRACTION' ? 3.116  3.458  384  ? r_mcbond_it                    ? ? 
'X-RAY DIFFRACTION' ? 3.087  3.445  382  ? r_mcbond_other                 ? ? 
'X-RAY DIFFRACTION' ? 4.446  5.161  477  ? r_mcangle_it                   ? ? 
'X-RAY DIFFRACTION' ? 4.457  5.170  478  ? r_mcangle_other                ? ? 
'X-RAY DIFFRACTION' ? 4.432  4.116  466  ? r_scbond_it                    ? ? 
'X-RAY DIFFRACTION' ? 4.428  4.115  467  ? r_scbond_other                 ? ? 
'X-RAY DIFFRACTION' ? 6.807  5.961  665  ? r_scangle_it                   ? ? 
'X-RAY DIFFRACTION' ? 6.802  5.963  666  ? r_scangle_other                ? ? 
'X-RAY DIFFRACTION' ? 8.506  41.284 930  ? r_lrange_it                    ? ? 
'X-RAY DIFFRACTION' ? 8.502  41.267 931  ? r_lrange_other                 ? ? 
# 
loop_
_refine_ls_shell.pdbx_refine_id 
_refine_ls_shell.d_res_high 
_refine_ls_shell.d_res_low 
_refine_ls_shell.number_reflns_all 
_refine_ls_shell.number_reflns_obs 
_refine_ls_shell.number_reflns_R_free 
_refine_ls_shell.number_reflns_R_work 
_refine_ls_shell.percent_reflns_obs 
_refine_ls_shell.percent_reflns_R_free 
_refine_ls_shell.R_factor_all 
_refine_ls_shell.R_factor_obs 
_refine_ls_shell.R_factor_R_free 
_refine_ls_shell.R_factor_R_free_error 
_refine_ls_shell.R_factor_R_work 
_refine_ls_shell.redundancy_reflns_all 
_refine_ls_shell.redundancy_reflns_obs 
_refine_ls_shell.wR_factor_all 
_refine_ls_shell.wR_factor_obs 
_refine_ls_shell.wR_factor_R_free 
_refine_ls_shell.wR_factor_R_work 
_refine_ls_shell.pdbx_R_complete 
_refine_ls_shell.pdbx_total_number_of_bins_used 
_refine_ls_shell.pdbx_phase_error 
_refine_ls_shell.pdbx_fsc_work 
_refine_ls_shell.pdbx_fsc_free 
'X-RAY DIFFRACTION' 1.632 1.674  . . 5  90  9.7336   . . . 0.403 . 0.348 . . . . . . . . . . . 
'X-RAY DIFFRACTION' 1.674 1.720  . . 8  210 22.8751  . . . 0.589 . 0.348 . . . . . . . . . . . 
'X-RAY DIFFRACTION' 1.720 1.770  . . 33 587 65.5391  . . . 0.283 . 0.304 . . . . . . . . . . . 
'X-RAY DIFFRACTION' 1.770 1.825  . . 34 846 98.5442  . . . 0.297 . 0.288 . . . . . . . . . . . 
'X-RAY DIFFRACTION' 1.825 1.884  . . 39 833 100.0000 . . . 0.291 . 0.264 . . . . . . . . . . . 
'X-RAY DIFFRACTION' 1.884 1.950  . . 44 797 100.0000 . . . 0.245 . 0.228 . . . . . . . . . . . 
'X-RAY DIFFRACTION' 1.950 2.024  . . 40 787 100.0000 . . . 0.213 . 0.213 . . . . . . . . . . . 
'X-RAY DIFFRACTION' 2.024 2.107  . . 36 764 100.0000 . . . 0.247 . 0.205 . . . . . . . . . . . 
'X-RAY DIFFRACTION' 2.107 2.200  . . 35 718 100.0000 . . . 0.280 . 0.220 . . . . . . . . . . . 
'X-RAY DIFFRACTION' 2.200 2.308  . . 38 704 100.0000 . . . 0.202 . 0.190 . . . . . . . . . . . 
'X-RAY DIFFRACTION' 2.308 2.432  . . 34 662 100.0000 . . . 0.229 . 0.203 . . . . . . . . . . . 
'X-RAY DIFFRACTION' 2.432 2.580  . . 43 622 100.0000 . . . 0.261 . 0.216 . . . . . . . . . . . 
'X-RAY DIFFRACTION' 2.580 2.758  . . 34 595 100.0000 . . . 0.290 . 0.213 . . . . . . . . . . . 
'X-RAY DIFFRACTION' 2.758 2.979  . . 19 578 100.0000 . . . 0.265 . 0.224 . . . . . . . . . . . 
'X-RAY DIFFRACTION' 2.979 3.262  . . 22 515 100.0000 . . . 0.173 . 0.198 . . . . . . . . . . . 
'X-RAY DIFFRACTION' 3.262 3.647  . . 30 484 100.0000 . . . 0.209 . 0.196 . . . . . . . . . . . 
'X-RAY DIFFRACTION' 3.647 4.210  . . 26 414 100.0000 . . . 0.234 . 0.174 . . . . . . . . . . . 
'X-RAY DIFFRACTION' 4.210 5.153  . . 18 374 100.0000 . . . 0.210 . 0.153 . . . . . . . . . . . 
'X-RAY DIFFRACTION' 5.153 7.276  . . 16 291 100.0000 . . . 0.271 . 0.219 . . . . . . . . . . . 
'X-RAY DIFFRACTION' 7.276 42.148 . . 9  190 99.5000  . . . 0.127 . 0.190 . . . . . . . . . . . 
# 
_struct.entry_id                     7C3Y 
_struct.title                        'Crystal structure of the N-terminal domain of human MdmX protein in complex with Nutlin3a' 
_struct.pdbx_model_details           ? 
_struct.pdbx_formula_weight          ? 
_struct.pdbx_formula_weight_method   ? 
_struct.pdbx_model_type_details      ? 
_struct.pdbx_CASP_flag               N 
# 
_struct_keywords.entry_id        7C3Y 
_struct_keywords.text            'MdmX, Nutlin3a, ONCOPROTEIN' 
_struct_keywords.pdbx_keywords   ONCOPROTEIN 
# 
loop_
_struct_asym.id 
_struct_asym.pdbx_blank_PDB_chainid_flag 
_struct_asym.pdbx_modified 
_struct_asym.entity_id 
_struct_asym.details 
A N N 1 ? 
B N N 2 ? 
C N N 3 ? 
D N N 4 ? 
# 
loop_
_struct_conf.conf_type_id 
_struct_conf.id 
_struct_conf.pdbx_PDB_helix_id 
_struct_conf.beg_label_comp_id 
_struct_conf.beg_label_asym_id 
_struct_conf.beg_label_seq_id 
_struct_conf.pdbx_beg_PDB_ins_code 
_struct_conf.end_label_comp_id 
_struct_conf.end_label_asym_id 
_struct_conf.end_label_seq_id 
_struct_conf.pdbx_end_PDB_ins_code 
_struct_conf.beg_auth_comp_id 
_struct_conf.beg_auth_asym_id 
_struct_conf.beg_auth_seq_id 
_struct_conf.end_auth_comp_id 
_struct_conf.end_auth_asym_id 
_struct_conf.end_auth_seq_id 
_struct_conf.pdbx_PDB_helix_class 
_struct_conf.details 
_struct_conf.pdbx_PDB_helix_length 
HELX_P HELX_P1 AA1 ASP A 1  ? GLN A 8  ? ASP A 12 GLN A 19  1 ? 8  
HELX_P HELX_P2 AA2 LYS A 18 ? ALA A 28 ? LYS A 29 ALA A 39  1 ? 11 
HELX_P HELX_P3 AA3 VAL A 37 ? LYS A 51 ? VAL A 48 LYS A 62  1 ? 15 
HELX_P HELX_P4 AA4 ASP A 67 ? GLY A 74 ? ASP A 78 GLY A 85  1 ? 8  
HELX_P HELX_P5 AA5 PRO A 83 ? ASN A 93 ? PRO A 94 ASN A 104 1 ? 11 
# 
_struct_conf_type.id          HELX_P 
_struct_conf_type.criteria    ? 
_struct_conf_type.reference   ? 
# 
loop_
_struct_sheet.id 
_struct_sheet.type 
_struct_sheet.number_strands 
_struct_sheet.details 
AA1 ? 3 ? 
AA2 ? 2 ? 
# 
loop_
_struct_sheet_order.sheet_id 
_struct_sheet_order.range_id_1 
_struct_sheet_order.range_id_2 
_struct_sheet_order.offset 
_struct_sheet_order.sense 
AA1 1 2 ? anti-parallel 
AA1 2 3 ? anti-parallel 
AA2 1 2 ? anti-parallel 
# 
loop_
_struct_sheet_range.sheet_id 
_struct_sheet_range.id 
_struct_sheet_range.beg_label_comp_id 
_struct_sheet_range.beg_label_asym_id 
_struct_sheet_range.beg_label_seq_id 
_struct_sheet_range.pdbx_beg_PDB_ins_code 
_struct_sheet_range.end_label_comp_id 
_struct_sheet_range.end_label_asym_id 
_struct_sheet_range.end_label_seq_id 
_struct_sheet_range.pdbx_end_PDB_ins_code 
_struct_sheet_range.beg_auth_comp_id 
_struct_sheet_range.beg_auth_asym_id 
_struct_sheet_range.beg_auth_seq_id 
_struct_sheet_range.end_auth_comp_id 
_struct_sheet_range.end_auth_asym_id 
_struct_sheet_range.end_auth_seq_id 
AA1 1 PHE A 35 ? THR A 36 ? PHE A 46  THR A 47  
AA1 2 GLN A 14 ? PRO A 17 ? GLN A 25  PRO A 28  
AA1 3 LEU A 94 ? VAL A 95 ? LEU A 105 VAL A 106 
AA2 1 MET A 61 ? VAL A 62 ? MET A 72  VAL A 73  
AA2 2 PHE A 78 ? SER A 79 ? PHE A 89  SER A 90  
# 
loop_
_pdbx_struct_sheet_hbond.sheet_id 
_pdbx_struct_sheet_hbond.range_id_1 
_pdbx_struct_sheet_hbond.range_id_2 
_pdbx_struct_sheet_hbond.range_1_label_atom_id 
_pdbx_struct_sheet_hbond.range_1_label_comp_id 
_pdbx_struct_sheet_hbond.range_1_label_asym_id 
_pdbx_struct_sheet_hbond.range_1_label_seq_id 
_pdbx_struct_sheet_hbond.range_1_PDB_ins_code 
_pdbx_struct_sheet_hbond.range_1_auth_atom_id 
_pdbx_struct_sheet_hbond.range_1_auth_comp_id 
_pdbx_struct_sheet_hbond.range_1_auth_asym_id 
_pdbx_struct_sheet_hbond.range_1_auth_seq_id 
_pdbx_struct_sheet_hbond.range_2_label_atom_id 
_pdbx_struct_sheet_hbond.range_2_label_comp_id 
_pdbx_struct_sheet_hbond.range_2_label_asym_id 
_pdbx_struct_sheet_hbond.range_2_label_seq_id 
_pdbx_struct_sheet_hbond.range_2_PDB_ins_code 
_pdbx_struct_sheet_hbond.range_2_auth_atom_id 
_pdbx_struct_sheet_hbond.range_2_auth_comp_id 
_pdbx_struct_sheet_hbond.range_2_auth_asym_id 
_pdbx_struct_sheet_hbond.range_2_auth_seq_id 
AA1 1 2 O PHE A 35 ? O PHE A 46 N VAL A 15 ? N VAL A 26  
AA1 2 3 N ARG A 16 ? N ARG A 27 O VAL A 95 ? O VAL A 106 
AA2 1 2 N VAL A 62 ? N VAL A 73 O PHE A 78 ? O PHE A 89  
# 
loop_
_struct_site.id 
_struct_site.pdbx_evidence_code 
_struct_site.pdbx_auth_asym_id 
_struct_site.pdbx_auth_comp_id 
_struct_site.pdbx_auth_seq_id 
_struct_site.pdbx_auth_ins_code 
_struct_site.pdbx_num_residues 
_struct_site.details 
AC1 Software A O4B 201 ? 6  'binding site for residue O4B A 201' 
AC2 Software A NUT 202 ? 13 'binding site for residue NUT A 202' 
# 
loop_
_struct_site_gen.id 
_struct_site_gen.site_id 
_struct_site_gen.pdbx_num_res 
_struct_site_gen.label_comp_id 
_struct_site_gen.label_asym_id 
_struct_site_gen.label_seq_id 
_struct_site_gen.pdbx_auth_ins_code 
_struct_site_gen.auth_comp_id 
_struct_site_gen.auth_asym_id 
_struct_site_gen.auth_seq_id 
_struct_site_gen.label_atom_id 
_struct_site_gen.label_alt_id 
_struct_site_gen.symmetry 
_struct_site_gen.details 
1  AC1 6  GLN A 11 ? GLN A 22  . ? 6_545 ? 
2  AC1 6  LEU A 19 ? LEU A 30  . ? 1_555 ? 
3  AC1 6  LYS A 23 ? LYS A 34  . ? 1_555 ? 
4  AC1 6  GLN A 52 ? GLN A 63  . ? 4_555 ? 
5  AC1 6  LEU A 53 ? LEU A 64  . ? 4_555 ? 
6  AC1 6  TYR A 63 ? TYR A 74  . ? 4_555 ? 
7  AC2 13 LEU A 2  ? LEU A 13  . ? 3_444 ? 
8  AC2 13 GLU A 3  ? GLU A 14  . ? 3_444 ? 
9  AC2 13 TYR A 6  ? TYR A 17  . ? 3_444 ? 
10 AC2 13 MET A 41 ? MET A 52  . ? 1_555 ? 
11 AC2 13 GLY A 45 ? GLY A 56  . ? 1_555 ? 
12 AC2 13 ILE A 48 ? ILE A 59  . ? 1_555 ? 
13 AC2 13 MET A 49 ? MET A 60  . ? 1_555 ? 
14 AC2 13 GLN A 59 ? GLN A 70  . ? 1_555 ? 
15 AC2 13 HIS A 60 ? HIS A 71  . ? 1_555 ? 
16 AC2 13 VAL A 62 ? VAL A 73  . ? 1_555 ? 
17 AC2 13 PRO A 83 ? PRO A 94  . ? 1_555 ? 
18 AC2 13 LEU A 86 ? LEU A 97  . ? 1_555 ? 
19 AC2 13 HOH D .  ? HOH A 316 . ? 1_555 ? 
# 
_atom_sites.entry_id                    7C3Y 
_atom_sites.Cartn_transf_matrix[1][1]   ? 
_atom_sites.Cartn_transf_matrix[1][2]   ? 
_atom_sites.Cartn_transf_matrix[1][3]   ? 
_atom_sites.Cartn_transf_matrix[2][1]   ? 
_atom_sites.Cartn_transf_matrix[2][2]   ? 
_atom_sites.Cartn_transf_matrix[2][3]   ? 
_atom_sites.Cartn_transf_matrix[3][1]   ? 
_atom_sites.Cartn_transf_matrix[3][2]   ? 
_atom_sites.Cartn_transf_matrix[3][3]   ? 
_atom_sites.Cartn_transf_vector[1]      ? 
_atom_sites.Cartn_transf_vector[2]      ? 
_atom_sites.Cartn_transf_vector[3]      ? 
_atom_sites.fract_transf_matrix[1][1]   0.00062837 
_atom_sites.fract_transf_matrix[1][2]   -0.02035459 
_atom_sites.fract_transf_matrix[1][3]   0.00524945 
_atom_sites.fract_transf_matrix[2][1]   0.00943802 
_atom_sites.fract_transf_matrix[2][2]   -0.00441949 
_atom_sites.fract_transf_matrix[2][3]   -0.01826617 
_atom_sites.fract_transf_matrix[3][1]   0.00984953 
_atom_sites.fract_transf_matrix[3][2]   0.00152162 
_atom_sites.fract_transf_matrix[3][3]   0.00472104 
_atom_sites.fract_transf_vector[1]      0.282887 
_atom_sites.fract_transf_vector[2]      -0.275546 
_atom_sites.fract_transf_vector[3]      0.046538 
_atom_sites.solution_primary            ? 
_atom_sites.solution_secondary          ? 
_atom_sites.solution_hydrogens          ? 
_atom_sites.special_details             ? 
# 
loop_
_atom_type.symbol 
_atom_type.pdbx_scat_Z 
_atom_type.pdbx_N_electrons 
_atom_type.scat_Cromer_Mann_a1 
_atom_type.scat_Cromer_Mann_b1 
_atom_type.scat_Cromer_Mann_a2 
_atom_type.scat_Cromer_Mann_b2 
_atom_type.scat_Cromer_Mann_a3 
_atom_type.scat_Cromer_Mann_b3 
_atom_type.scat_Cromer_Mann_a4 
_atom_type.scat_Cromer_Mann_b4 
_atom_type.scat_Cromer_Mann_c 
C  6  6  2.310  20.844 1.020 10.208 1.589 0.569  0.865 51.651 0.216   
CL 17 17 11.460 0.010  7.196 1.166  6.255 18.519 1.645 47.778 -9.344  
H  1  1  0.493  10.511 0.323 26.126 0.140 3.142  0.041 57.800 0.003   
N  7  7  12.222 0.006  3.135 9.893  2.014 28.997 1.167 0.583  -11.538 
O  8  8  3.049  13.277 2.287 5.701  1.546 0.324  0.867 32.909 0.251   
S  16 16 6.905  1.468  5.203 22.215 1.438 0.254  1.586 56.172 1.050   
# 
loop_
_atom_site.group_PDB 
_atom_site.id 
_atom_site.type_symbol 
_atom_site.label_atom_id 
_atom_site.label_alt_id 
_atom_site.label_comp_id 
_atom_site.label_asym_id 
_atom_site.label_entity_id 
_atom_site.label_seq_id 
_atom_site.pdbx_PDB_ins_code 
_atom_site.Cartn_x 
_atom_site.Cartn_y 
_atom_site.Cartn_z 
_atom_site.occupancy 
_atom_site.B_iso_or_equiv 
_atom_site.pdbx_formal_charge 
_atom_site.auth_seq_id 
_atom_site.auth_comp_id 
_atom_site.auth_asym_id 
_atom_site.auth_atom_id 
_atom_site.pdbx_PDB_model_num 
ATOM   1    N  N    . ASP A 1 1  ? 10.502  23.272  24.607  1.000 54.930 ? 12  ASP A N    1 
ATOM   2    C  CA   . ASP A 1 1  ? 9.149   22.695  24.428  1.000 52.960 ? 12  ASP A CA   1 
ATOM   3    C  C    . ASP A 1 1  ? 9.259   21.192  24.128  1.000 50.730 ? 12  ASP A C    1 
ATOM   4    O  O    . ASP A 1 1  ? 9.810   20.803  23.084  1.000 42.470 ? 12  ASP A O    1 
ATOM   5    C  CB   . ASP A 1 1  ? 8.346   23.413  23.347  1.000 53.360 ? 12  ASP A CB   1 
ATOM   6    C  CG   . ASP A 1 1  ? 6.852   23.156  23.462  1.000 59.350 ? 12  ASP A CG   1 
ATOM   7    O  OD1  . ASP A 1 1  ? 6.329   22.368  22.661  1.000 56.140 ? 12  ASP A OD1  1 
ATOM   8    O  OD2  . ASP A 1 1  ? 6.223   23.754  24.362  1.000 73.120 ? 12  ASP A OD2  1 
ATOM   9    H  H1   . ASP A 1 1  ? 10.639  23.924  23.986  1.000 54.930 ? 12  ASP A H1   1 
ATOM   10   H  H2   . ASP A 1 1  ? 11.162  22.582  24.498  1.000 54.930 ? 12  ASP A H2   1 
ATOM   11   H  H3   . ASP A 1 1  ? 10.576  23.648  25.487  1.000 54.930 ? 12  ASP A H3   1 
ATOM   12   H  HA   . ASP A 1 1  ? 8.638   22.831  25.261  1.000 52.960 ? 12  ASP A HA   1 
ATOM   13   H  HB2  . ASP A 1 1  ? 8.502   24.377  23.432  1.000 53.360 ? 12  ASP A HB2  1 
ATOM   14   H  HB3  . ASP A 1 1  ? 8.648   23.093  22.471  1.000 53.360 ? 12  ASP A HB3  1 
ATOM   15   N  N    . LEU A 1 2  ? 8.688   20.365  25.001  1.000 46.050 ? 13  LEU A N    1 
ATOM   16   C  CA   . LEU A 1 2  ? 8.790   18.890  24.903  1.000 41.890 ? 13  LEU A CA   1 
ATOM   17   C  C    . LEU A 1 2  ? 7.930   18.365  23.745  1.000 37.010 ? 13  LEU A C    1 
ATOM   18   O  O    . LEU A 1 2  ? 8.299   17.314  23.210  1.000 41.260 ? 13  LEU A O    1 
ATOM   19   C  CB   . LEU A 1 2  ? 8.341   18.272  26.229  1.000 41.590 ? 13  LEU A CB   1 
ATOM   20   C  CG   . LEU A 1 2  ? 9.088   18.739  27.475  1.000 40.690 ? 13  LEU A CG   1 
ATOM   21   C  CD1  . LEU A 1 2  ? 8.487   18.076  28.709  1.000 39.700 ? 13  LEU A CD1  1 
ATOM   22   C  CD2  . LEU A 1 2  ? 10.564  18.427  27.341  1.000 41.430 ? 13  LEU A CD2  1 
ATOM   23   H  H    . LEU A 1 2  ? 8.162   20.773  25.761  1.000 46.050 ? 13  LEU A H    1 
ATOM   24   H  HA   . LEU A 1 2  ? 9.729   18.653  24.722  1.000 41.890 ? 13  LEU A HA   1 
ATOM   25   H  HB2  . LEU A 1 2  ? 7.390   18.467  26.353  1.000 41.590 ? 13  LEU A HB2  1 
ATOM   26   H  HB3  . LEU A 1 2  ? 8.436   17.301  26.163  1.000 41.590 ? 13  LEU A HB3  1 
ATOM   27   H  HG   . LEU A 1 2  ? 8.980   19.719  27.547  1.000 40.690 ? 13  LEU A HG   1 
ATOM   28   H  HD11 . LEU A 1 2  ? 7.548   18.319  28.783  1.000 39.700 ? 13  LEU A HD11 1 
ATOM   29   H  HD12 . LEU A 1 2  ? 8.964   18.374  29.502  1.000 39.700 ? 13  LEU A HD12 1 
ATOM   30   H  HD13 . LEU A 1 2  ? 8.565   17.109  28.628  1.000 39.700 ? 13  LEU A HD13 1 
ATOM   31   H  HD21 . LEU A 1 2  ? 10.684  17.467  27.236  1.000 41.430 ? 13  LEU A HD21 1 
ATOM   32   H  HD22 . LEU A 1 2  ? 11.033  18.729  28.138  1.000 41.430 ? 13  LEU A HD22 1 
ATOM   33   H  HD23 . LEU A 1 2  ? 10.924  18.885  26.562  1.000 41.430 ? 13  LEU A HD23 1 
ATOM   34   N  N    . GLU A 1 3  ? 6.789   18.994  23.429  1.000 39.070 ? 14  GLU A N    1 
ATOM   35   C  CA   . GLU A 1 3  ? 5.909   18.551  22.310  1.000 40.880 ? 14  GLU A CA   1 
ATOM   36   C  C    . GLU A 1 3  ? 6.701   18.728  21.001  1.000 42.920 ? 14  GLU A C    1 
ATOM   37   O  O    . GLU A 1 3  ? 6.781   17.766  20.235  1.000 40.760 ? 14  GLU A O    1 
ATOM   38   C  CB   . GLU A 1 3  ? 4.564   19.283  22.266  1.000 45.270 ? 14  GLU A CB   1 
ATOM   39   C  CG   . GLU A 1 3  ? 3.783   19.229  23.571  1.000 53.850 ? 14  GLU A CG   1 
ATOM   40   C  CD   . GLU A 1 3  ? 3.761   20.489  24.432  1.000 59.910 ? 14  GLU A CD   1 
ATOM   41   O  OE1  . GLU A 1 3  ? 2.633   20.915  24.774  1.000 62.070 ? 14  GLU A OE1  1 
ATOM   42   O  OE2  . GLU A 1 3  ? 4.859   21.034  24.783  1.000 54.310 ? 14  GLU A OE2  1 
ATOM   43   H  H    . GLU A 1 3  ? 6.522   19.799  23.977  1.000 39.070 ? 14  GLU A H    1 
ATOM   44   H  HA   . GLU A 1 3  ? 5.694   17.598  22.441  1.000 40.880 ? 14  GLU A HA   1 
ATOM   45   H  HB2  . GLU A 1 3  ? 4.728   20.223  22.040  1.000 45.270 ? 14  GLU A HB2  1 
ATOM   46   H  HB3  . GLU A 1 3  ? 4.016   18.885  21.557  1.000 45.270 ? 14  GLU A HB3  1 
ATOM   47   H  HG2  . GLU A 1 3  ? 2.848   19.003  23.373  1.000 53.850 ? 14  GLU A HG2  1 
ATOM   48   H  HG3  . GLU A 1 3  ? 4.146   18.509  24.129  1.000 53.850 ? 14  GLU A HG3  1 
ATOM   49   N  N    . ASN A 1 4  ? 7.333   19.889  20.815  1.000 43.930 ? 15  ASN A N    1 
ATOM   50   C  CA   . ASN A 1 4  ? 8.229   20.176  19.657  1.000 50.480 ? 15  ASN A CA   1 
ATOM   51   C  C    . ASN A 1 4  ? 9.357   19.154  19.575  1.000 47.720 ? 15  ASN A C    1 
ATOM   52   O  O    . ASN A 1 4  ? 9.658   18.669  18.457  1.000 41.970 ? 15  ASN A O    1 
ATOM   53   C  CB   . ASN A 1 4  ? 8.904   21.545  19.757  1.000 52.400 ? 15  ASN A CB   1 
ATOM   54   C  CG   . ASN A 1 4  ? 8.091   22.656  19.133  1.000 58.130 ? 15  ASN A CG   1 
ATOM   55   O  OD1  . ASN A 1 4  ? 6.902   22.501  18.868  1.000 62.700 ? 15  ASN A OD1  1 
ATOM   56   N  ND2  . ASN A 1 4  ? 8.733   23.785  18.894  1.000 66.830 ? 15  ASN A ND2  1 
ATOM   57   H  H    . ASN A 1 4  ? 7.185   20.606  21.512  1.000 43.930 ? 15  ASN A H    1 
ATOM   58   H  HA   . ASN A 1 4  ? 7.699   20.113  18.829  1.000 50.480 ? 15  ASN A HA   1 
ATOM   59   H  HB2  . ASN A 1 4  ? 9.057   21.755  20.701  1.000 52.400 ? 15  ASN A HB2  1 
ATOM   60   H  HB3  . ASN A 1 4  ? 9.776   21.503  19.315  1.000 52.400 ? 15  ASN A HB3  1 
ATOM   61   N  N    . LEU A 1 5  ? 10.018  18.903  20.703  1.000 42.720 ? 16  LEU A N    1 
ATOM   62   C  CA   . LEU A 1 5  ? 11.173  17.977  20.775  1.000 38.390 ? 16  LEU A CA   1 
ATOM   63   C  C    . LEU A 1 5  ? 10.702  16.596  20.327  1.000 39.690 ? 16  LEU A C    1 
ATOM   64   O  O    . LEU A 1 5  ? 11.423  15.958  19.556  1.000 37.460 ? 16  LEU A O    1 
ATOM   65   C  CB   . LEU A 1 5  ? 11.737  17.974  22.201  1.000 40.860 ? 16  LEU A CB   1 
ATOM   66   C  CG   . LEU A 1 5  ? 13.239  17.916  22.388  1.000 50.490 ? 16  LEU A CG   1 
ATOM   67   C  CD1  . LEU A 1 5  ? 13.960  18.912  21.500  1.000 51.810 ? 16  LEU A CD1  1 
ATOM   68   C  CD2  . LEU A 1 5  ? 13.578  18.174  23.856  1.000 50.530 ? 16  LEU A CD2  1 
ATOM   69   H  H    . LEU A 1 5  ? 9.708   19.371  21.543  1.000 42.720 ? 16  LEU A H    1 
ATOM   70   H  HA   . LEU A 1 5  ? 11.871  18.299  20.160  1.000 38.390 ? 16  LEU A HA   1 
ATOM   71   H  HB2  . LEU A 1 5  ? 11.428  18.783  22.656  1.000 40.860 ? 16  LEU A HB2  1 
ATOM   72   H  HB3  . LEU A 1 5  ? 11.364  17.207  22.679  1.000 40.860 ? 16  LEU A HB3  1 
ATOM   73   H  HG   . LEU A 1 5  ? 13.544  17.007  22.147  1.000 50.490 ? 16  LEU A HG   1 
ATOM   74   H  HD11 . LEU A 1 5  ? 13.762  18.718  20.567  1.000 51.810 ? 16  LEU A HD11 1 
ATOM   75   H  HD12 . LEU A 1 5  ? 14.919  18.845  21.649  1.000 51.810 ? 16  LEU A HD12 1 
ATOM   76   H  HD13 . LEU A 1 5  ? 13.662  19.813  21.714  1.000 51.810 ? 16  LEU A HD13 1 
ATOM   77   H  HD21 . LEU A 1 5  ? 13.251  19.053  24.115  1.000 50.530 ? 16  LEU A HD21 1 
ATOM   78   H  HD22 . LEU A 1 5  ? 14.543  18.136  23.978  1.000 50.530 ? 16  LEU A HD22 1 
ATOM   79   H  HD23 . LEU A 1 5  ? 13.155  17.496  24.410  1.000 50.530 ? 16  LEU A HD23 1 
ATOM   80   N  N    . TYR A 1 6  ? 9.558   16.134  20.845  1.000 36.140 ? 17  TYR A N    1 
ATOM   81   C  CA   . TYR A 1 6  ? 8.984   14.827  20.499  1.000 33.960 ? 17  TYR A CA   1 
ATOM   82   C  C    . TYR A 1 6  ? 8.763   14.763  18.980  1.000 35.170 ? 17  TYR A C    1 
ATOM   83   O  O    . TYR A 1 6  ? 9.111   13.748  18.410  1.000 35.930 ? 17  TYR A O    1 
ATOM   84   C  CB   . TYR A 1 6  ? 7.682   14.560  21.247  1.000 34.740 ? 17  TYR A CB   1 
ATOM   85   C  CG   . TYR A 1 6  ? 7.059   13.252  20.875  1.000 35.070 ? 17  TYR A CG   1 
ATOM   86   C  CD1  . TYR A 1 6  ? 7.452   12.067  21.485  1.000 33.470 ? 17  TYR A CD1  1 
ATOM   87   C  CD2  . TYR A 1 6  ? 6.099   13.195  19.888  1.000 33.870 ? 17  TYR A CD2  1 
ATOM   88   C  CE1  . TYR A 1 6  ? 6.912   10.857  21.102  1.000 38.110 ? 17  TYR A CE1  1 
ATOM   89   C  CE2  . TYR A 1 6  ? 5.542   11.998  19.498  1.000 34.480 ? 17  TYR A CE2  1 
ATOM   90   C  CZ   . TYR A 1 6  ? 5.958   10.827  20.096  1.000 37.850 ? 17  TYR A CZ   1 
ATOM   91   O  OH   . TYR A 1 6  ? 5.383   9.653   19.737  1.000 42.120 ? 17  TYR A OH   1 
ATOM   92   H  H    . TYR A 1 6  ? 9.074   16.724  21.507  1.000 36.140 ? 17  TYR A H    1 
ATOM   93   H  HA   . TYR A 1 6  ? 9.629   14.121  20.756  1.000 33.960 ? 17  TYR A HA   1 
ATOM   94   H  HB2  . TYR A 1 6  ? 7.867   14.580  22.209  1.000 34.740 ? 17  TYR A HB2  1 
ATOM   95   H  HB3  . TYR A 1 6  ? 7.060   15.292  21.055  1.000 34.740 ? 17  TYR A HB3  1 
ATOM   96   H  HD1  . TYR A 1 6  ? 8.124   12.088  22.145  1.000 33.470 ? 17  TYR A HD1  1 
ATOM   97   H  HD2  . TYR A 1 6  ? 5.816   13.992  19.471  1.000 33.870 ? 17  TYR A HD2  1 
ATOM   98   H  HE1  . TYR A 1 6  ? 7.187   10.060  21.525  1.000 38.110 ? 17  TYR A HE1  1 
ATOM   99   H  HE2  . TYR A 1 6  ? 4.893   11.974  18.813  1.000 34.480 ? 17  TYR A HE2  1 
ATOM   100  N  N    . PHE A 1 7  ? 8.108   15.769  18.409  1.000 39.490 ? 18  PHE A N    1 
ATOM   101  C  CA   . PHE A 1 7  ? 7.586   15.715  17.013  1.000 43.670 ? 18  PHE A CA   1 
ATOM   102  C  C    . PHE A 1 7  ? 8.680   16.071  15.991  1.000 47.870 ? 18  PHE A C    1 
ATOM   103  O  O    . PHE A 1 7  ? 8.554   15.602  14.840  1.000 46.500 ? 18  PHE A O    1 
ATOM   104  C  CB   . PHE A 1 7  ? 6.340   16.588  16.867  1.000 45.980 ? 18  PHE A CB   1 
ATOM   105  C  CG   . PHE A 1 7  ? 5.098   15.947  17.438  1.000 39.990 ? 18  PHE A CG   1 
ATOM   106  C  CD1  . PHE A 1 7  ? 4.619   14.763  16.916  1.000 40.620 ? 18  PHE A CD1  1 
ATOM   107  C  CD2  . PHE A 1 7  ? 4.413   16.535  18.487  1.000 42.910 ? 18  PHE A CD2  1 
ATOM   108  C  CE1  . PHE A 1 7  ? 3.477   14.173  17.431  1.000 43.630 ? 18  PHE A CE1  1 
ATOM   109  C  CE2  . PHE A 1 7  ? 3.262   15.950  18.996  1.000 40.810 ? 18  PHE A CE2  1 
ATOM   110  C  CZ   . PHE A 1 7  ? 2.812   14.762  18.482  1.000 40.870 ? 18  PHE A CZ   1 
ATOM   111  H  H    . PHE A 1 7  ? 7.963   16.605  18.956  1.000 39.490 ? 18  PHE A H    1 
ATOM   112  H  HA   . PHE A 1 7  ? 7.290   14.789  16.823  1.000 43.670 ? 18  PHE A HA   1 
ATOM   113  H  HB2  . PHE A 1 7  ? 6.507   17.444  17.314  1.000 45.980 ? 18  PHE A HB2  1 
ATOM   114  H  HB3  . PHE A 1 7  ? 6.206   16.780  15.915  1.000 45.980 ? 18  PHE A HB3  1 
ATOM   115  H  HD1  . PHE A 1 7  ? 5.073   14.353  16.197  1.000 40.620 ? 18  PHE A HD1  1 
ATOM   116  H  HD2  . PHE A 1 7  ? 4.733   17.342  18.858  1.000 42.910 ? 18  PHE A HD2  1 
ATOM   117  H  HE1  . PHE A 1 7  ? 3.161   13.363  17.064  1.000 43.630 ? 18  PHE A HE1  1 
ATOM   118  H  HE2  . PHE A 1 7  ? 2.806   16.353  19.717  1.000 40.810 ? 18  PHE A HE2  1 
ATOM   119  H  HZ   . PHE A 1 7  ? 2.034   14.360  18.834  1.000 40.870 ? 18  PHE A HZ   1 
ATOM   120  N  N    . GLN A 1 8  ? 9.709   16.837  16.369  1.000 55.420 ? 19  GLN A N    1 
ATOM   121  C  CA   . GLN A 1 8  ? 10.846  17.166  15.456  1.000 56.810 ? 19  GLN A CA   1 
ATOM   122  C  C    . GLN A 1 8  ? 11.351  15.853  14.854  1.000 58.110 ? 19  GLN A C    1 
ATOM   123  O  O    . GLN A 1 8  ? 11.595  14.887  15.618  1.000 63.210 ? 19  GLN A O    1 
ATOM   124  C  CB   . GLN A 1 8  ? 11.954  17.955  16.167  1.000 65.740 ? 19  GLN A CB   1 
ATOM   125  C  CG   . GLN A 1 8  ? 12.680  17.186  17.268  1.000 69.140 ? 19  GLN A CG   1 
ATOM   126  C  CD   . GLN A 1 8  ? 14.175  17.410  17.301  1.000 69.570 ? 19  GLN A CD   1 
ATOM   127  O  OE1  . GLN A 1 8  ? 14.946  16.664  16.704  1.000 69.030 ? 19  GLN A OE1  1 
ATOM   128  N  NE2  . GLN A 1 8  ? 14.596  18.448  18.004  1.000 68.300 ? 19  GLN A NE2  1 
ATOM   129  H  H    . GLN A 1 8  ? 9.711   17.205  17.310  1.000 55.420 ? 19  GLN A H    1 
ATOM   130  H  HA   . GLN A 1 8  ? 10.511  17.752  14.738  1.000 56.810 ? 19  GLN A HA   1 
ATOM   131  H  HB2  . GLN A 1 8  ? 12.612  18.238  15.499  1.000 65.740 ? 19  GLN A HB2  1 
ATOM   132  H  HB3  . GLN A 1 8  ? 11.560  18.762  16.559  1.000 65.740 ? 19  GLN A HB3  1 
ATOM   133  H  HG2  . GLN A 1 8  ? 12.315  17.449  18.139  1.000 69.140 ? 19  GLN A HG2  1 
ATOM   134  H  HG3  . GLN A 1 8  ? 12.520  16.225  17.151  1.000 69.140 ? 19  GLN A HG3  1 
ATOM   135  N  N    . GLY A 1 9  ? 11.407  15.772  13.521  1.000 49.570 ? 20  GLY A N    1 
ATOM   136  C  CA   . GLY A 1 9  ? 11.927  14.577  12.825  1.000 46.110 ? 20  GLY A CA   1 
ATOM   137  C  C    . GLY A 1 9  ? 10.839  13.548  12.610  1.000 44.360 ? 20  GLY A C    1 
ATOM   138  O  O    . GLY A 1 9  ? 11.080  12.535  11.925  1.000 47.720 ? 20  GLY A O    1 
ATOM   139  H  H    . GLY A 1 9  ? 11.083  16.558  12.976  1.000 49.570 ? 20  GLY A H    1 
ATOM   140  H  HA2  . GLY A 1 9  ? 12.304  14.849  11.951  1.000 46.110 ? 20  GLY A HA2  1 
ATOM   141  H  HA3  . GLY A 1 9  ? 12.656  14.180  13.365  1.000 46.110 ? 20  GLY A HA3  1 
ATOM   142  N  N    . SER A 1 10 ? 9.643   13.787  13.142  1.000 42.090 ? 21  SER A N    1 
ATOM   143  C  CA   . SER A 1 10 ? 8.568   12.765  13.112  1.000 42.610 ? 21  SER A CA   1 
ATOM   144  C  C    . SER A 1 10 ? 7.242   13.410  12.733  1.000 44.060 ? 21  SER A C    1 
ATOM   145  O  O    . SER A 1 10 ? 6.235   13.009  13.292  1.000 44.650 ? 21  SER A O    1 
ATOM   146  C  CB   . SER A 1 10 ? 8.462   12.043  14.454  1.000 52.160 ? 21  SER A CB   1 
ATOM   147  O  OG   . SER A 1 10 ? 9.746   11.652  14.919  1.000 55.000 ? 21  SER A OG   1 
ATOM   148  H  H    . SER A 1 10 ? 9.461   14.680  13.575  1.000 42.090 ? 21  SER A H    1 
ATOM   149  H  HA   . SER A 1 10 ? 8.798   12.096  12.414  1.000 42.610 ? 21  SER A HA   1 
ATOM   150  H  HB2  . SER A 1 10 ? 8.044   12.641  15.113  1.000 52.160 ? 21  SER A HB2  1 
ATOM   151  H  HB3  . SER A 1 10 ? 7.895   11.246  14.350  1.000 52.160 ? 21  SER A HB3  1 
ATOM   152  N  N    . GLN A 1 11 ? 7.246   14.423  11.863  1.000 36.230 ? 22  GLN A N    1 
ATOM   153  C  CA   . GLN A 1 11 ? 5.978   15.108  11.524  1.000 37.890 ? 22  GLN A CA   1 
ATOM   154  C  C    . GLN A 1 11 ? 5.441   14.707  10.167  1.000 37.310 ? 22  GLN A C    1 
ATOM   155  O  O    . GLN A 1 11 ? 4.299   15.114  9.864   1.000 38.240 ? 22  GLN A O    1 
ATOM   156  C  CB   . GLN A 1 11 ? 6.225   16.590  11.581  1.000 40.060 ? 22  GLN A CB   1 
ATOM   157  C  CG   . GLN A 1 11 ? 6.191   17.030  13.023  1.000 43.560 ? 22  GLN A CG   1 
ATOM   158  C  CD   . GLN A 1 11 ? 6.658   18.446  13.133  1.000 41.670 ? 22  GLN A CD   1 
ATOM   159  O  OE1  . GLN A 1 11 ? 7.663   18.829  12.537  1.000 38.680 ? 22  GLN A OE1  1 
ATOM   160  N  NE2  . GLN A 1 11 ? 5.892   19.208  13.893  1.000 40.980 ? 22  GLN A NE2  1 
ATOM   161  H  H    . GLN A 1 11 ? 8.104   14.732  11.430  1.000 36.230 ? 22  GLN A H    1 
ATOM   162  H  HA   . GLN A 1 11 ? 5.299   14.856  12.191  1.000 37.890 ? 22  GLN A HA   1 
ATOM   163  H  HB2  . GLN A 1 11 ? 7.094   16.777  11.167  1.000 40.060 ? 22  GLN A HB2  1 
ATOM   164  H  HB3  . GLN A 1 11 ? 5.537   17.042  11.049  1.000 40.060 ? 22  GLN A HB3  1 
ATOM   165  H  HG2  . GLN A 1 11 ? 5.274   16.947  13.364  1.000 43.560 ? 22  GLN A HG2  1 
ATOM   166  H  HG3  . GLN A 1 11 ? 6.766   16.439  13.555  1.000 43.560 ? 22  GLN A HG3  1 
ATOM   167  N  N    . ILE A 1 12 ? 6.260   14.052  9.345   1.000 31.130 ? 23  ILE A N    1 
ATOM   168  C  CA   . ILE A 1 12 ? 5.818   13.553  8.017   1.000 34.460 ? 23  ILE A CA   1 
ATOM   169  C  C    . ILE A 1 12 ? 5.719   12.025  8.091   1.000 34.690 ? 23  ILE A C    1 
ATOM   170  O  O    . ILE A 1 12 ? 4.770   11.486  7.485   1.000 39.370 ? 23  ILE A O    1 
ATOM   171  C  CB   . ILE A 1 12 ? 6.778   14.004  6.906   1.000 34.850 ? 23  ILE A CB   1 
ATOM   172  C  CG1  . ILE A 1 12 ? 6.937   15.530  6.881   1.000 34.870 ? 23  ILE A CG1  1 
ATOM   173  C  CG2  . ILE A 1 12 ? 6.288   13.481  5.559   1.000 37.310 ? 23  ILE A CG2  1 
ATOM   174  C  CD1  . ILE A 1 12 ? 8.028   16.010  5.960   1.000 40.470 ? 23  ILE A CD1  1 
ATOM   175  H  H    . ILE A 1 12 ? 7.213   13.890  9.639   1.000 31.130 ? 23  ILE A H    1 
ATOM   176  H  HA   . ILE A 1 12 ? 4.934   13.917  7.830   1.000 34.460 ? 23  ILE A HA   1 
ATOM   177  H  HB   . ILE A 1 12 ? 7.659   13.594  7.092   1.000 34.850 ? 23  ILE A HB   1 
ATOM   178  H  HG12 . ILE A 1 12 ? 6.086   15.931  6.600   1.000 34.870 ? 23  ILE A HG12 1 
ATOM   179  H  HG13 . ILE A 1 12 ? 7.130   15.841  7.791   1.000 34.870 ? 23  ILE A HG13 1 
ATOM   180  H  HG21 . ILE A 1 12 ? 6.256   12.508  5.577   1.000 37.310 ? 23  ILE A HG21 1 
ATOM   181  H  HG22 . ILE A 1 12 ? 6.898   13.765  4.856   1.000 37.310 ? 23  ILE A HG22 1 
ATOM   182  H  HG23 . ILE A 1 12 ? 5.399   13.831  5.376   1.000 37.310 ? 23  ILE A HG23 1 
ATOM   183  H  HD11 . ILE A 1 12 ? 8.881   15.636  6.243   1.000 40.470 ? 23  ILE A HD11 1 
ATOM   184  H  HD12 . ILE A 1 12 ? 8.076   16.982  5.991   1.000 40.470 ? 23  ILE A HD12 1 
ATOM   185  H  HD13 . ILE A 1 12 ? 7.836   15.725  5.050   1.000 40.470 ? 23  ILE A HD13 1 
ATOM   186  N  N    . ASN A 1 13 ? 6.695   11.377  8.738   1.000 39.780 ? 24  ASN A N    1 
ATOM   187  C  CA   . ASN A 1 13 ? 6.683   9.902   8.972   1.000 47.190 ? 24  ASN A CA   1 
ATOM   188  C  C    . ASN A 1 13 ? 6.731   9.213   7.601   1.000 40.800 ? 24  ASN A C    1 
ATOM   189  O  O    . ASN A 1 13 ? 5.723   8.661   7.137   1.000 48.340 ? 24  ASN A O    1 
ATOM   190  C  CB   . ASN A 1 13 ? 5.496   9.512   9.854   1.000 47.650 ? 24  ASN A CB   1 
ATOM   191  C  CG   . ASN A 1 13 ? 5.572   10.158  11.227  1.000 51.810 ? 24  ASN A CG   1 
ATOM   192  O  OD1  . ASN A 1 13 ? 6.643   10.270  11.819  1.000 57.860 ? 24  ASN A OD1  1 
ATOM   193  N  ND2  . ASN A 1 13 ? 4.446   10.619  11.729  1.000 50.210 ? 24  ASN A ND2  1 
ATOM   194  H  H    . ASN A 1 13 ? 7.479   11.901  9.099   1.000 39.780 ? 24  ASN A H    1 
ATOM   195  H  HA   . ASN A 1 13 ? 7.486   9.661   9.491   1.000 47.190 ? 24  ASN A HA   1 
ATOM   196  H  HB2  . ASN A 1 13 ? 4.668   9.783   9.409   1.000 47.650 ? 24  ASN A HB2  1 
ATOM   197  H  HB3  . ASN A 1 13 ? 5.479   8.538   9.951   1.000 47.650 ? 24  ASN A HB3  1 
ATOM   198  N  N    . GLN A 1 14 ? 7.861   9.408   6.940   1.000 40.520 ? 25  GLN A N    1 
ATOM   199  C  CA   . GLN A 1 14 ? 8.213   8.785   5.654   1.000 41.930 ? 25  GLN A CA   1 
ATOM   200  C  C    . GLN A 1 14 ? 8.474   7.299   5.931   1.000 42.170 ? 25  GLN A C    1 
ATOM   201  O  O    . GLN A 1 14 ? 8.936   6.967   7.064   1.000 40.250 ? 25  GLN A O    1 
ATOM   202  C  CB   . GLN A 1 14 ? 9.465   9.443   5.080   1.000 46.810 ? 25  GLN A CB   1 
ATOM   203  C  CG   . GLN A 1 14 ? 9.371   10.965  4.981   1.000 49.380 ? 25  GLN A CG   1 
ATOM   204  C  CD   . GLN A 1 14 ? 8.933   11.408  3.612   1.000 50.010 ? 25  GLN A CD   1 
ATOM   205  O  OE1  . GLN A 1 14 ? 9.392   12.420  3.099   1.000 54.700 ? 25  GLN A OE1  1 
ATOM   206  N  NE2  . GLN A 1 14 ? 8.077   10.629  3.000   1.000 51.310 ? 25  GLN A NE2  1 
ATOM   207  H  H    . GLN A 1 14 ? 8.516   10.041  7.377   1.000 40.520 ? 25  GLN A H    1 
ATOM   208  H  HA   . GLN A 1 14 ? 7.449   8.881   5.041   1.000 41.930 ? 25  GLN A HA   1 
ATOM   209  H  HB2  . GLN A 1 14 ? 10.230  9.206   5.645   1.000 46.810 ? 25  GLN A HB2  1 
ATOM   210  H  HB3  . GLN A 1 14 ? 9.629   9.075   4.186   1.000 46.810 ? 25  GLN A HB3  1 
ATOM   211  H  HG2  . GLN A 1 14 ? 8.731   11.292  5.649   1.000 49.380 ? 25  GLN A HG2  1 
ATOM   212  H  HG3  . GLN A 1 14 ? 10.247  11.357  5.185   1.000 49.380 ? 25  GLN A HG3  1 
ATOM   213  N  N    . VAL A 1 15 ? 8.269   6.460   4.917   1.000 38.910 ? 26  VAL A N    1 
ATOM   214  C  CA   . VAL A 1 15 ? 8.534   4.992   4.996   1.000 38.130 ? 26  VAL A CA   1 
ATOM   215  C  C    . VAL A 1 15 ? 9.293   4.577   3.732   1.000 35.270 ? 26  VAL A C    1 
ATOM   216  O  O    . VAL A 1 15 ? 9.202   5.277   2.687   1.000 33.290 ? 26  VAL A O    1 
ATOM   217  C  CB   . VAL A 1 15 ? 7.228   4.189   5.181   1.000 34.800 ? 26  VAL A CB   1 
ATOM   218  C  CG1  . VAL A 1 15 ? 6.607   4.376   6.556   1.000 38.730 ? 26  VAL A CG1  1 
ATOM   219  C  CG2  . VAL A 1 15 ? 6.225   4.496   4.091   1.000 31.580 ? 26  VAL A CG2  1 
ATOM   220  H  H    . VAL A 1 15 ? 7.915   6.851   4.056   1.000 38.910 ? 26  VAL A H    1 
ATOM   221  H  HA   . VAL A 1 15 ? 9.099   4.823   5.772   1.000 38.130 ? 26  VAL A HA   1 
ATOM   222  H  HB   . VAL A 1 15 ? 7.460   3.230   5.112   1.000 34.800 ? 26  VAL A HB   1 
ATOM   223  H  HG11 . VAL A 1 15 ? 7.235   4.081   7.238   1.000 38.730 ? 26  VAL A HG11 1 
ATOM   224  H  HG12 . VAL A 1 15 ? 5.790   3.851   6.617   1.000 38.730 ? 26  VAL A HG12 1 
ATOM   225  H  HG13 . VAL A 1 15 ? 6.398   5.316   6.693   1.000 38.730 ? 26  VAL A HG13 1 
ATOM   226  H  HG21 . VAL A 1 15 ? 6.007   5.444   4.107   1.000 31.580 ? 26  VAL A HG21 1 
ATOM   227  H  HG22 . VAL A 1 15 ? 5.417   3.975   4.237   1.000 31.580 ? 26  VAL A HG22 1 
ATOM   228  H  HG23 . VAL A 1 15 ? 6.606   4.267   3.225   1.000 31.580 ? 26  VAL A HG23 1 
ATOM   229  N  N    . ARG A 1 16 ? 10.064  3.494   3.800   1.000 34.090 ? 27  ARG A N    1 
ATOM   230  C  CA   . ARG A 1 16 ? 10.690  2.900   2.598   1.000 34.360 ? 27  ARG A CA   1 
ATOM   231  C  C    . ARG A 1 16 ? 9.996   1.556   2.448   1.000 32.610 ? 27  ARG A C    1 
ATOM   232  O  O    . ARG A 1 16 ? 10.049  0.743   3.375   1.000 30.570 ? 27  ARG A O    1 
ATOM   233  C  CB   . ARG A 1 16 ? 12.217  2.721   2.630   1.000 41.260 ? 27  ARG A CB   1 
ATOM   234  C  CG   . ARG A 1 16 ? 12.757  2.105   1.339   1.000 50.640 ? 27  ARG A CG   1 
ATOM   235  C  CD   . ARG A 1 16 ? 14.261  2.216   1.088   1.000 56.740 ? 27  ARG A CD   1 
ATOM   236  N  NE   . ARG A 1 16 ? 15.013  1.179   1.793   1.000 67.800 ? 27  ARG A NE   1 
ATOM   237  C  CZ   . ARG A 1 16 ? 16.347  1.033   1.782   1.000 77.370 ? 27  ARG A CZ   1 
ATOM   238  N  NH1  . ARG A 1 16 ? 17.124  1.868   1.104   1.000 76.400 ? 27  ARG A NH1  1 
ATOM   239  N  NH2  . ARG A 1 16 ? 16.898  0.037   2.455   1.000 77.200 ? 27  ARG A NH2  1 
ATOM   240  H  H    . ARG A 1 16 ? 10.226  3.067   4.702   1.000 34.090 ? 27  ARG A H    1 
ATOM   241  H  HA   . ARG A 1 16 ? 10.504  3.485   1.828   1.000 34.360 ? 27  ARG A HA   1 
ATOM   242  H  HB2  . ARG A 1 16 ? 12.631  3.596   2.776   1.000 41.260 ? 27  ARG A HB2  1 
ATOM   243  H  HB3  . ARG A 1 16 ? 12.448  2.148   3.391   1.000 41.260 ? 27  ARG A HB3  1 
ATOM   244  H  HG2  . ARG A 1 16 ? 12.543  1.147   1.323   1.000 50.640 ? 27  ARG A HG2  1 
ATOM   245  H  HG3  . ARG A 1 16 ? 12.315  2.525   0.571   1.000 50.640 ? 27  ARG A HG3  1 
ATOM   246  H  HD2  . ARG A 1 16 ? 14.434  2.144   0.125   1.000 56.740 ? 27  ARG A HD2  1 
ATOM   247  H  HD3  . ARG A 1 16 ? 14.573  3.098   1.381   1.000 56.740 ? 27  ARG A HD3  1 
ATOM   248  H  HE   . ARG A 1 16 ? 14.564  0.599   2.265   1.000 67.800 ? 27  ARG A HE   1 
ATOM   249  H  HH11 . ARG A 1 16 ? 16.764  2.531   0.652   1.000 76.400 ? 27  ARG A HH11 1 
ATOM   250  H  HH12 . ARG A 1 16 ? 17.995  1.755   1.108   1.000 76.400 ? 27  ARG A HH12 1 
ATOM   251  H  HH21 . ARG A 1 16 ? 16.388  -0.522  2.905   1.000 77.200 ? 27  ARG A HH21 1 
ATOM   252  H  HH22 . ARG A 1 16 ? 17.773  -0.063  2.451   1.000 77.200 ? 27  ARG A HH22 1 
ATOM   253  N  N    . PRO A 1 17 ? 9.272   1.358   1.323   1.000 31.970 ? 28  PRO A N    1 
ATOM   254  C  CA   . PRO A 1 17 ? 8.655   0.078   1.018   1.000 29.550 ? 28  PRO A CA   1 
ATOM   255  C  C    . PRO A 1 17 ? 9.740   -0.958  0.738   1.000 29.150 ? 28  PRO A C    1 
ATOM   256  O  O    . PRO A 1 17 ? 10.742  -0.671  0.092   1.000 31.110 ? 28  PRO A O    1 
ATOM   257  C  CB   . PRO A 1 17 ? 7.795   0.361   -0.236  1.000 31.790 ? 28  PRO A CB   1 
ATOM   258  C  CG   . PRO A 1 17 ? 7.701   1.882   -0.291  1.000 32.580 ? 28  PRO A CG   1 
ATOM   259  C  CD   . PRO A 1 17 ? 9.023   2.334   0.257   1.000 31.090 ? 28  PRO A CD   1 
ATOM   260  H  HA   . PRO A 1 17 ? 8.087   -0.201  1.780   1.000 29.550 ? 28  PRO A HA   1 
ATOM   261  H  HB2  . PRO A 1 17 ? 8.221   0.001   -1.042  1.000 31.790 ? 28  PRO A HB2  1 
ATOM   262  H  HB3  . PRO A 1 17 ? 6.909   -0.048  -0.154  1.000 31.790 ? 28  PRO A HB3  1 
ATOM   263  H  HG2  . PRO A 1 17 ? 7.564   2.191   -1.212  1.000 32.580 ? 28  PRO A HG2  1 
ATOM   264  H  HG3  . PRO A 1 17 ? 6.952   2.206   0.252   1.000 32.580 ? 28  PRO A HG3  1 
ATOM   265  H  HD2  . PRO A 1 17 ? 9.715   2.312   -0.437  1.000 31.090 ? 28  PRO A HD2  1 
ATOM   266  H  HD3  . PRO A 1 17 ? 8.964   3.251   0.598   1.000 31.090 ? 28  PRO A HD3  1 
ATOM   267  N  N    . LYS A 1 18 ? 9.489   -2.165  1.217   1.000 29.390 ? 29  LYS A N    1 
ATOM   268  C  CA   . LYS A 1 18 ? 10.288  -3.328  0.814   1.000 28.840 ? 29  LYS A CA   1 
ATOM   269  C  C    . LYS A 1 18 ? 10.154  -3.508  -0.694  1.000 31.710 ? 29  LYS A C    1 
ATOM   270  O  O    . LYS A 1 18 ? 9.142   -3.084  -1.298  1.000 30.090 ? 29  LYS A O    1 
ATOM   271  C  CB   . LYS A 1 18 ? 9.897   -4.532  1.673   1.000 32.040 ? 29  LYS A CB   1 
ATOM   272  C  CG   . LYS A 1 18 ? 10.367  -4.400  3.120   1.000 37.770 ? 29  LYS A CG   1 
ATOM   273  C  CD   . LYS A 1 18 ? 10.171  -5.616  3.993   1.000 41.080 ? 29  LYS A CD   1 
ATOM   274  C  CE   . LYS A 1 18 ? 10.604  -5.363  5.423   1.000 43.970 ? 29  LYS A CE   1 
ATOM   275  N  NZ   . LYS A 1 18 ? 10.061  -6.397  6.332   1.000 49.010 ? 29  LYS A NZ   1 
ATOM   276  H  H    . LYS A 1 18 ? 8.732   -2.292  1.873   1.000 29.390 ? 29  LYS A H    1 
ATOM   277  H  HA   . LYS A 1 18 ? 11.231  -3.150  1.036   1.000 28.840 ? 29  LYS A HA   1 
ATOM   278  H  HB2  . LYS A 1 18 ? 8.922   -4.631  1.645   1.000 32.040 ? 29  LYS A HB2  1 
ATOM   279  H  HB3  . LYS A 1 18 ? 10.276  -5.340  1.269   1.000 32.040 ? 29  LYS A HB3  1 
ATOM   280  H  HG2  . LYS A 1 18 ? 11.326  -4.191  3.119   1.000 37.770 ? 29  LYS A HG2  1 
ATOM   281  H  HG3  . LYS A 1 18 ? 9.884   -3.656  3.540   1.000 37.770 ? 29  LYS A HG3  1 
ATOM   282  H  HD2  . LYS A 1 18 ? 9.224   -5.871  3.979   1.000 41.080 ? 29  LYS A HD2  1 
ATOM   283  H  HD3  . LYS A 1 18 ? 10.688  -6.363  3.623   1.000 41.080 ? 29  LYS A HD3  1 
ATOM   284  H  HE2  . LYS A 1 18 ? 11.579  -5.366  5.475   1.000 43.970 ? 29  LYS A HE2  1 
ATOM   285  H  HE3  . LYS A 1 18 ? 10.292  -4.484  5.709   1.000 43.970 ? 29  LYS A HE3  1 
ATOM   286  H  HZ1  . LYS A 1 18 ? 9.155   -6.390  6.298   1.000 49.010 ? 29  LYS A HZ1  1 
ATOM   287  H  HZ2  . LYS A 1 18 ? 10.332  -6.231  7.181   1.000 49.010 ? 29  LYS A HZ2  1 
ATOM   288  H  HZ3  . LYS A 1 18 ? 10.361  -7.215  6.081   1.000 49.010 ? 29  LYS A HZ3  1 
ATOM   289  N  N    . LEU A 1 19 ? 11.151  -4.138  -1.289  1.000 28.850 ? 30  LEU A N    1 
ATOM   290  C  CA   . LEU A 1 19 ? 11.360  -4.164  -2.743  1.000 28.750 ? 30  LEU A CA   1 
ATOM   291  C  C    . LEU A 1 19 ? 10.119  -4.663  -3.504  1.000 28.280 ? 30  LEU A C    1 
ATOM   292  O  O    . LEU A 1 19 ? 9.732   -4.035  -4.478  1.000 26.190 ? 30  LEU A O    1 
ATOM   293  C  CB   . LEU A 1 19 ? 12.584  -5.023  -3.006  1.000 31.440 ? 30  LEU A CB   1 
ATOM   294  C  CG   . LEU A 1 19 ? 12.974  -5.121  -4.468  1.000 30.490 ? 30  LEU A CG   1 
ATOM   295  C  CD1  . LEU A 1 19 ? 13.056  -3.744  -5.112  1.000 34.590 ? 30  LEU A CD1  1 
ATOM   296  C  CD2  . LEU A 1 19 ? 14.284  -5.873  -4.617  1.000 34.220 ? 30  LEU A CD2  1 
ATOM   297  H  H    . LEU A 1 19 ? 11.801  -4.626  -0.689  1.000 28.850 ? 30  LEU A H    1 
ATOM   298  H  HA   . LEU A 1 19 ? 11.542  -3.246  -3.049  1.000 28.750 ? 30  LEU A HA   1 
ATOM   299  H  HB2  . LEU A 1 19 ? 13.334  -4.653  -2.499  1.000 31.440 ? 30  LEU A HB2  1 
ATOM   300  H  HB3  . LEU A 1 19 ? 12.410  -5.921  -2.662  1.000 31.440 ? 30  LEU A HB3  1 
ATOM   301  H  HG   . LEU A 1 19 ? 12.268  -5.629  -4.940  1.000 30.490 ? 30  LEU A HG   1 
ATOM   302  H  HD11 . LEU A 1 19 ? 12.190  -3.304  -5.051  1.000 34.590 ? 30  LEU A HD11 1 
ATOM   303  H  HD12 . LEU A 1 19 ? 13.308  -3.837  -6.047  1.000 34.590 ? 30  LEU A HD12 1 
ATOM   304  H  HD13 . LEU A 1 19 ? 13.724  -3.208  -4.649  1.000 34.590 ? 30  LEU A HD13 1 
ATOM   305  H  HD21 . LEU A 1 19 ? 14.984  -5.402  -4.131  1.000 34.220 ? 30  LEU A HD21 1 
ATOM   306  H  HD22 . LEU A 1 19 ? 14.521  -5.928  -5.558  1.000 34.220 ? 30  LEU A HD22 1 
ATOM   307  H  HD23 . LEU A 1 19 ? 14.186  -6.770  -4.254  1.000 34.220 ? 30  LEU A HD23 1 
ATOM   308  N  N    . PRO A 1 20 ? 9.441   -5.765  -3.118  1.000 25.640 ? 31  PRO A N    1 
ATOM   309  C  CA   . PRO A 1 20 ? 8.241   -6.192  -3.860  1.000 28.890 ? 31  PRO A CA   1 
ATOM   310  C  C    . PRO A 1 20 ? 7.102   -5.174  -3.844  1.000 26.170 ? 31  PRO A C    1 
ATOM   311  O  O    . PRO A 1 20 ? 6.434   -4.977  -4.862  1.000 28.140 ? 31  PRO A O    1 
ATOM   312  C  CB   . PRO A 1 20 ? 7.759   -7.469  -3.169  1.000 30.130 ? 31  PRO A CB   1 
ATOM   313  C  CG   . PRO A 1 20 ? 8.791   -7.814  -2.150  1.000 32.820 ? 31  PRO A CG   1 
ATOM   314  C  CD   . PRO A 1 20 ? 9.762   -6.663  -2.000  1.000 31.180 ? 31  PRO A CD   1 
ATOM   315  H  HA   . PRO A 1 20 ? 8.487   -6.375  -4.801  1.000 28.890 ? 31  PRO A HA   1 
ATOM   316  H  HB2  . PRO A 1 20 ? 6.891   -7.329  -2.738  1.000 30.130 ? 31  PRO A HB2  1 
ATOM   317  H  HB3  . PRO A 1 20 ? 7.662   -8.202  -3.813  1.000 30.130 ? 31  PRO A HB3  1 
ATOM   318  H  HG2  . PRO A 1 20 ? 8.376   -7.991  -1.279  1.000 32.820 ? 31  PRO A HG2  1 
ATOM   319  H  HG3  . PRO A 1 20 ? 9.290   -8.614  -2.415  1.000 32.820 ? 31  PRO A HG3  1 
ATOM   320  H  HD2  . PRO A 1 20 ? 9.642   -6.215  -1.137  1.000 31.180 ? 31  PRO A HD2  1 
ATOM   321  H  HD3  . PRO A 1 20 ? 10.688  -6.978  -2.052  1.000 31.180 ? 31  PRO A HD3  1 
ATOM   322  N  N    . LEU A 1 21 ? 6.873   -4.529  -2.708  1.000 25.510 ? 32  LEU A N    1 
ATOM   323  C  CA   . LEU A 1 21 ? 5.854   -3.460  -2.644  1.000 24.840 ? 32  LEU A CA   1 
ATOM   324  C  C    . LEU A 1 21 ? 6.325   -2.249  -3.445  1.000 23.220 ? 32  LEU A C    1 
ATOM   325  O  O    . LEU A 1 21 ? 5.525   -1.634  -4.127  1.000 24.940 ? 32  LEU A O    1 
ATOM   326  C  CB   . LEU A 1 21 ? 5.594   -3.116  -1.180  1.000 23.580 ? 32  LEU A CB   1 
ATOM   327  C  CG   . LEU A 1 21 ? 4.579   -2.009  -0.932  1.000 25.220 ? 32  LEU A CG   1 
ATOM   328  C  CD1  . LEU A 1 21 ? 3.279   -2.346  -1.654  1.000 25.410 ? 32  LEU A CD1  1 
ATOM   329  C  CD2  . LEU A 1 21 ? 4.382   -1.781  0.563   1.000 27.330 ? 32  LEU A CD2  1 
ATOM   330  H  H    . LEU A 1 21 ? 7.394   -4.763  -1.876  1.000 25.510 ? 32  LEU A H    1 
ATOM   331  H  HA   . LEU A 1 21 ? 5.021   -3.798  -3.047  1.000 24.840 ? 32  LEU A HA   1 
ATOM   332  H  HB2  . LEU A 1 21 ? 5.284   -3.924  -0.724  1.000 23.580 ? 32  LEU A HB2  1 
ATOM   333  H  HB3  . LEU A 1 21 ? 6.442   -2.853  -0.771  1.000 23.580 ? 32  LEU A HB3  1 
ATOM   334  H  HG   . LEU A 1 21 ? 4.935   -1.174  -1.325  1.000 25.220 ? 32  LEU A HG   1 
ATOM   335  H  HD11 . LEU A 1 21 ? 3.449   -2.424  -2.609  1.000 25.410 ? 32  LEU A HD11 1 
ATOM   336  H  HD12 . LEU A 1 21 ? 2.628   -1.640  -1.497  1.000 25.410 ? 32  LEU A HD12 1 
ATOM   337  H  HD13 . LEU A 1 21 ? 2.930   -3.189  -1.317  1.000 25.410 ? 32  LEU A HD13 1 
ATOM   338  H  HD21 . LEU A 1 21 ? 4.060   -2.601  0.976   1.000 27.330 ? 32  LEU A HD21 1 
ATOM   339  H  HD22 . LEU A 1 21 ? 3.732   -1.071  0.700   1.000 27.330 ? 32  LEU A HD22 1 
ATOM   340  H  HD23 . LEU A 1 21 ? 5.229   -1.527  0.967   1.000 27.330 ? 32  LEU A HD23 1 
ATOM   341  N  N    . LEU A 1 22 ? 7.606   -1.881  -3.356  1.000 24.800 ? 33  LEU A N    1 
ATOM   342  C  CA   . LEU A 1 22 ? 8.148   -0.765  -4.181  1.000 26.060 ? 33  LEU A CA   1 
ATOM   343  C  C    . LEU A 1 22 ? 7.864   -1.006  -5.680  1.000 25.390 ? 33  LEU A C    1 
ATOM   344  O  O    . LEU A 1 22 ? 7.470   -0.058  -6.417  1.000 26.350 ? 33  LEU A O    1 
ATOM   345  C  CB   . LEU A 1 22 ? 9.659   -0.644  -3.918  1.000 26.470 ? 33  LEU A CB   1 
ATOM   346  C  CG   . LEU A 1 22 ? 10.325  0.500   -4.665  1.000 27.980 ? 33  LEU A CG   1 
ATOM   347  C  CD1  . LEU A 1 22 ? 9.788   1.829   -4.156  1.000 29.670 ? 33  LEU A CD1  1 
ATOM   348  C  CD2  . LEU A 1 22 ? 11.852  0.450   -4.520  1.000 28.260 ? 33  LEU A CD2  1 
ATOM   349  H  H    . LEU A 1 22 ? 8.221   -2.366  -2.718  1.000 24.800 ? 33  LEU A H    1 
ATOM   350  H  HA   . LEU A 1 22 ? 7.698   0.069   -3.914  1.000 26.060 ? 33  LEU A HA   1 
ATOM   351  H  HB2  . LEU A 1 22 ? 9.795   -0.526  -2.957  1.000 26.470 ? 33  LEU A HB2  1 
ATOM   352  H  HB3  . LEU A 1 22 ? 10.085  -1.488  -4.174  1.000 26.470 ? 33  LEU A HB3  1 
ATOM   353  H  HG   . LEU A 1 22 ? 10.109  0.405   -5.625  1.000 27.980 ? 33  LEU A HG   1 
ATOM   354  H  HD11 . LEU A 1 22 ? 8.825   1.867   -4.298  1.000 29.670 ? 33  LEU A HD11 1 
ATOM   355  H  HD12 . LEU A 1 22 ? 10.217  2.559   -4.636  1.000 29.670 ? 33  LEU A HD12 1 
ATOM   356  H  HD13 . LEU A 1 22 ? 9.977   1.913   -3.205  1.000 29.670 ? 33  LEU A HD13 1 
ATOM   357  H  HD21 . LEU A 1 22 ? 12.090  0.514   -3.579  1.000 28.260 ? 33  LEU A HD21 1 
ATOM   358  H  HD22 . LEU A 1 22 ? 12.248  1.192   -5.008  1.000 28.260 ? 33  LEU A HD22 1 
ATOM   359  H  HD23 . LEU A 1 22 ? 12.185  -0.389  -4.882  1.000 28.260 ? 33  LEU A HD23 1 
ATOM   360  N  N    . LYS A 1 23 ? 8.049   -2.217  -6.183  1.000 26.000 ? 34  LYS A N    1 
ATOM   361  C  CA   . LYS A 1 23 ? 7.747   -2.595  -7.577  1.000 26.360 ? 34  LYS A CA   1 
ATOM   362  C  C    . LYS A 1 23 ? 6.277   -2.362  -7.937  1.000 24.800 ? 34  LYS A C    1 
ATOM   363  O  O    . LYS A 1 23 ? 6.031   -1.811  -9.017  1.000 27.270 ? 34  LYS A O    1 
ATOM   364  C  CB   . LYS A 1 23 ? 8.146   -4.043  -7.854  1.000 26.640 ? 34  LYS A CB   1 
ATOM   365  C  CG   . LYS A 1 23 ? 9.663   -4.232  -7.963  1.000 27.990 ? 34  LYS A CG   1 
ATOM   366  C  CD   . LYS A 1 23 ? 9.997   -5.670  -8.185  1.000 28.450 ? 34  LYS A CD   1 
ATOM   367  C  CE   . LYS A 1 23 ? 11.477  -5.960  -8.342  1.000 29.320 ? 34  LYS A CE   1 
ATOM   368  N  NZ   . LYS A 1 23 ? 11.667  -7.408  -8.662  1.000 30.140 ? 34  LYS A NZ   1 
ATOM   369  H  H    . LYS A 1 23 ? 8.422   -2.915  -5.554  1.000 26.000 ? 34  LYS A H    1 
ATOM   370  H  HA   . LYS A 1 23 ? 8.289   -2.032  -8.177  1.000 26.360 ? 34  LYS A HA   1 
ATOM   371  H  HB2  . LYS A 1 23 ? 7.789   -4.608  -7.136  1.000 26.640 ? 34  LYS A HB2  1 
ATOM   372  H  HB3  . LYS A 1 23 ? 7.713   -4.333  -8.684  1.000 26.640 ? 34  LYS A HB3  1 
ATOM   373  H  HG2  . LYS A 1 23 ? 9.993   -3.688  -8.709  1.000 27.990 ? 34  LYS A HG2  1 
ATOM   374  H  HG3  . LYS A 1 23 ? 10.078  -3.912  -7.134  1.000 27.990 ? 34  LYS A HG3  1 
ATOM   375  H  HD2  . LYS A 1 23 ? 9.663   -6.197  -7.428  1.000 28.450 ? 34  LYS A HD2  1 
ATOM   376  H  HD3  . LYS A 1 23 ? 9.538   -5.984  -8.994  1.000 28.450 ? 34  LYS A HD3  1 
ATOM   377  H  HE2  . LYS A 1 23 ? 11.845  -5.406  -9.057  1.000 29.320 ? 34  LYS A HE2  1 
ATOM   378  H  HE3  . LYS A 1 23 ? 11.944  -5.734  -7.516  1.000 29.320 ? 34  LYS A HE3  1 
ATOM   379  H  HZ1  . LYS A 1 23 ? 11.327  -7.917  -7.992  1.000 30.140 ? 34  LYS A HZ1  1 
ATOM   380  H  HZ2  . LYS A 1 23 ? 12.551  -7.588  -8.759  1.000 30.140 ? 34  LYS A HZ2  1 
ATOM   381  H  HZ3  . LYS A 1 23 ? 11.237  -7.611  -9.435  1.000 30.140 ? 34  LYS A HZ3  1 
ATOM   382  N  N    . ILE A 1 24 ? 5.367   -2.653  -7.026  1.000 26.870 ? 35  ILE A N    1 
ATOM   383  C  CA   . ILE A 1 24 ? 3.908   -2.391  -7.232  1.000 24.960 ? 35  ILE A CA   1 
ATOM   384  C  C    . ILE A 1 24 ? 3.717   -0.869  -7.358  1.000 25.330 ? 35  ILE A C    1 
ATOM   385  O  O    . ILE A 1 24 ? 3.082   -0.431  -8.326  1.000 27.130 ? 35  ILE A O    1 
ATOM   386  C  CB   . ILE A 1 24 ? 3.097   -2.992  -6.083  1.000 26.100 ? 35  ILE A CB   1 
ATOM   387  C  CG1  . ILE A 1 24 ? 3.135   -4.529  -6.176  1.000 29.060 ? 35  ILE A CG1  1 
ATOM   388  C  CG2  . ILE A 1 24 ? 1.678   -2.444  -6.050  1.000 26.950 ? 35  ILE A CG2  1 
ATOM   389  C  CD1  . ILE A 1 24 ? 2.499   -5.231  -5.015  1.000 32.020 ? 35  ILE A CD1  1 
ATOM   390  H  H    . ILE A 1 24 ? 5.675   -3.069  -6.158  1.000 26.870 ? 35  ILE A H    1 
ATOM   391  H  HA   . ILE A 1 24 ? 3.634   -2.814  -8.065  1.000 24.960 ? 35  ILE A HA   1 
ATOM   392  H  HB   . ILE A 1 24 ? 3.535   -2.723  -5.238  1.000 26.100 ? 35  ILE A HB   1 
ATOM   393  H  HG12 . ILE A 1 24 ? 2.677   -4.806  -6.998  1.000 29.060 ? 35  ILE A HG12 1 
ATOM   394  H  HG13 . ILE A 1 24 ? 4.071   -4.817  -6.242  1.000 29.060 ? 35  ILE A HG13 1 
ATOM   395  H  HG21 . ILE A 1 24 ? 1.704   -1.479  -5.929  1.000 26.950 ? 35  ILE A HG21 1 
ATOM   396  H  HG22 . ILE A 1 24 ? 1.190   -2.843  -5.309  1.000 26.950 ? 35  ILE A HG22 1 
ATOM   397  H  HG23 . ILE A 1 24 ? 1.227   -2.654  -6.885  1.000 26.950 ? 35  ILE A HG23 1 
ATOM   398  H  HD11 . ILE A 1 24 ? 2.958   -4.984  -4.194  1.000 32.020 ? 35  ILE A HD11 1 
ATOM   399  H  HD12 . ILE A 1 24 ? 2.560   -6.194  -5.143  1.000 32.020 ? 35  ILE A HD12 1 
ATOM   400  H  HD13 . ILE A 1 24 ? 1.563   -4.972  -4.951  1.000 32.020 ? 35  ILE A HD13 1 
ATOM   401  N  N    . LEU A 1 25 ? 4.286   -0.104  -6.428  1.000 25.220 ? 36  LEU A N    1 
ATOM   402  C  CA   . LEU A 1 25 ? 4.078   1.370   -6.392  1.000 26.550 ? 36  LEU A CA   1 
ATOM   403  C  C    . LEU A 1 25 ? 4.634   1.988   -7.680  1.000 26.090 ? 36  LEU A C    1 
ATOM   404  O  O    . LEU A 1 25 ? 3.958   2.884   -8.275  1.000 25.110 ? 36  LEU A O    1 
ATOM   405  C  CB   . LEU A 1 25 ? 4.726   1.959   -5.142  1.000 29.090 ? 36  LEU A CB   1 
ATOM   406  C  CG   . LEU A 1 25 ? 4.260   1.402   -3.795  1.000 28.070 ? 36  LEU A CG   1 
ATOM   407  C  CD1  . LEU A 1 25 ? 4.832   2.204   -2.656  1.000 28.440 ? 36  LEU A CD1  1 
ATOM   408  C  CD2  . LEU A 1 25 ? 2.767   1.349   -3.673  1.000 27.870 ? 36  LEU A CD2  1 
ATOM   409  H  H    . LEU A 1 25 ? 4.874   -0.536  -5.728  1.000 25.220 ? 36  LEU A H    1 
ATOM   410  H  HA   . LEU A 1 25 ? 3.111   1.547   -6.346  1.000 26.550 ? 36  LEU A HA   1 
ATOM   411  H  HB2  . LEU A 1 25 ? 5.692   1.823   -5.203  1.000 29.090 ? 36  LEU A HB2  1 
ATOM   412  H  HB3  . LEU A 1 25 ? 4.565   2.923   -5.137  1.000 29.090 ? 36  LEU A HB3  1 
ATOM   413  H  HG   . LEU A 1 25 ? 4.591   0.474   -3.716  1.000 28.070 ? 36  LEU A HG   1 
ATOM   414  H  HD11 . LEU A 1 25 ? 5.804   2.168   -2.690  1.000 28.440 ? 36  LEU A HD11 1 
ATOM   415  H  HD12 . LEU A 1 25 ? 4.523   1.834   -1.811  1.000 28.440 ? 36  LEU A HD12 1 
ATOM   416  H  HD13 . LEU A 1 25 ? 4.540   3.129   -2.730  1.000 28.440 ? 36  LEU A HD13 1 
ATOM   417  H  HD21 . LEU A 1 25 ? 2.401   2.245   -3.767  1.000 27.870 ? 36  LEU A HD21 1 
ATOM   418  H  HD22 . LEU A 1 25 ? 2.525   0.988   -2.802  1.000 27.870 ? 36  LEU A HD22 1 
ATOM   419  H  HD23 . LEU A 1 25 ? 2.404   0.777   -4.371  1.000 27.870 ? 36  LEU A HD23 1 
ATOM   420  N  N    . HIS A 1 26 ? 5.822   1.578   -8.126  1.000 27.700 ? 37  HIS A N    1 
ATOM   421  C  CA   . HIS A 1 26 ? 6.401   2.042   -9.416  1.000 30.320 ? 37  HIS A CA   1 
ATOM   422  C  C    . HIS A 1 26 ? 5.476   1.700   -10.592 1.000 29.240 ? 37  HIS A C    1 
ATOM   423  O  O    . HIS A 1 26 ? 5.328   2.574   -11.459 1.000 32.530 ? 37  HIS A O    1 
ATOM   424  C  CB   . HIS A 1 26 ? 7.795   1.478   -9.642  1.000 29.840 ? 37  HIS A CB   1 
ATOM   425  C  CG   . HIS A 1 26 ? 8.830   2.082   -8.754  1.000 29.400 ? 37  HIS A CG   1 
ATOM   426  N  ND1  . HIS A 1 26 ? 10.130  1.621   -8.745  1.000 30.980 ? 37  HIS A ND1  1 
ATOM   427  C  CD2  . HIS A 1 26 ? 8.790   3.092   -7.871  1.000 30.760 ? 37  HIS A CD2  1 
ATOM   428  C  CE1  . HIS A 1 26 ? 10.830  2.303   -7.853  1.000 34.320 ? 37  HIS A CE1  1 
ATOM   429  N  NE2  . HIS A 1 26 ? 10.038  3.227   -7.321  1.000 29.900 ? 37  HIS A NE2  1 
ATOM   430  H  H    . HIS A 1 26 ? 6.344   0.925   -7.558  1.000 27.700 ? 37  HIS A H    1 
ATOM   431  H  HA   . HIS A 1 26 ? 6.485   3.023   -9.378  1.000 30.320 ? 37  HIS A HA   1 
ATOM   432  H  HB2  . HIS A 1 26 ? 7.771   0.507   -9.490  1.000 29.840 ? 37  HIS A HB2  1 
ATOM   433  H  HB3  . HIS A 1 26 ? 8.050   1.632   -10.579 1.000 29.840 ? 37  HIS A HB3  1 
ATOM   434  H  HD2  . HIS A 1 26 ? 8.037   3.614   -7.667  1.000 30.760 ? 37  HIS A HD2  1 
ATOM   435  H  HE1  . HIS A 1 26 ? 11.743  2.178   -7.659  1.000 34.320 ? 37  HIS A HE1  1 
ATOM   436  N  N    . ALA A 1 27 ? 4.921   0.486   -10.654 1.000 27.500 ? 38  ALA A N    1 
ATOM   437  C  CA   . ALA A 1 27 ? 3.952   0.037   -11.681 1.000 30.000 ? 38  ALA A CA   1 
ATOM   438  C  C    . ALA A 1 27 ? 2.787   1.025   -11.746 1.000 33.980 ? 38  ALA A C    1 
ATOM   439  O  O    . ALA A 1 27 ? 2.257   1.192   -12.846 1.000 34.830 ? 38  ALA A O    1 
ATOM   440  C  CB   . ALA A 1 27 ? 3.506   -1.382  -11.436 1.000 33.630 ? 38  ALA A CB   1 
ATOM   441  H  H    . ALA A 1 27 ? 5.203   -0.158  -9.929  1.000 27.500 ? 38  ALA A H    1 
ATOM   442  H  HA   . ALA A 1 27 ? 4.405   0.027   -12.556 1.000 30.000 ? 38  ALA A HA   1 
ATOM   443  H  HB1  . ALA A 1 27 ? 2.874   -1.646  -12.122 1.000 33.630 ? 38  ALA A HB1  1 
ATOM   444  H  HB2  . ALA A 1 27 ? 4.274   -1.973  -11.461 1.000 33.630 ? 38  ALA A HB2  1 
ATOM   445  H  HB3  . ALA A 1 27 ? 3.081   -1.443  -10.564 1.000 33.630 ? 38  ALA A HB3  1 
ATOM   446  N  N    . ALA A 1 28 ? 2.421   1.671   -10.629 1.000 30.780 ? 39  ALA A N    1 
ATOM   447  C  CA   . ALA A 1 28 ? 1.273   2.603   -10.522 1.000 29.820 ? 39  ALA A CA   1 
ATOM   448  C  C    . ALA A 1 28 ? 1.703   4.044   -10.818 1.000 32.910 ? 39  ALA A C    1 
ATOM   449  O  O    . ALA A 1 28 ? 0.854   4.941   -10.694 1.000 35.350 ? 39  ALA A O    1 
ATOM   450  C  CB   . ALA A 1 28 ? 0.687   2.494   -9.156  1.000 30.000 ? 39  ALA A CB   1 
ATOM   451  H  H    . ALA A 1 28 ? 2.987   1.491   -9.813  1.000 30.780 ? 39  ALA A H    1 
ATOM   452  H  HA   . ALA A 1 28 ? 0.597   2.346   -11.191 1.000 29.820 ? 39  ALA A HA   1 
ATOM   453  H  HB1  . ALA A 1 28 ? -0.066  3.100   -9.077  1.000 30.000 ? 39  ALA A HB1  1 
ATOM   454  H  HB2  . ALA A 1 28 ? 0.385   1.584   -9.004  1.000 30.000 ? 39  ALA A HB2  1 
ATOM   455  H  HB3  . ALA A 1 28 ? 1.359   2.726   -8.494  1.000 30.000 ? 39  ALA A HB3  1 
ATOM   456  N  N    . GLY A 1 29 ? 2.975   4.259   -11.158 1.000 33.020 ? 40  GLY A N    1 
ATOM   457  C  CA   . GLY A 1 29 ? 3.538   5.569   -11.561 1.000 34.820 ? 40  GLY A CA   1 
ATOM   458  C  C    . GLY A 1 29 ? 4.364   6.230   -10.480 1.000 37.260 ? 40  GLY A C    1 
ATOM   459  O  O    . GLY A 1 29 ? 4.877   7.339   -10.740 1.000 35.990 ? 40  GLY A O    1 
ATOM   460  H  H    . GLY A 1 29 ? 3.580   3.451   -11.131 1.000 33.020 ? 40  GLY A H    1 
ATOM   461  H  HA2  . GLY A 1 29 ? 4.109   5.444   -12.360 1.000 34.820 ? 40  GLY A HA2  1 
ATOM   462  H  HA3  . GLY A 1 29 ? 2.796   6.178   -11.805 1.000 34.820 ? 40  GLY A HA3  1 
ATOM   463  N  N    . ALA A 1 30 ? 4.557   5.609   -9.303  1.000 32.030 ? 41  ALA A N    1 
ATOM   464  C  CA   . ALA A 1 30 ? 5.369   6.205   -8.226  1.000 29.630 ? 41  ALA A CA   1 
ATOM   465  C  C    . ALA A 1 30 ? 6.833   6.309   -8.664  1.000 32.030 ? 41  ALA A C    1 
ATOM   466  O  O    . ALA A 1 30 ? 7.276   5.511   -9.533  1.000 34.270 ? 41  ALA A O    1 
ATOM   467  C  CB   . ALA A 1 30 ? 5.284   5.430   -6.928  1.000 31.240 ? 41  ALA A CB   1 
ATOM   468  H  H    . ALA A 1 30 ? 4.130   4.705   -9.155  1.000 32.030 ? 41  ALA A H    1 
ATOM   469  H  HA   . ALA A 1 30 ? 5.035   7.116   -8.048  1.000 29.630 ? 41  ALA A HA   1 
ATOM   470  H  HB1  . ALA A 1 30 ? 5.834   5.861   -6.255  1.000 31.240 ? 41  ALA A HB1  1 
ATOM   471  H  HB2  . ALA A 1 30 ? 4.363   5.405   -6.624  1.000 31.240 ? 41  ALA A HB2  1 
ATOM   472  H  HB3  . ALA A 1 30 ? 5.601   4.522   -7.069  1.000 31.240 ? 41  ALA A HB3  1 
ATOM   473  N  N    . GLN A 1 31 ? 7.531   7.256   -8.060  1.000 33.650 ? 42  GLN A N    1 
ATOM   474  C  CA   . GLN A 1 31 ? 8.959   7.530   -8.361  1.000 39.850 ? 42  GLN A CA   1 
ATOM   475  C  C    . GLN A 1 31 ? 9.730   7.632   -7.053  1.000 32.220 ? 42  GLN A C    1 
ATOM   476  O  O    . GLN A 1 31 ? 9.192   8.141   -6.069  1.000 33.330 ? 42  GLN A O    1 
ATOM   477  C  CB   . GLN A 1 31 ? 9.065   8.788   -9.232  1.000 47.350 ? 42  GLN A CB   1 
ATOM   478  C  CG   . GLN A 1 31 ? 8.657   8.533   -10.679 1.000 48.550 ? 42  GLN A CG   1 
ATOM   479  C  CD   . GLN A 1 31 ? 9.039   9.709   -11.536 1.000 60.730 ? 42  GLN A CD   1 
ATOM   480  O  OE1  . GLN A 1 31 ? 8.372   10.741  -11.529 1.000 60.220 ? 42  GLN A OE1  1 
ATOM   481  N  NE2  . GLN A 1 31 ? 10.147  9.573   -12.248 1.000 64.200 ? 42  GLN A NE2  1 
ATOM   482  H  H    . GLN A 1 31 ? 7.060   7.813   -7.361  1.000 33.650 ? 42  GLN A H    1 
ATOM   483  H  HA   . GLN A 1 31 ? 9.318   6.778   -8.886  1.000 39.850 ? 42  GLN A HA   1 
ATOM   484  H  HB2  . GLN A 1 31 ? 8.494   9.484   -8.846  1.000 47.350 ? 42  GLN A HB2  1 
ATOM   485  H  HB3  . GLN A 1 31 ? 9.990   9.110   -9.203  1.000 47.350 ? 42  GLN A HB3  1 
ATOM   486  H  HG2  . GLN A 1 31 ? 9.101   7.719   -11.001 1.000 48.550 ? 42  GLN A HG2  1 
ATOM   487  H  HG3  . GLN A 1 31 ? 7.688   8.384   -10.719 1.000 48.550 ? 42  GLN A HG3  1 
ATOM   488  N  N    . GLY A 1 32 ? 10.944  7.091   -7.037  1.000 37.610 ? 43  GLY A N    1 
ATOM   489  C  CA   . GLY A 1 32 ? 11.801  7.082   -5.846  1.000 36.140 ? 43  GLY A CA   1 
ATOM   490  C  C    . GLY A 1 32 ? 11.440  5.953   -4.904  1.000 37.490 ? 43  GLY A C    1 
ATOM   491  O  O    . GLY A 1 32 ? 10.685  5.027   -5.313  1.000 32.520 ? 43  GLY A O    1 
ATOM   492  H  H    . GLY A 1 32 ? 11.282  6.668   -7.890  1.000 37.610 ? 43  GLY A H    1 
ATOM   493  H  HA2  . GLY A 1 32 ? 12.745  6.987   -6.129  1.000 36.140 ? 43  GLY A HA2  1 
ATOM   494  H  HA3  . GLY A 1 32 ? 11.706  7.947   -5.374  1.000 36.140 ? 43  GLY A HA3  1 
ATOM   495  N  N    . GLU A 1 33 ? 11.933  6.002   -3.675  1.000 35.270 ? 44  GLU A N    1 
ATOM   496  C  CA   . GLU A 1 33 ? 11.716  4.854   -2.761  1.000 37.350 ? 44  GLU A CA   1 
ATOM   497  C  C    . GLU A 1 33 ? 11.424  5.334   -1.350  1.000 33.190 ? 44  GLU A C    1 
ATOM   498  O  O    . GLU A 1 33 ? 11.383  4.519   -0.452  1.000 37.170 ? 44  GLU A O    1 
ATOM   499  C  CB   . GLU A 1 33 ? 12.856  3.853   -2.929  1.000 39.410 ? 44  GLU A CB   1 
ATOM   500  C  CG   . GLU A 1 33 ? 14.224  4.370   -2.651  1.000 40.840 ? 44  GLU A CG   1 
ATOM   501  C  CD   . GLU A 1 33 ? 15.283  3.298   -2.921  1.000 38.180 ? 44  GLU A CD   1 
ATOM   502  O  OE1  . GLU A 1 33 ? 15.335  2.806   -4.037  1.000 40.960 ? 44  GLU A OE1  1 
ATOM   503  O  OE2  . GLU A 1 33 ? 15.994  2.935   -2.007  1.000 37.780 ? 44  GLU A OE2  1 
ATOM   504  H  H    . GLU A 1 33 ? 12.454  6.803   -3.346  1.000 35.270 ? 44  GLU A H    1 
ATOM   505  H  HA   . GLU A 1 33 ? 10.935  4.345   -3.079  1.000 37.350 ? 44  GLU A HA   1 
ATOM   506  H  HB2  . GLU A 1 33 ? 12.697  3.097   -2.326  1.000 39.410 ? 44  GLU A HB2  1 
ATOM   507  H  HB3  . GLU A 1 33 ? 12.846  3.521   -3.850  1.000 39.410 ? 44  GLU A HB3  1 
ATOM   508  H  HG2  . GLU A 1 33 ? 14.386  5.157   -3.213  1.000 40.840 ? 44  GLU A HG2  1 
ATOM   509  H  HG3  . GLU A 1 33 ? 14.269  4.664   -1.716  1.000 40.840 ? 44  GLU A HG3  1 
ATOM   510  N  N    . MET A 1 34 ? 11.035  6.592   -1.191  1.000 31.060 ? 45  MET A N    1 
ATOM   511  C  CA   . MET A 1 34 ? 10.586  7.125   0.101   1.000 31.410 ? 45  MET A CA   1 
ATOM   512  C  C    . MET A 1 34 ? 9.231   7.772   -0.126  1.000 33.150 ? 45  MET A C    1 
ATOM   513  O  O    . MET A 1 34 ? 9.105   8.530   -1.133  1.000 34.670 ? 45  MET A O    1 
ATOM   514  C  CB   . MET A 1 34 ? 11.576  8.193   0.578   1.000 36.630 ? 45  MET A CB   1 
ATOM   515  C  CG   . MET A 1 34 ? 11.085  8.958   1.753   1.000 35.120 ? 45  MET A CG   1 
ATOM   516  S  SD   . MET A 1 34 ? 12.392  10.097  2.329   1.000 43.700 ? 45  MET A SD   1 
ATOM   517  C  CE   . MET A 1 34 ? 12.369  11.320  1.016   1.000 43.360 ? 45  MET A CE   1 
ATOM   518  H  H    . MET A 1 34 ? 11.050  7.201   -1.997  1.000 31.060 ? 45  MET A H    1 
ATOM   519  H  HA   . MET A 1 34 ? 10.496  6.375   0.735   1.000 31.410 ? 45  MET A HA   1 
ATOM   520  H  HB2  . MET A 1 34 ? 12.420  7.756   0.809   1.000 36.630 ? 45  MET A HB2  1 
ATOM   521  H  HB3  . MET A 1 34 ? 11.748  8.812   -0.160  1.000 36.630 ? 45  MET A HB3  1 
ATOM   522  H  HG2  . MET A 1 34 ? 10.281  9.460   1.498   1.000 35.120 ? 45  MET A HG2  1 
ATOM   523  H  HG3  . MET A 1 34 ? 10.839  8.332   2.466   1.000 35.120 ? 45  MET A HG3  1 
ATOM   524  H  HE1  . MET A 1 34 ? 13.026  11.996  1.197   1.000 43.360 ? 45  MET A HE1  1 
ATOM   525  H  HE2  . MET A 1 34 ? 12.569  10.895  0.179   1.000 43.360 ? 45  MET A HE2  1 
ATOM   526  H  HE3  . MET A 1 34 ? 11.494  11.726  0.970   1.000 43.360 ? 45  MET A HE3  1 
ATOM   527  N  N    . PHE A 1 35 ? 8.276   7.436   0.734   1.000 31.020 ? 46  PHE A N    1 
ATOM   528  C  CA   . PHE A 1 35 ? 6.853   7.808   0.598   1.000 31.340 ? 46  PHE A CA   1 
ATOM   529  C  C    . PHE A 1 35 ? 6.254   8.042   1.980   1.000 32.860 ? 46  PHE A C    1 
ATOM   530  O  O    . PHE A 1 35 ? 6.664   7.433   2.949   1.000 36.700 ? 46  PHE A O    1 
ATOM   531  C  CB   . PHE A 1 35 ? 6.068   6.709   -0.133  1.000 29.250 ? 46  PHE A CB   1 
ATOM   532  C  CG   . PHE A 1 35 ? 6.598   6.408   -1.499  1.000 30.360 ? 46  PHE A CG   1 
ATOM   533  C  CD1  . PHE A 1 35 ? 6.322   7.234   -2.594  1.000 29.930 ? 46  PHE A CD1  1 
ATOM   534  C  CD2  . PHE A 1 35 ? 7.431   5.333   -1.683  1.000 29.370 ? 46  PHE A CD2  1 
ATOM   535  C  CE1  . PHE A 1 35 ? 6.864   6.972   -3.843  1.000 32.260 ? 46  PHE A CE1  1 
ATOM   536  C  CE2  . PHE A 1 35 ? 7.953   5.055   -2.944  1.000 27.710 ? 46  PHE A CE2  1 
ATOM   537  C  CZ   . PHE A 1 35 ? 7.676   5.875   -4.015  1.000 29.610 ? 46  PHE A CZ   1 
ATOM   538  H  H    . PHE A 1 35 ? 8.567   6.887   1.531   1.000 31.020 ? 46  PHE A H    1 
ATOM   539  H  HA   . PHE A 1 35 ? 6.795   8.653   0.084   1.000 31.340 ? 46  PHE A HA   1 
ATOM   540  H  HB2  . PHE A 1 35 ? 6.090   5.896   0.414   1.000 29.250 ? 46  PHE A HB2  1 
ATOM   541  H  HB3  . PHE A 1 35 ? 5.131   6.990   -0.199  1.000 29.250 ? 46  PHE A HB3  1 
ATOM   542  H  HD1  . PHE A 1 35 ? 5.787   8.004   -2.474  1.000 29.930 ? 46  PHE A HD1  1 
ATOM   543  H  HD2  . PHE A 1 35 ? 7.652   4.778   -0.952  1.000 29.370 ? 46  PHE A HD2  1 
ATOM   544  H  HE1  . PHE A 1 35 ? 6.666   7.542   -4.570  1.000 32.260 ? 46  PHE A HE1  1 
ATOM   545  H  HE2  . PHE A 1 35 ? 8.510   4.301   -3.059  1.000 27.710 ? 46  PHE A HE2  1 
ATOM   546  H  HZ   . PHE A 1 35 ? 8.048   5.692   -4.863  1.000 29.610 ? 46  PHE A HZ   1 
ATOM   547  N  N    . THR A 1 36 ? 5.214   8.846   2.029   1.000 31.730 ? 47  THR A N    1 
ATOM   548  C  CA   . THR A 1 36 ? 4.273   8.885   3.163   1.000 33.360 ? 47  THR A CA   1 
ATOM   549  C  C    . THR A 1 36 ? 3.382   7.643   3.039   1.000 33.750 ? 47  THR A C    1 
ATOM   550  O  O    . THR A 1 36 ? 3.210   7.141   1.909   1.000 31.300 ? 47  THR A O    1 
ATOM   551  C  CB   . THR A 1 36 ? 3.427   10.165  3.157   1.000 36.960 ? 47  THR A CB   1 
ATOM   552  O  OG1  . THR A 1 36 ? 2.533   10.131  2.054   1.000 33.580 ? 47  THR A OG1  1 
ATOM   553  C  CG2  . THR A 1 36 ? 4.268   11.414  3.040   1.000 38.130 ? 47  THR A CG2  1 
ATOM   554  H  H    . THR A 1 36 ? 5.064   9.463   1.243   1.000 31.730 ? 47  THR A H    1 
ATOM   555  H  HA   . THR A 1 36 ? 4.796   8.839   3.996   1.000 33.360 ? 47  THR A HA   1 
ATOM   556  H  HB   . THR A 1 36 ? 2.915   10.201  4.001   1.000 36.960 ? 47  THR A HB   1 
ATOM   557  H  HG21 . THR A 1 36 ? 4.883   11.467  3.794   1.000 38.130 ? 47  THR A HG21 1 
ATOM   558  H  HG22 . THR A 1 36 ? 3.689   12.198  3.041   1.000 38.130 ? 47  THR A HG22 1 
ATOM   559  H  HG23 . THR A 1 36 ? 4.776   11.388  2.209   1.000 38.130 ? 47  THR A HG23 1 
ATOM   560  N  N    . VAL A 1 37 ? 2.803   7.197   4.136   1.000 37.670 ? 48  VAL A N    1 
ATOM   561  C  CA   . VAL A 1 37 ? 1.815   6.082   4.109   1.000 35.310 ? 48  VAL A CA   1 
ATOM   562  C  C    . VAL A 1 37 ? 0.614   6.496   3.249   1.000 34.630 ? 48  VAL A C    1 
ATOM   563  O  O    . VAL A 1 37 ? 0.151   5.677   2.470   1.000 29.680 ? 48  VAL A O    1 
ATOM   564  C  CB   . VAL A 1 37 ? 1.403   5.640   5.522   1.000 35.890 ? 48  VAL A CB   1 
ATOM   565  C  CG1  . VAL A 1 37 ? 0.296   4.603   5.465   1.000 39.400 ? 48  VAL A CG1  1 
ATOM   566  C  CG2  . VAL A 1 37 ? 2.600   5.127   6.307   1.000 38.430 ? 48  VAL A CG2  1 
ATOM   567  H  H    . VAL A 1 37 ? 3.039   7.625   5.019   1.000 37.670 ? 48  VAL A H    1 
ATOM   568  H  HA   . VAL A 1 37 ? 2.236   5.307   3.695   1.000 35.310 ? 48  VAL A HA   1 
ATOM   569  H  HB   . VAL A 1 37 ? 1.053   6.439   5.989   1.000 35.890 ? 48  VAL A HB   1 
ATOM   570  H  HG11 . VAL A 1 37 ? -0.480  4.981   5.016   1.000 39.400 ? 48  VAL A HG11 1 
ATOM   571  H  HG12 . VAL A 1 37 ? 0.051   4.338   6.369   1.000 39.400 ? 48  VAL A HG12 1 
ATOM   572  H  HG13 . VAL A 1 37 ? 0.607   3.824   4.973   1.000 39.400 ? 48  VAL A HG13 1 
ATOM   573  H  HG21 . VAL A 1 37 ? 2.989   4.365   5.843   1.000 38.430 ? 48  VAL A HG21 1 
ATOM   574  H  HG22 . VAL A 1 37 ? 2.313   4.855   7.196   1.000 38.430 ? 48  VAL A HG22 1 
ATOM   575  H  HG23 . VAL A 1 37 ? 3.265   5.833   6.383   1.000 38.430 ? 48  VAL A HG23 1 
ATOM   576  N  N    . LYS A 1 38 ? 0.182   7.761   3.301   1.000 32.960 ? 49  LYS A N    1 
ATOM   577  C  CA   . LYS A 1 38 ? -0.894  8.240   2.419   1.000 33.820 ? 49  LYS A CA   1 
ATOM   578  C  C    . LYS A 1 38 ? -0.509  8.039   0.943   1.000 32.820 ? 49  LYS A C    1 
ATOM   579  O  O    . LYS A 1 38 ? -1.370  7.662   0.158   1.000 31.770 ? 49  LYS A O    1 
ATOM   580  C  CB   . LYS A 1 38 ? -1.182  9.717   2.664   1.000 38.760 ? 49  LYS A CB   1 
ATOM   581  C  CG   . LYS A 1 38 ? -2.270  10.260  1.765   1.000 41.260 ? 49  LYS A CG   1 
ATOM   582  C  CD   . LYS A 1 38 ? -2.775  11.632  2.178   1.000 46.420 ? 49  LYS A CD   1 
ATOM   583  C  CE   . LYS A 1 38 ? -3.494  12.323  1.048   1.000 49.550 ? 49  LYS A CE   1 
ATOM   584  N  NZ   . LYS A 1 38 ? -4.727  11.595  0.670   1.000 48.820 ? 49  LYS A NZ   1 
ATOM   585  H  H    . LYS A 1 38 ? 0.601   8.403   3.959   1.000 32.960 ? 49  LYS A H    1 
ATOM   586  H  HA   . LYS A 1 38 ? -1.705  7.712   2.600   1.000 33.820 ? 49  LYS A HA   1 
ATOM   587  H  HB2  . LYS A 1 38 ? -1.437  9.834   3.603   1.000 38.760 ? 49  LYS A HB2  1 
ATOM   588  H  HB3  . LYS A 1 38 ? -0.354  10.224  2.529   1.000 38.760 ? 49  LYS A HB3  1 
ATOM   589  H  HG2  . LYS A 1 38 ? -1.920  10.317  0.851   1.000 41.260 ? 49  LYS A HG2  1 
ATOM   590  H  HG3  . LYS A 1 38 ? -3.024  9.633   1.772   1.000 41.260 ? 49  LYS A HG3  1 
ATOM   591  H  HD2  . LYS A 1 38 ? -3.381  11.533  2.944   1.000 46.420 ? 49  LYS A HD2  1 
ATOM   592  H  HD3  . LYS A 1 38 ? -2.014  12.179  2.467   1.000 46.420 ? 49  LYS A HD3  1 
ATOM   593  H  HE2  . LYS A 1 38 ? -3.728  13.232  1.317   1.000 49.550 ? 49  LYS A HE2  1 
ATOM   594  H  HE3  . LYS A 1 38 ? -2.905  12.380  0.273   1.000 49.550 ? 49  LYS A HE3  1 
ATOM   595  H  HZ1  . LYS A 1 38 ? -4.518  10.753  0.407   1.000 48.820 ? 49  LYS A HZ1  1 
ATOM   596  H  HZ2  . LYS A 1 38 ? -5.144  12.029  -0.008  1.000 48.820 ? 49  LYS A HZ2  1 
ATOM   597  H  HZ3  . LYS A 1 38 ? -5.287  11.551  1.382   1.000 48.820 ? 49  LYS A HZ3  1 
ATOM   598  N  N    . GLU A 1 39 ? 0.717   8.358   0.550   1.000 31.160 ? 50  GLU A N    1 
ATOM   599  C  CA   . GLU A 1 39 ? 1.145   8.169   -0.859  1.000 30.520 ? 50  GLU A CA   1 
ATOM   600  C  C    . GLU A 1 39 ? 1.103   6.676   -1.203  1.000 30.170 ? 50  GLU A C    1 
ATOM   601  O  O    . GLU A 1 39 ? 0.717   6.312   -2.343  1.000 29.230 ? 50  GLU A O    1 
ATOM   602  C  CB   . GLU A 1 39 ? 2.549   8.694   -1.083  1.000 36.010 ? 50  GLU A CB   1 
ATOM   603  C  CG   . GLU A 1 39 ? 2.589   10.203  -1.273  1.000 40.330 ? 50  GLU A CG   1 
ATOM   604  C  CD   . GLU A 1 39 ? 4.004   10.761  -1.308  1.000 44.680 ? 50  GLU A CD   1 
ATOM   605  O  OE1  . GLU A 1 39 ? 4.267   11.639  -2.159  1.000 56.220 ? 50  GLU A OE1  1 
ATOM   606  O  OE2  . GLU A 1 39 ? 4.843   10.308  -0.508  1.000 40.240 ? 50  GLU A OE2  1 
ATOM   607  H  H    . GLU A 1 39 ? 1.374   8.736   1.218   1.000 31.160 ? 50  GLU A H    1 
ATOM   608  H  HA   . GLU A 1 39 ? 0.514   8.648   -1.444  1.000 30.520 ? 50  GLU A HA   1 
ATOM   609  H  HB2  . GLU A 1 39 ? 3.100   8.450   -0.309  1.000 36.010 ? 50  GLU A HB2  1 
ATOM   610  H  HB3  . GLU A 1 39 ? 2.922   8.258   -1.877  1.000 36.010 ? 50  GLU A HB3  1 
ATOM   611  H  HG2  . GLU A 1 39 ? 2.131   10.429  -2.110  1.000 40.330 ? 50  GLU A HG2  1 
ATOM   612  H  HG3  . GLU A 1 39 ? 2.091   10.629  -0.543  1.000 40.330 ? 50  GLU A HG3  1 
ATOM   613  N  N    . VAL A 1 40 ? 1.560   5.848   -0.281  1.000 29.000 ? 51  VAL A N    1 
ATOM   614  C  CA   . VAL A 1 40 ? 1.557   4.366   -0.515  1.000 25.770 ? 51  VAL A CA   1 
ATOM   615  C  C    . VAL A 1 40 ? 0.101   3.951   -0.801  1.000 24.980 ? 51  VAL A C    1 
ATOM   616  O  O    . VAL A 1 40 ? -0.149  3.302   -1.811  1.000 26.550 ? 51  VAL A O    1 
ATOM   617  C  CB   . VAL A 1 40 ? 2.164   3.620   0.675   1.000 26.370 ? 51  VAL A CB   1 
ATOM   618  C  CG1  . VAL A 1 40 ? 1.964   2.111   0.484   1.000 28.820 ? 51  VAL A CG1  1 
ATOM   619  C  CG2  . VAL A 1 40 ? 3.629   3.982   0.897   1.000 28.760 ? 51  VAL A CG2  1 
ATOM   620  H  H    . VAL A 1 40 ? 1.918   6.208   0.592   1.000 29.000 ? 51  VAL A H    1 
ATOM   621  H  HA   . VAL A 1 40 ? 2.104   4.176   -1.299  1.000 25.770 ? 51  VAL A HA   1 
ATOM   622  H  HB   . VAL A 1 40 ? 1.665   3.900   1.482   1.000 26.370 ? 51  VAL A HB   1 
ATOM   623  H  HG11 . VAL A 1 40 ? 1.014   1.914   0.426   1.000 28.820 ? 51  VAL A HG11 1 
ATOM   624  H  HG12 . VAL A 1 40 ? 2.350   1.634   1.240   1.000 28.820 ? 51  VAL A HG12 1 
ATOM   625  H  HG13 . VAL A 1 40 ? 2.404   1.826   -0.336  1.000 28.820 ? 51  VAL A HG13 1 
ATOM   626  H  HG21 . VAL A 1 40 ? 4.144   3.754   0.104   1.000 28.760 ? 51  VAL A HG21 1 
ATOM   627  H  HG22 . VAL A 1 40 ? 3.974   3.488   1.661   1.000 28.760 ? 51  VAL A HG22 1 
ATOM   628  H  HG23 . VAL A 1 40 ? 3.706   4.937   1.069   1.000 28.760 ? 51  VAL A HG23 1 
ATOM   629  N  N    . MET A 1 41 ? -0.854  4.412   -0.012  1.000 28.180 ? 52  MET A N    1 
ATOM   630  C  CA   . MET A 1 41 ? -2.268  3.996   -0.193  1.000 29.900 ? 52  MET A CA   1 
ATOM   631  C  C    . MET A 1 41 ? -2.766  4.508   -1.544  1.000 29.670 ? 52  MET A C    1 
ATOM   632  O  O    . MET A 1 41 ? -3.491  3.774   -2.213  1.000 26.670 ? 52  MET A O    1 
ATOM   633  C  CB   . MET A 1 41 ? -3.196  4.510   0.918   1.000 33.630 ? 52  MET A CB   1 
ATOM   634  C  CG   . MET A 1 41 ? -2.787  4.154   2.314   1.000 38.270 ? 52  MET A CG   1 
ATOM   635  S  SD   . MET A 1 41 ? -2.495  2.408   2.467   1.000 42.530 ? 52  MET A SD   1 
ATOM   636  C  CE   . MET A 1 41 ? -4.099  1.736   2.064   1.000 42.550 ? 52  MET A CE   1 
ATOM   637  H  H    . MET A 1 41 ? -0.622  5.058   0.728   1.000 28.180 ? 52  MET A H    1 
ATOM   638  H  HA   . MET A 1 41 ? -2.307  3.012   -0.190  1.000 29.900 ? 52  MET A HA   1 
ATOM   639  H  HB2  . MET A 1 41 ? -3.245  5.485   0.858   1.000 33.630 ? 52  MET A HB2  1 
ATOM   640  H  HB3  . MET A 1 41 ? -4.093  4.152   0.767   1.000 33.630 ? 52  MET A HB3  1 
ATOM   641  H  HG2  . MET A 1 41 ? -1.972  4.647   2.547   1.000 38.270 ? 52  MET A HG2  1 
ATOM   642  H  HG3  . MET A 1 41 ? -3.495  4.426   2.937   1.000 38.270 ? 52  MET A HG3  1 
ATOM   643  H  HE1  . MET A 1 41 ? -4.066  0.778   2.114   1.000 42.550 ? 52  MET A HE1  1 
ATOM   644  H  HE2  . MET A 1 41 ? -4.749  2.067   2.688   1.000 42.550 ? 52  MET A HE2  1 
ATOM   645  H  HE3  . MET A 1 41 ? -4.345  2.004   1.170   1.000 42.550 ? 52  MET A HE3  1 
ATOM   646  N  N    . HIS A 1 42 ? -2.449  5.752   -1.927  1.000 31.390 ? 53  HIS A N    1 
ATOM   647  C  CA   . HIS A 1 42 ? -2.822  6.314   -3.246  1.000 30.580 ? 53  HIS A CA   1 
ATOM   648  C  C    . HIS A 1 42 ? -2.330  5.407   -4.373  1.000 26.320 ? 53  HIS A C    1 
ATOM   649  O  O    . HIS A 1 42 ? -3.115  5.108   -5.280  1.000 27.230 ? 53  HIS A O    1 
ATOM   650  C  CB   . HIS A 1 42 ? -2.310  7.768   -3.432  1.000 34.530 ? 53  HIS A CB   1 
ATOM   651  C  CG   . HIS A 1 42 ? -2.243  8.215   -4.872  1.000 47.350 ? 53  HIS A CG   1 
ATOM   652  N  ND1  . HIS A 1 42 ? -3.368  8.648   -5.584  1.000 47.280 ? 53  HIS A ND1  1 
ATOM   653  C  CD2  . HIS A 1 42 ? -1.209  8.277   -5.756  1.000 45.710 ? 53  HIS A CD2  1 
ATOM   654  C  CE1  . HIS A 1 42 ? -3.029  8.905   -6.841  1.000 49.120 ? 53  HIS A CE1  1 
ATOM   655  N  NE2  . HIS A 1 42 ? -1.703  8.716   -6.965  1.000 46.460 ? 53  HIS A NE2  1 
ATOM   656  H  H    . HIS A 1 42 ? -1.932  6.325   -1.276  1.000 31.390 ? 53  HIS A H    1 
ATOM   657  H  HA   . HIS A 1 42 ? -3.806  6.350   -3.295  1.000 30.580 ? 53  HIS A HA   1 
ATOM   658  H  HB2  . HIS A 1 42 ? -2.906  8.378   -2.942  1.000 34.530 ? 53  HIS A HB2  1 
ATOM   659  H  HB3  . HIS A 1 42 ? -1.413  7.841   -3.039  1.000 34.530 ? 53  HIS A HB3  1 
ATOM   660  H  HD2  . HIS A 1 42 ? -0.314  8.058   -5.571  1.000 45.710 ? 53  HIS A HD2  1 
ATOM   661  H  HE1  . HIS A 1 42 ? -3.611  9.210   -7.516  1.000 49.120 ? 53  HIS A HE1  1 
ATOM   662  N  N    . TYR A 1 43 ? -1.046  5.051   -4.379  1.000 27.640 ? 54  TYR A N    1 
ATOM   663  C  CA   . TYR A 1 43 ? -0.452  4.268   -5.477  1.000 25.490 ? 54  TYR A CA   1 
ATOM   664  C  C    . TYR A 1 43 ? -1.039  2.856   -5.454  1.000 24.570 ? 54  TYR A C    1 
ATOM   665  O  O    . TYR A 1 43 ? -1.151  2.314   -6.553  1.000 25.830 ? 54  TYR A O    1 
ATOM   666  C  CB   . TYR A 1 43 ? 1.075   4.300   -5.403  1.000 28.220 ? 54  TYR A CB   1 
ATOM   667  C  CG   . TYR A 1 43 ? 1.610   5.635   -5.851  1.000 27.080 ? 54  TYR A CG   1 
ATOM   668  C  CD1  . TYR A 1 43 ? 1.468   6.012   -7.174  1.000 30.070 ? 54  TYR A CD1  1 
ATOM   669  C  CD2  . TYR A 1 43 ? 2.326   6.455   -4.996  1.000 32.270 ? 54  TYR A CD2  1 
ATOM   670  C  CE1  . TYR A 1 43 ? 1.954   7.232   -7.636  1.000 32.410 ? 54  TYR A CE1  1 
ATOM   671  C  CE2  . TYR A 1 43 ? 2.810   7.681   -5.437  1.000 34.520 ? 54  TYR A CE2  1 
ATOM   672  C  CZ   . TYR A 1 43 ? 2.631   8.061   -6.756  1.000 38.790 ? 54  TYR A CZ   1 
ATOM   673  O  OH   . TYR A 1 43 ? 3.126   9.268   -7.178  1.000 41.710 ? 54  TYR A OH   1 
ATOM   674  H  H    . TYR A 1 43 ? -0.464  5.329   -3.602  1.000 27.640 ? 54  TYR A H    1 
ATOM   675  H  HA   . TYR A 1 43 ? -0.693  4.698   -6.338  1.000 25.490 ? 54  TYR A HA   1 
ATOM   676  H  HB2  . TYR A 1 43 ? 1.344   4.109   -4.481  1.000 28.220 ? 54  TYR A HB2  1 
ATOM   677  H  HB3  . TYR A 1 43 ? 1.427   3.578   -5.964  1.000 28.220 ? 54  TYR A HB3  1 
ATOM   678  H  HD1  . TYR A 1 43 ? 1.037   5.428   -7.777  1.000 30.070 ? 54  TYR A HD1  1 
ATOM   679  H  HD2  . TYR A 1 43 ? 2.490   6.189   -4.106  1.000 32.270 ? 54  TYR A HD2  1 
ATOM   680  H  HE1  . TYR A 1 43 ? 1.848   7.473   -8.541  1.000 32.410 ? 54  TYR A HE1  1 
ATOM   681  H  HE2  . TYR A 1 43 ? 3.271   8.248   -4.842  1.000 34.520 ? 54  TYR A HE2  1 
ATOM   682  N  N    . LEU A 1 44 ? -1.342  2.286   -4.279  1.000 26.790 ? 55  LEU A N    1 
ATOM   683  C  CA   . LEU A 1 44 ? -1.929  0.900   -4.225  1.000 26.800 ? 55  LEU A CA   1 
ATOM   684  C  C    . LEU A 1 44 ? -3.319  0.931   -4.882  1.000 25.460 ? 55  LEU A C    1 
ATOM   685  O  O    . LEU A 1 44 ? -3.598  0.058   -5.722  1.000 28.570 ? 55  LEU A O    1 
ATOM   686  C  CB   . LEU A 1 44 ? -2.013  0.411   -2.782  1.000 27.680 ? 55  LEU A CB   1 
ATOM   687  C  CG   . LEU A 1 44 ? -0.714  -0.120  -2.178  1.000 27.970 ? 55  LEU A CG   1 
ATOM   688  C  CD1  . LEU A 1 44 ? -0.925  -0.398  -0.693  1.000 32.840 ? 55  LEU A CD1  1 
ATOM   689  C  CD2  . LEU A 1 44 ? -0.270  -1.376  -2.898  1.000 30.590 ? 55  LEU A CD2  1 
ATOM   690  H  H    . LEU A 1 44 ? -1.178  2.785   -3.416  1.000 26.790 ? 55  LEU A H    1 
ATOM   691  H  HA   . LEU A 1 44 ? -1.343  0.293   -4.734  1.000 26.800 ? 55  LEU A HA   1 
ATOM   692  H  HB2  . LEU A 1 44 ? -2.328  1.151   -2.225  1.000 27.680 ? 55  LEU A HB2  1 
ATOM   693  H  HB3  . LEU A 1 44 ? -2.684  -0.299  -2.737  1.000 27.680 ? 55  LEU A HB3  1 
ATOM   694  H  HG   . LEU A 1 44 ? -0.015  0.570   -2.298  1.000 27.970 ? 55  LEU A HG   1 
ATOM   695  H  HD11 . LEU A 1 44 ? -1.181  0.426   -0.242  1.000 32.840 ? 55  LEU A HD11 1 
ATOM   696  H  HD12 . LEU A 1 44 ? -0.100  -0.738  -0.307  1.000 32.840 ? 55  LEU A HD12 1 
ATOM   697  H  HD13 . LEU A 1 44 ? -1.630  -1.060  -0.584  1.000 32.840 ? 55  LEU A HD13 1 
ATOM   698  H  HD21 . LEU A 1 44 ? -0.960  -2.058  -2.817  1.000 30.590 ? 55  LEU A HD21 1 
ATOM   699  H  HD22 . LEU A 1 44 ? 0.557   -1.701  -2.504  1.000 30.590 ? 55  LEU A HD22 1 
ATOM   700  H  HD23 . LEU A 1 44 ? -0.122  -1.176  -3.839  1.000 30.590 ? 55  LEU A HD23 1 
ATOM   701  N  N    . GLY A 1 45 ? -4.120  1.953   -4.588  1.000 27.120 ? 56  GLY A N    1 
ATOM   702  C  CA   . GLY A 1 45 ? -5.417  2.162   -5.227  1.000 27.990 ? 56  GLY A CA   1 
ATOM   703  C  C    . GLY A 1 45 ? -5.275  2.257   -6.718  1.000 28.590 ? 56  GLY A C    1 
ATOM   704  O  O    . GLY A 1 45 ? -6.004  1.599   -7.445  1.000 30.930 ? 56  GLY A O    1 
ATOM   705  H  H    . GLY A 1 45 ? -3.817  2.636   -3.908  1.000 27.120 ? 56  GLY A H    1 
ATOM   706  H  HA2  . GLY A 1 45 ? -6.017  1.410   -4.995  1.000 27.990 ? 56  GLY A HA2  1 
ATOM   707  H  HA3  . GLY A 1 45 ? -5.820  2.996   -4.876  1.000 27.990 ? 56  GLY A HA3  1 
ATOM   708  N  N    . GLN A 1 46 ? -4.333  3.053   -7.173  1.000 31.580 ? 57  GLN A N    1 
ATOM   709  C  CA   . GLN A 1 46 ? -4.096  3.314   -8.605  1.000 32.210 ? 57  GLN A CA   1 
ATOM   710  C  C    . GLN A 1 46 ? -3.660  2.012   -9.275  1.000 30.990 ? 57  GLN A C    1 
ATOM   711  O  O    . GLN A 1 46 ? -4.113  1.754   -10.394 1.000 31.040 ? 57  GLN A O    1 
ATOM   712  C  CB   . GLN A 1 46 ? -3.038  4.408   -8.748  1.000 35.050 ? 57  GLN A CB   1 
ATOM   713  C  CG   . GLN A 1 46 ? -2.757  4.789   -10.185 1.000 44.640 ? 57  GLN A CG   1 
ATOM   714  C  CD   . GLN A 1 46 ? -3.839  5.687   -10.740 1.000 53.410 ? 57  GLN A CD   1 
ATOM   715  O  OE1  . GLN A 1 46 ? -4.869  5.938   -10.103 1.000 49.270 ? 57  GLN A OE1  1 
ATOM   716  N  NE2  . GLN A 1 46 ? -3.613  6.159   -11.955 1.000 51.930 ? 57  GLN A NE2  1 
ATOM   717  H  H    . GLN A 1 46 ? -3.746  3.504   -6.486  1.000 31.580 ? 57  GLN A H    1 
ATOM   718  H  HA   . GLN A 1 46 ? -4.940  3.618   -9.011  1.000 32.210 ? 57  GLN A HA   1 
ATOM   719  H  HB2  . GLN A 1 46 ? -3.340  5.201   -8.258  1.000 35.050 ? 57  GLN A HB2  1 
ATOM   720  H  HB3  . GLN A 1 46 ? -2.208  4.096   -8.329  1.000 35.050 ? 57  GLN A HB3  1 
ATOM   721  H  HG2  . GLN A 1 46 ? -1.893  5.249   -10.233 1.000 44.640 ? 57  GLN A HG2  1 
ATOM   722  H  HG3  . GLN A 1 46 ? -2.696  3.975   -10.729 1.000 44.640 ? 57  GLN A HG3  1 
ATOM   723  N  N    . TYR A 1 47 ? -2.804  1.222   -8.609  1.000 29.500 ? 58  TYR A N    1 
ATOM   724  C  CA   . TYR A 1 47 ? -2.327  -0.069  -9.137  1.000 26.990 ? 58  TYR A CA   1 
ATOM   725  C  C    . TYR A 1 47 ? -3.516  -0.992  -9.446  1.000 26.500 ? 58  TYR A C    1 
ATOM   726  O  O    . TYR A 1 47 ? -3.522  -1.604  -10.506 1.000 28.400 ? 58  TYR A O    1 
ATOM   727  C  CB   . TYR A 1 47 ? -1.389  -0.710  -8.136  1.000 25.120 ? 58  TYR A CB   1 
ATOM   728  C  CG   . TYR A 1 47 ? -0.851  -2.052  -8.530  1.000 25.690 ? 58  TYR A CG   1 
ATOM   729  C  CD1  . TYR A 1 47 ? 0.233   -2.169  -9.386  1.000 25.610 ? 58  TYR A CD1  1 
ATOM   730  C  CD2  . TYR A 1 47 ? -1.436  -3.216  -8.077  1.000 26.410 ? 58  TYR A CD2  1 
ATOM   731  C  CE1  . TYR A 1 47 ? 0.768   -3.391  -9.723  1.000 27.010 ? 58  TYR A CE1  1 
ATOM   732  C  CE2  . TYR A 1 47 ? -0.925  -4.445  -8.424  1.000 26.500 ? 58  TYR A CE2  1 
ATOM   733  C  CZ   . TYR A 1 47 ? 0.187   -4.543  -9.240  1.000 28.680 ? 58  TYR A CZ   1 
ATOM   734  O  OH   . TYR A 1 47 ? 0.707   -5.764  -9.559  1.000 30.030 ? 58  TYR A OH   1 
ATOM   735  H  H    . TYR A 1 47 ? -2.476  1.535   -7.706  1.000 29.500 ? 58  TYR A H    1 
ATOM   736  H  HA   . TYR A 1 47 ? -1.839  0.096   -9.985  1.000 26.990 ? 58  TYR A HA   1 
ATOM   737  H  HB2  . TYR A 1 47 ? -0.635  -0.102  -7.986  1.000 25.120 ? 58  TYR A HB2  1 
ATOM   738  H  HB3  . TYR A 1 47 ? -1.863  -0.802  -7.283  1.000 25.120 ? 58  TYR A HB3  1 
ATOM   739  H  HD1  . TYR A 1 47 ? 0.640   -1.389  -9.726  1.000 25.610 ? 58  TYR A HD1  1 
ATOM   740  H  HD2  . TYR A 1 47 ? -2.197  -3.173  -7.521  1.000 26.410 ? 58  TYR A HD2  1 
ATOM   741  H  HE1  . TYR A 1 47 ? 1.506   -3.441  -10.307 1.000 27.010 ? 58  TYR A HE1  1 
ATOM   742  H  HE2  . TYR A 1 47 ? -1.334  -5.225  -8.087  1.000 26.500 ? 58  TYR A HE2  1 
ATOM   743  N  N    . ILE A 1 48 ? -4.429  -1.116  -8.495  1.000 28.160 ? 59  ILE A N    1 
ATOM   744  C  CA   . ILE A 1 48 ? -5.618  -2.005  -8.605  1.000 27.300 ? 59  ILE A CA   1 
ATOM   745  C  C    . ILE A 1 48 ? -6.459  -1.486  -9.756  1.000 29.500 ? 59  ILE A C    1 
ATOM   746  O  O    . ILE A 1 48 ? -6.903  -2.299  -10.547 1.000 30.220 ? 59  ILE A O    1 
ATOM   747  C  CB   . ILE A 1 48 ? -6.385  -2.007  -7.281  1.000 26.540 ? 59  ILE A CB   1 
ATOM   748  C  CG1  . ILE A 1 48 ? -5.553  -2.729  -6.223  1.000 26.120 ? 59  ILE A CG1  1 
ATOM   749  C  CG2  . ILE A 1 48 ? -7.783  -2.618  -7.412  1.000 28.480 ? 59  ILE A CG2  1 
ATOM   750  C  CD1  . ILE A 1 48 ? -6.061  -2.565  -4.826  1.000 28.280 ? 59  ILE A CD1  1 
ATOM   751  H  H    . ILE A 1 48 ? -4.298  -0.571  -7.656  1.000 28.160 ? 59  ILE A H    1 
ATOM   752  H  HA   . ILE A 1 48 ? -5.310  -2.905  -8.812  1.000 27.300 ? 59  ILE A HA   1 
ATOM   753  H  HB   . ILE A 1 48 ? -6.511  -1.064  -7.010  1.000 26.540 ? 59  ILE A HB   1 
ATOM   754  H  HG12 . ILE A 1 48 ? -5.533  -3.686  -6.438  1.000 26.120 ? 59  ILE A HG12 1 
ATOM   755  H  HG13 . ILE A 1 48 ? -4.632  -2.392  -6.263  1.000 26.120 ? 59  ILE A HG13 1 
ATOM   756  H  HG21 . ILE A 1 48 ? -8.306  -2.107  -8.055  1.000 28.480 ? 59  ILE A HG21 1 
ATOM   757  H  HG22 . ILE A 1 48 ? -8.233  -2.596  -6.550  1.000 28.480 ? 59  ILE A HG22 1 
ATOM   758  H  HG23 . ILE A 1 48 ? -7.710  -3.541  -7.716  1.000 28.480 ? 59  ILE A HG23 1 
ATOM   759  H  HD11 . ILE A 1 48 ? -6.065  -1.621  -4.589  1.000 28.280 ? 59  ILE A HD11 1 
ATOM   760  H  HD12 . ILE A 1 48 ? -5.484  -3.050  -4.210  1.000 28.280 ? 59  ILE A HD12 1 
ATOM   761  H  HD13 . ILE A 1 48 ? -6.966  -2.918  -4.765  1.000 28.280 ? 59  ILE A HD13 1 
ATOM   762  N  N    . MET A 1 49 ? -6.524  -0.171  -9.919  1.000 30.700 ? 60  MET A N    1 
ATOM   763  C  CA   . MET A 1 49 ? -7.399  0.397   -10.967 1.000 36.120 ? 60  MET A CA   1 
ATOM   764  C  C    . MET A 1 49 ? -6.774  0.098   -12.332 1.000 38.110 ? 60  MET A C    1 
ATOM   765  O  O    . MET A 1 49 ? -7.518  -0.442  -13.208 1.000 41.860 ? 60  MET A O    1 
ATOM   766  C  CB   . MET A 1 49 ? -7.616  1.895   -10.772 1.000 35.660 ? 60  MET A CB   1 
ATOM   767  C  CG   . MET A 1 49 ? -8.453  2.269   -9.557  1.000 39.850 ? 60  MET A CG   1 
ATOM   768  S  SD   . MET A 1 49 ? -9.959  1.256   -9.210  1.000 47.070 ? 60  MET A SD   1 
ATOM   769  C  CE   . MET A 1 49 ? -11.133 2.006   -10.344 1.000 52.050 ? 60  MET A CE   1 
ATOM   770  H  H    . MET A 1 49 ? -5.984  0.454   -9.337  1.000 30.700 ? 60  MET A H    1 
ATOM   771  H  HA   . MET A 1 49 ? -8.279  -0.043  -10.910 1.000 36.120 ? 60  MET A HA   1 
ATOM   772  H  HB2  . MET A 1 49 ? -6.743  2.329   -10.688 1.000 35.660 ? 60  MET A HB2  1 
ATOM   773  H  HB3  . MET A 1 49 ? -8.055  2.254   -11.569 1.000 35.660 ? 60  MET A HB3  1 
ATOM   774  H  HG2  . MET A 1 49 ? -7.896  2.215   -8.752  1.000 39.850 ? 60  MET A HG2  1 
ATOM   775  H  HG3  . MET A 1 49 ? -8.762  3.195   -9.651  1.000 39.850 ? 60  MET A HG3  1 
ATOM   776  H  HE1  . MET A 1 49 ? -11.981 1.562   -10.265 1.000 52.050 ? 60  MET A HE1  1 
ATOM   777  H  HE2  . MET A 1 49 ? -11.236 2.936   -10.128 1.000 52.050 ? 60  MET A HE2  1 
ATOM   778  H  HE3  . MET A 1 49 ? -10.807 1.920   -11.248 1.000 52.050 ? 60  MET A HE3  1 
ATOM   779  N  N    . VAL A 1 50 ? -5.478  0.347   -12.512 1.000 36.660 ? 61  VAL A N    1 
ATOM   780  C  CA   . VAL A 1 50 ? -4.826  0.224   -13.854 1.000 42.110 ? 61  VAL A CA   1 
ATOM   781  C  C    . VAL A 1 50 ? -4.591  -1.249  -14.211 1.000 45.630 ? 61  VAL A C    1 
ATOM   782  O  O    . VAL A 1 50 ? -4.620  -1.573  -15.407 1.000 46.240 ? 61  VAL A O    1 
ATOM   783  C  CB   . VAL A 1 50 ? -3.534  1.063   -13.971 1.000 47.680 ? 61  VAL A CB   1 
ATOM   784  C  CG1  . VAL A 1 50 ? -3.761  2.507   -13.551 1.000 52.290 ? 61  VAL A CG1  1 
ATOM   785  C  CG2  . VAL A 1 50 ? -2.367  0.452   -13.217 1.000 50.120 ? 61  VAL A CG2  1 
ATOM   786  H  H    . VAL A 1 50 ? -4.921  0.626   -11.717 1.000 36.660 ? 61  VAL A H    1 
ATOM   787  H  HA   . VAL A 1 50 ? -5.427  0.597   -14.523 1.000 42.110 ? 61  VAL A HA   1 
ATOM   788  H  HB   . VAL A 1 50 ? -3.284  1.084   -14.928 1.000 47.680 ? 61  VAL A HB   1 
ATOM   789  H  HG11 . VAL A 1 50 ? -4.440  2.908   -14.121 1.000 52.290 ? 61  VAL A HG11 1 
ATOM   790  H  HG12 . VAL A 1 50 ? -2.929  3.005   -13.637 1.000 52.290 ? 61  VAL A HG12 1 
ATOM   791  H  HG13 . VAL A 1 50 ? -4.060  2.533   -12.625 1.000 52.290 ? 61  VAL A HG13 1 
ATOM   792  H  HG21 . VAL A 1 50 ? -2.592  0.382   -12.273 1.000 50.120 ? 61  VAL A HG21 1 
ATOM   793  H  HG22 . VAL A 1 50 ? -1.582  1.016   -13.323 1.000 50.120 ? 61  VAL A HG22 1 
ATOM   794  H  HG23 . VAL A 1 50 ? -2.179  -0.434  -13.572 1.000 50.120 ? 61  VAL A HG23 1 
ATOM   795  N  N    . LYS A 1 51 ? -4.407  -2.140  -13.248 1.000 34.650 ? 62  LYS A N    1 
ATOM   796  C  CA   . LYS A 1 51 ? -4.308  -3.580  -13.568 1.000 36.210 ? 62  LYS A CA   1 
ATOM   797  C  C    . LYS A 1 51 ? -5.690  -4.239  -13.616 1.000 32.630 ? 62  LYS A C    1 
ATOM   798  O  O    . LYS A 1 51 ? -5.706  -5.460  -13.879 1.000 35.900 ? 62  LYS A O    1 
ATOM   799  C  CB   . LYS A 1 51 ? -3.393  -4.246  -12.565 1.000 37.620 ? 62  LYS A CB   1 
ATOM   800  C  CG   . LYS A 1 51 ? -1.996  -3.660  -12.586 1.000 41.660 ? 62  LYS A CG   1 
ATOM   801  C  CD   . LYS A 1 51 ? -0.987  -4.653  -12.213 1.000 50.060 ? 62  LYS A CD   1 
ATOM   802  C  CE   . LYS A 1 51 ? -0.780  -5.753  -13.226 1.000 50.030 ? 62  LYS A CE   1 
ATOM   803  N  NZ   . LYS A 1 51 ? 0.279   -6.672  -12.749 1.000 50.480 ? 62  LYS A NZ   1 
ATOM   804  H  H    . LYS A 1 51 ? -4.333  -1.843  -12.286 1.000 34.650 ? 62  LYS A H    1 
ATOM   805  H  HA   . LYS A 1 51 ? -3.899  -3.674  -14.458 1.000 36.210 ? 62  LYS A HA   1 
ATOM   806  H  HB2  . LYS A 1 51 ? -3.787  -4.152  -11.673 1.000 37.620 ? 62  LYS A HB2  1 
ATOM   807  H  HB3  . LYS A 1 51 ? -3.361  -5.205  -12.761 1.000 37.620 ? 62  LYS A HB3  1 
ATOM   808  H  HG2  . LYS A 1 51 ? -1.811  -3.326  -13.490 1.000 41.660 ? 62  LYS A HG2  1 
ATOM   809  H  HG3  . LYS A 1 51 ? -1.964  -2.906  -11.960 1.000 41.660 ? 62  LYS A HG3  1 
ATOM   810  H  HD2  . LYS A 1 51 ? -0.128  -4.199  -12.075 1.000 50.060 ? 62  LYS A HD2  1 
ATOM   811  H  HD3  . LYS A 1 51 ? -1.246  -5.068  -11.362 1.000 50.060 ? 62  LYS A HD3  1 
ATOM   812  H  HE2  . LYS A 1 51 ? -1.615  -6.240  -13.354 1.000 50.030 ? 62  LYS A HE2  1 
ATOM   813  H  HE3  . LYS A 1 51 ? -0.525  -5.364  -14.084 1.000 50.030 ? 62  LYS A HE3  1 
ATOM   814  H  HZ1  . LYS A 1 51 ? 1.055   -6.215  -12.636 1.000 50.480 ? 62  LYS A HZ1  1 
ATOM   815  H  HZ2  . LYS A 1 51 ? 0.405   -7.335  -13.353 1.000 50.480 ? 62  LYS A HZ2  1 
ATOM   816  H  HZ3  . LYS A 1 51 ? 0.034   -7.037  -11.956 1.000 50.480 ? 62  LYS A HZ3  1 
ATOM   817  N  N    . GLN A 1 52 ? -6.765  -3.506  -13.308 1.000 32.910 ? 63  GLN A N    1 
ATOM   818  C  CA   . GLN A 1 52 ? -8.178  -3.978  -13.396 1.000 38.100 ? 63  GLN A CA   1 
ATOM   819  C  C    . GLN A 1 52 ? -8.352  -5.221  -12.519 1.000 40.010 ? 63  GLN A C    1 
ATOM   820  O  O    . GLN A 1 52 ? -8.855  -6.274  -13.002 1.000 37.720 ? 63  GLN A O    1 
ATOM   821  C  CB   . GLN A 1 52 ? -8.514  -4.289  -14.859 1.000 41.780 ? 63  GLN A CB   1 
ATOM   822  C  CG   . GLN A 1 52 ? -8.155  -3.152  -15.799 1.000 51.410 ? 63  GLN A CG   1 
ATOM   823  C  CD   . GLN A 1 52 ? -9.412  -2.403  -16.136 1.000 61.930 ? 63  GLN A CD   1 
ATOM   824  O  OE1  . GLN A 1 52 ? -9.957  -2.547  -17.226 1.000 60.030 ? 63  GLN A OE1  1 
ATOM   825  N  NE2  . GLN A 1 52 ? -9.916  -1.660  -15.164 1.000 73.530 ? 63  GLN A NE2  1 
ATOM   826  H  H    . GLN A 1 52 ? -6.636  -2.584  -12.917 1.000 32.910 ? 63  GLN A H    1 
ATOM   827  H  HA   . GLN A 1 52 ? -8.768  -3.265  -13.057 1.000 38.100 ? 63  GLN A HA   1 
ATOM   828  H  HB2  . GLN A 1 52 ? -8.030  -5.098  -15.124 1.000 41.780 ? 63  GLN A HB2  1 
ATOM   829  H  HB3  . GLN A 1 52 ? -9.473  -4.478  -14.925 1.000 41.780 ? 63  GLN A HB3  1 
ATOM   830  H  HG2  . GLN A 1 52 ? -7.501  -2.566  -15.362 1.000 51.410 ? 63  GLN A HG2  1 
ATOM   831  H  HG3  . GLN A 1 52 ? -7.737  -3.521  -16.606 1.000 51.410 ? 63  GLN A HG3  1 
ATOM   832  N  N    . LEU A 1 53 ? -7.886  -5.145  -11.277 1.000 31.630 ? 64  LEU A N    1 
ATOM   833  C  CA   . LEU A 1 53 ? -7.922  -6.325  -10.376 1.000 28.790 ? 64  LEU A CA   1 
ATOM   834  C  C    . LEU A 1 53 ? -9.254  -6.310  -9.621  1.000 32.900 ? 64  LEU A C    1 
ATOM   835  O  O    . LEU A 1 53 ? -9.548  -7.285  -8.954  1.000 38.210 ? 64  LEU A O    1 
ATOM   836  C  CB   . LEU A 1 53 ? -6.730  -6.280  -9.405  1.000 27.560 ? 64  LEU A CB   1 
ATOM   837  C  CG   . LEU A 1 53 ? -5.342  -6.408  -10.017 1.000 32.310 ? 64  LEU A CG   1 
ATOM   838  C  CD1  . LEU A 1 53 ? -4.289  -6.414  -8.915  1.000 33.480 ? 64  LEU A CD1  1 
ATOM   839  C  CD2  . LEU A 1 53 ? -5.218  -7.627  -10.908 1.000 32.460 ? 64  LEU A CD2  1 
ATOM   840  H  H    . LEU A 1 53 ? -7.501  -4.277  -10.936 1.000 31.630 ? 64  LEU A H    1 
ATOM   841  H  HA   . LEU A 1 53 ? -7.868  -7.140  -10.926 1.000 28.790 ? 64  LEU A HA   1 
ATOM   842  H  HB2  . LEU A 1 53 ? -6.764  -5.434  -8.916  1.000 27.560 ? 64  LEU A HB2  1 
ATOM   843  H  HB3  . LEU A 1 53 ? -6.837  -7.001  -8.753  1.000 27.560 ? 64  LEU A HB3  1 
ATOM   844  H  HG   . LEU A 1 53 ? -5.182  -5.612  -10.581 1.000 32.310 ? 64  LEU A HG   1 
ATOM   845  H  HD11 . LEU A 1 53 ? -4.342  -5.584  -8.410  1.000 33.480 ? 64  LEU A HD11 1 
ATOM   846  H  HD12 . LEU A 1 53 ? -3.405  -6.497  -9.312  1.000 33.480 ? 64  LEU A HD12 1 
ATOM   847  H  HD13 . LEU A 1 53 ? -4.447  -7.166  -8.319  1.000 33.480 ? 64  LEU A HD13 1 
ATOM   848  H  HD21 . LEU A 1 53 ? -5.395  -8.430  -10.387 1.000 32.460 ? 64  LEU A HD21 1 
ATOM   849  H  HD22 . LEU A 1 53 ? -4.319  -7.670  -11.277 1.000 32.460 ? 64  LEU A HD22 1 
ATOM   850  H  HD23 . LEU A 1 53 ? -5.863  -7.566  -11.634 1.000 32.460 ? 64  LEU A HD23 1 
ATOM   851  N  N    . TYR A 1 54 ? -10.057 -5.273  -9.781  1.000 35.060 ? 65  TYR A N    1 
ATOM   852  C  CA   . TYR A 1 54 ? -11.344 -5.108  -9.057  1.000 36.520 ? 65  TYR A CA   1 
ATOM   853  C  C    . TYR A 1 54 ? -12.458 -5.706  -9.921  1.000 34.440 ? 65  TYR A C    1 
ATOM   854  O  O    . TYR A 1 54 ? -12.280 -5.896  -11.134 1.000 33.520 ? 65  TYR A O    1 
ATOM   855  C  CB   . TYR A 1 54 ? -11.604 -3.643  -8.685  1.000 39.180 ? 65  TYR A CB   1 
ATOM   856  C  CG   . TYR A 1 54 ? -11.758 -2.747  -9.876  1.000 40.480 ? 65  TYR A CG   1 
ATOM   857  C  CD1  . TYR A 1 54 ? -13.019 -2.473  -10.382 1.000 46.780 ? 65  TYR A CD1  1 
ATOM   858  C  CD2  . TYR A 1 54 ? -10.656 -2.273  -10.572 1.000 42.500 ? 65  TYR A CD2  1 
ATOM   859  C  CE1  . TYR A 1 54 ? -13.184 -1.680  -11.504 1.000 46.410 ? 65  TYR A CE1  1 
ATOM   860  C  CE2  . TYR A 1 54 ? -10.802 -1.492  -11.706 1.000 46.610 ? 65  TYR A CE2  1 
ATOM   861  C  CZ   . TYR A 1 54 ? -12.077 -1.206  -12.177 1.000 50.090 ? 65  TYR A CZ   1 
ATOM   862  O  OH   . TYR A 1 54 ? -12.237 -0.459  -13.302 1.000 47.530 ? 65  TYR A OH   1 
ATOM   863  H  H    . TYR A 1 54 ? -9.766  -4.561  -10.435 1.000 35.060 ? 65  TYR A H    1 
ATOM   864  H  HA   . TYR A 1 54 ? -11.293 -5.609  -8.203  1.000 36.520 ? 65  TYR A HA   1 
ATOM   865  H  HB2  . TYR A 1 54 ? -12.415 -3.602  -8.135  1.000 39.180 ? 65  TYR A HB2  1 
ATOM   866  H  HB3  . TYR A 1 54 ? -10.861 -3.327  -8.131  1.000 39.180 ? 65  TYR A HB3  1 
ATOM   867  H  HD1  . TYR A 1 54 ? -13.776 -2.856  -9.969  1.000 46.780 ? 65  TYR A HD1  1 
ATOM   868  H  HD2  . TYR A 1 54 ? -9.790  -2.485  -10.267 1.000 42.500 ? 65  TYR A HD2  1 
ATOM   869  H  HE1  . TYR A 1 54 ? -14.049 -1.503  -11.836 1.000 46.410 ? 65  TYR A HE1  1 
ATOM   870  H  HE2  . TYR A 1 54 ? -10.046 -1.168  -12.166 1.000 46.610 ? 65  TYR A HE2  1 
ATOM   871  N  N    . ASP A 1 55 ? -13.570 -6.010  -9.281  1.000 33.560 ? 66  ASP A N    1 
ATOM   872  C  CA   . ASP A 1 55 ? -14.776 -6.583  -9.933  1.000 35.990 ? 66  ASP A CA   1 
ATOM   873  C  C    . ASP A 1 55 ? -15.645 -5.418  -10.406 1.000 37.650 ? 66  ASP A C    1 
ATOM   874  O  O    . ASP A 1 55 ? -16.019 -4.618  -9.572  1.000 38.660 ? 66  ASP A O    1 
ATOM   875  C  CB   . ASP A 1 55 ? -15.479 -7.507  -8.951  1.000 35.030 ? 66  ASP A CB   1 
ATOM   876  C  CG   . ASP A 1 55 ? -16.692 -8.211  -9.528  1.000 49.940 ? 66  ASP A CG   1 
ATOM   877  O  OD1  . ASP A 1 55 ? -17.305 -8.977  -8.772  1.000 46.080 ? 66  ASP A OD1  1 
ATOM   878  O  OD2  . ASP A 1 55 ? -17.029 -7.943  -10.699 1.000 52.240 ? 66  ASP A OD2  1 
ATOM   879  H  H    . ASP A 1 55 ? -13.583 -5.834  -8.286  1.000 33.560 ? 66  ASP A H    1 
ATOM   880  H  HA   . ASP A 1 55 ? -14.487 -7.116  -10.710 1.000 35.990 ? 66  ASP A HA   1 
ATOM   881  H  HB2  . ASP A 1 55 ? -14.846 -8.197  -8.665  1.000 35.030 ? 66  ASP A HB2  1 
ATOM   882  H  HB3  . ASP A 1 55 ? -15.782 -6.976  -8.186  1.000 35.030 ? 66  ASP A HB3  1 
ATOM   883  N  N    . GLN A 1 56 ? -15.914 -5.311  -11.708 1.000 44.190 ? 67  GLN A N    1 
ATOM   884  C  CA   . GLN A 1 56 ? -16.643 -4.137  -12.280 1.000 48.940 ? 67  GLN A CA   1 
ATOM   885  C  C    . GLN A 1 56 ? -18.038 -4.042  -11.656 1.000 51.680 ? 67  GLN A C    1 
ATOM   886  O  O    . GLN A 1 56 ? -18.525 -2.905  -11.468 1.000 49.560 ? 67  GLN A O    1 
ATOM   887  C  CB   . GLN A 1 56 ? -16.773 -4.234  -13.796 1.000 57.810 ? 67  GLN A CB   1 
ATOM   888  C  CG   . GLN A 1 56 ? -15.461 -4.025  -14.532 1.000 67.770 ? 67  GLN A CG   1 
ATOM   889  C  CD   . GLN A 1 56 ? -15.304 -5.069  -15.613 1.000 82.410 ? 67  GLN A CD   1 
ATOM   890  O  OE1  . GLN A 1 56 ? -15.925 -4.988  -16.673 1.000 88.770 ? 67  GLN A OE1  1 
ATOM   891  N  NE2  . GLN A 1 56 ? -14.499 -6.082  -15.329 1.000 84.620 ? 67  GLN A NE2  1 
ATOM   892  H  H    . GLN A 1 56 ? -15.612 -6.052  -12.325 1.000 44.190 ? 67  GLN A H    1 
ATOM   893  H  HA   . GLN A 1 56 ? -16.142 -3.319  -12.056 1.000 48.940 ? 67  GLN A HA   1 
ATOM   894  H  HB2  . GLN A 1 56 ? -17.131 -5.118  -14.022 1.000 57.810 ? 67  GLN A HB2  1 
ATOM   895  H  HB3  . GLN A 1 56 ? -17.421 -3.563  -14.098 1.000 57.810 ? 67  GLN A HB3  1 
ATOM   896  H  HG2  . GLN A 1 56 ? -15.451 -3.126  -14.924 1.000 67.770 ? 67  GLN A HG2  1 
ATOM   897  H  HG3  . GLN A 1 56 ? -14.719 -4.084  -13.893 1.000 67.770 ? 67  GLN A HG3  1 
ATOM   898  N  N    . GLN A 1 57 ? -18.625 -5.192  -11.321 1.000 49.770 ? 68  GLN A N    1 
ATOM   899  C  CA   . GLN A 1 57 ? -19.999 -5.318  -10.779 1.000 58.970 ? 68  GLN A CA   1 
ATOM   900  C  C    . GLN A 1 57 ? -19.993 -5.087  -9.270  1.000 59.620 ? 68  GLN A C    1 
ATOM   901  O  O    . GLN A 1 57 ? -21.032 -4.687  -8.753  1.000 59.930 ? 68  GLN A O    1 
ATOM   902  C  CB   . GLN A 1 57 ? -20.568 -6.712  -11.066 1.000 65.310 ? 68  GLN A CB   1 
ATOM   903  C  CG   . GLN A 1 57 ? -20.399 -7.159  -12.513 1.000 75.270 ? 68  GLN A CG   1 
ATOM   904  C  CD   . GLN A 1 57 ? -20.739 -6.066  -13.502 1.000 77.070 ? 68  GLN A CD   1 
ATOM   905  O  OE1  . GLN A 1 57 ? -21.706 -5.326  -13.324 1.000 76.860 ? 68  GLN A OE1  1 
ATOM   906  N  NE2  . GLN A 1 57 ? -19.936 -5.949  -14.549 1.000 77.890 ? 68  GLN A NE2  1 
ATOM   907  H  H    . GLN A 1 57 ? -18.070 -6.024  -11.455 1.000 49.770 ? 68  GLN A H    1 
ATOM   908  H  HA   . GLN A 1 57 ? -20.565 -4.628  -11.197 1.000 58.970 ? 68  GLN A HA   1 
ATOM   909  H  HB2  . GLN A 1 57 ? -20.123 -7.358  -10.479 1.000 65.310 ? 68  GLN A HB2  1 
ATOM   910  H  HB3  . GLN A 1 57 ? -21.522 -6.711  -10.842 1.000 65.310 ? 68  GLN A HB3  1 
ATOM   911  H  HG2  . GLN A 1 57 ? -19.470 -7.441  -12.657 1.000 75.270 ? 68  GLN A HG2  1 
ATOM   912  H  HG3  . GLN A 1 57 ? -20.979 -7.933  -12.682 1.000 75.270 ? 68  GLN A HG3  1 
ATOM   913  N  N    . GLU A 1 58 ? -18.884 -5.384  -8.589  1.000 50.500 ? 69  GLU A N    1 
ATOM   914  C  CA   . GLU A 1 58 ? -18.782 -5.270  -7.117  1.000 45.310 ? 69  GLU A CA   1 
ATOM   915  C  C    . GLU A 1 58 ? -17.439 -4.612  -6.804  1.000 45.550 ? 69  GLU A C    1 
ATOM   916  O  O    . GLU A 1 58 ? -16.509 -5.343  -6.412  1.000 39.070 ? 69  GLU A O    1 
ATOM   917  C  CB   . GLU A 1 58 ? -18.906 -6.652  -6.475  1.000 49.190 ? 69  GLU A CB   1 
ATOM   918  C  CG   . GLU A 1 58 ? -20.284 -7.275  -6.641  1.000 58.430 ? 69  GLU A CG   1 
ATOM   919  C  CD   . GLU A 1 58 ? -21.437 -6.594  -5.909  1.000 66.800 ? 69  GLU A CD   1 
ATOM   920  O  OE1  . GLU A 1 58 ? -22.576 -6.653  -6.436  1.000 76.970 ? 69  GLU A OE1  1 
ATOM   921  O  OE2  . GLU A 1 58 ? -21.214 -6.020  -4.810  1.000 67.930 ? 69  GLU A OE2  1 
ATOM   922  H  H    . GLU A 1 58 ? -18.083 -5.702  -9.114  1.000 50.500 ? 69  GLU A H    1 
ATOM   923  H  HA   . GLU A 1 58 ? -19.516 -4.697  -6.796  1.000 45.310 ? 69  GLU A HA   1 
ATOM   924  H  HB2  . GLU A 1 58 ? -18.240 -7.245  -6.881  1.000 49.190 ? 69  GLU A HB2  1 
ATOM   925  H  HB3  . GLU A 1 58 ? -18.707 -6.571  -5.520  1.000 49.190 ? 69  GLU A HB3  1 
ATOM   926  H  HG2  . GLU A 1 58 ? -20.513 -7.291  -7.594  1.000 58.430 ? 69  GLU A HG2  1 
ATOM   927  H  HG3  . GLU A 1 58 ? -20.252 -8.205  -6.331  1.000 58.430 ? 69  GLU A HG3  1 
ATOM   928  N  N    . GLN A 1 59 ? -17.371 -3.290  -6.957  1.000 44.700 ? 70  GLN A N    1 
ATOM   929  C  CA   . GLN A 1 59 ? -16.103 -2.551  -7.202  1.000 45.040 ? 70  GLN A CA   1 
ATOM   930  C  C    . GLN A 1 59 ? -15.257 -2.492  -5.937  1.000 40.860 ? 70  GLN A C    1 
ATOM   931  O  O    . GLN A 1 59 ? -14.068 -2.166  -6.062  1.000 40.970 ? 70  GLN A O    1 
ATOM   932  C  CB   . GLN A 1 59 ? -16.403 -1.165  -7.761  1.000 51.360 ? 70  GLN A CB   1 
ATOM   933  C  CG   . GLN A 1 59 ? -16.809 -1.240  -9.224  1.000 54.050 ? 70  GLN A CG   1 
ATOM   934  C  CD   . GLN A 1 59 ? -16.783 0.117   -9.880  1.000 64.160 ? 70  GLN A CD   1 
ATOM   935  O  OE1  . GLN A 1 59 ? -17.538 1.013   -9.508  1.000 72.390 ? 70  GLN A OE1  1 
ATOM   936  N  NE2  . GLN A 1 59 ? -15.904 0.270   -10.860 1.000 63.670 ? 70  GLN A NE2  1 
ATOM   937  H  H    . GLN A 1 59 ? -18.239 -2.774  -6.900  1.000 44.700 ? 70  GLN A H    1 
ATOM   938  H  HA   . GLN A 1 59 ? -15.589 -3.033  -7.890  1.000 45.040 ? 70  GLN A HA   1 
ATOM   939  H  HB2  . GLN A 1 59 ? -17.121 -0.763  -7.229  1.000 51.360 ? 70  GLN A HB2  1 
ATOM   940  H  HB3  . GLN A 1 59 ? -15.605 -0.607  -7.658  1.000 51.360 ? 70  GLN A HB3  1 
ATOM   941  H  HG2  . GLN A 1 59 ? -16.198 -1.842  -9.698  1.000 54.050 ? 70  GLN A HG2  1 
ATOM   942  H  HG3  . GLN A 1 59 ? -17.713 -1.614  -9.290  1.000 54.050 ? 70  GLN A HG3  1 
ATOM   943  N  N    . HIS A 1 60 ? -15.833 -2.854  -4.792  1.000 37.120 ? 71  HIS A N    1 
ATOM   944  C  CA   . HIS A 1 60 ? -15.108 -2.937  -3.503  1.000 38.720 ? 71  HIS A CA   1 
ATOM   945  C  C    . HIS A 1 60 ? -14.297 -4.236  -3.412  1.000 33.030 ? 71  HIS A C    1 
ATOM   946  O  O    . HIS A 1 60 ? -13.521 -4.365  -2.469  1.000 33.840 ? 71  HIS A O    1 
ATOM   947  C  CB   . HIS A 1 60 ? -16.085 -2.846  -2.331  1.000 41.070 ? 71  HIS A CB   1 
ATOM   948  C  CG   . HIS A 1 60 ? -17.169 -3.861  -2.394  1.000 46.200 ? 71  HIS A CG   1 
ATOM   949  N  ND1  . HIS A 1 60 ? -17.164 -4.991  -1.591  1.000 52.730 ? 71  HIS A ND1  1 
ATOM   950  C  CD2  . HIS A 1 60 ? -18.276 -3.937  -3.171  1.000 48.850 ? 71  HIS A CD2  1 
ATOM   951  C  CE1  . HIS A 1 60 ? -18.228 -5.723  -1.872  1.000 53.270 ? 71  HIS A CE1  1 
ATOM   952  N  NE2  . HIS A 1 60 ? -18.923 -5.099  -2.841  1.000 52.040 ? 71  HIS A NE2  1 
ATOM   953  H  H    . HIS A 1 60 ? -16.817 -3.082  -4.819  1.000 37.120 ? 71  HIS A H    1 
ATOM   954  H  HA   . HIS A 1 60 ? -14.472 -2.184  -3.461  1.000 38.720 ? 71  HIS A HA   1 
ATOM   955  H  HB2  . HIS A 1 60 ? -15.586 -2.963  -1.493  1.000 41.070 ? 71  HIS A HB2  1 
ATOM   956  H  HB3  . HIS A 1 60 ? -16.487 -1.949  -2.322  1.000 41.070 ? 71  HIS A HB3  1 
ATOM   957  H  HD2  . HIS A 1 60 ? -18.555 -3.315  -3.817  1.000 48.850 ? 71  HIS A HD2  1 
ATOM   958  H  HE1  . HIS A 1 60 ? -18.455 -6.542  -1.465  1.000 53.270 ? 71  HIS A HE1  1 
ATOM   959  N  N    . MET A 1 61 ? -14.583 -5.216  -4.268  1.000 32.870 ? 72  MET A N    1 
ATOM   960  C  CA   . MET A 1 61 ? -13.940 -6.546  -4.219  1.000 32.000 ? 72  MET A CA   1 
ATOM   961  C  C    . MET A 1 61 ? -12.712 -6.503  -5.121  1.000 32.360 ? 72  MET A C    1 
ATOM   962  O  O    . MET A 1 61 ? -12.819 -6.064  -6.288  1.000 31.140 ? 72  MET A O    1 
ATOM   963  C  CB   . MET A 1 61 ? -14.872 -7.648  -4.735  1.000 37.760 ? 72  MET A CB   1 
ATOM   964  C  CG   . MET A 1 61 ? -15.965 -8.042  -3.756  1.000 40.580 ? 72  MET A CG   1 
ATOM   965  S  SD   . MET A 1 61 ? -15.328 -8.572  -2.164  1.000 44.150 ? 72  MET A SD   1 
ATOM   966  C  CE   . MET A 1 61 ? -13.990 -9.663  -2.648  1.000 36.940 ? 72  MET A CE   1 
ATOM   967  H  H    . MET A 1 61 ? -15.273 -5.028  -4.980  1.000 32.870 ? 72  MET A H    1 
ATOM   968  H  HA   . MET A 1 61 ? -13.661 -6.725  -3.292  1.000 32.000 ? 72  MET A HA   1 
ATOM   969  H  HB2  . MET A 1 61 ? -15.290 -7.342  -5.565  1.000 37.760 ? 72  MET A HB2  1 
ATOM   970  H  HB3  . MET A 1 61 ? -14.336 -8.440  -4.941  1.000 37.760 ? 72  MET A HB3  1 
ATOM   971  H  HG2  . MET A 1 61 ? -16.563 -7.277  -3.615  1.000 40.580 ? 72  MET A HG2  1 
ATOM   972  H  HG3  . MET A 1 61 ? -16.495 -8.774  -4.140  1.000 40.580 ? 72  MET A HG3  1 
ATOM   973  H  HE1  . MET A 1 61 ? -13.564 -10.014 -1.863  1.000 36.940 ? 72  MET A HE1  1 
ATOM   974  H  HE2  . MET A 1 61 ? -14.341 -10.386 -3.173  1.000 36.940 ? 72  MET A HE2  1 
ATOM   975  H  HE3  . MET A 1 61 ? -13.346 -9.169  -3.170  1.000 36.940 ? 72  MET A HE3  1 
ATOM   976  N  N    . VAL A 1 62 ? -11.574 -6.906  -4.580  1.000 32.370 ? 73  VAL A N    1 
ATOM   977  C  CA   . VAL A 1 62 ? -10.300 -6.944  -5.344  1.000 28.180 ? 73  VAL A CA   1 
ATOM   978  C  C    . VAL A 1 62 ? -9.952  -8.407  -5.531  1.000 27.680 ? 73  VAL A C    1 
ATOM   979  O  O    . VAL A 1 62 ? -9.944  -9.110  -4.517  1.000 30.550 ? 73  VAL A O    1 
ATOM   980  C  CB   . VAL A 1 62 ? -9.201  -6.188  -4.579  1.000 28.080 ? 73  VAL A CB   1 
ATOM   981  C  CG1  . VAL A 1 62 ? -7.871  -6.329  -5.291  1.000 31.280 ? 73  VAL A CG1  1 
ATOM   982  C  CG2  . VAL A 1 62 ? -9.550  -4.710  -4.396  1.000 28.510 ? 73  VAL A CG2  1 
ATOM   983  H  H    . VAL A 1 62 ? -11.577 -7.197  -3.614  1.000 32.370 ? 73  VAL A H    1 
ATOM   984  H  HA   . VAL A 1 62 ? -10.450 -6.531  -6.213  1.000 28.180 ? 73  VAL A HA   1 
ATOM   985  H  HB   . VAL A 1 62 ? -9.138  -6.594  -3.679  1.000 28.080 ? 73  VAL A HB   1 
ATOM   986  H  HG11 . VAL A 1 62 ? -7.629  -7.269  -5.346  1.000 31.280 ? 73  VAL A HG11 1 
ATOM   987  H  HG12 . VAL A 1 62 ? -7.186  -5.845  -4.797  1.000 31.280 ? 73  VAL A HG12 1 
ATOM   988  H  HG13 . VAL A 1 62 ? -7.943  -5.961  -6.189  1.000 31.280 ? 73  VAL A HG13 1 
ATOM   989  H  HG21 . VAL A 1 62 ? -9.658  -4.292  -5.267  1.000 28.510 ? 73  VAL A HG21 1 
ATOM   990  H  HG22 . VAL A 1 62 ? -8.834  -4.265  -3.909  1.000 28.510 ? 73  VAL A HG22 1 
ATOM   991  H  HG23 . VAL A 1 62 ? -10.379 -4.632  -3.894  1.000 28.510 ? 73  VAL A HG23 1 
ATOM   992  N  N    . TYR A 1 63 ? -9.613  -8.850  -6.749  1.000 28.220 ? 74  TYR A N    1 
ATOM   993  C  CA   . TYR A 1 63 ? -9.177  -10.240 -6.983  1.000 26.790 ? 74  TYR A CA   1 
ATOM   994  C  C    . TYR A 1 63 ? -7.704  -10.249 -7.359  1.000 26.320 ? 74  TYR A C    1 
ATOM   995  O  O    . TYR A 1 63 ? -7.342  -10.070 -8.526  1.000 29.830 ? 74  TYR A O    1 
ATOM   996  C  CB   . TYR A 1 63 ? -10.058 -10.906 -8.031  1.000 30.900 ? 74  TYR A CB   1 
ATOM   997  C  CG   . TYR A 1 63 ? -11.439 -11.152 -7.504  1.000 26.510 ? 74  TYR A CG   1 
ATOM   998  C  CD1  . TYR A 1 63 ? -12.532 -10.430 -7.935  1.000 31.980 ? 74  TYR A CD1  1 
ATOM   999  C  CD2  . TYR A 1 63 ? -11.656 -12.196 -6.620  1.000 31.800 ? 74  TYR A CD2  1 
ATOM   1000 C  CE1  . TYR A 1 63 ? -13.806 -10.691 -7.464  1.000 32.910 ? 74  TYR A CE1  1 
ATOM   1001 C  CE2  . TYR A 1 63 ? -12.911 -12.433 -6.101  1.000 31.670 ? 74  TYR A CE2  1 
ATOM   1002 C  CZ   . TYR A 1 63 ? -13.992 -11.710 -6.552  1.000 30.990 ? 74  TYR A CZ   1 
ATOM   1003 O  OH   . TYR A 1 63 ? -15.239 -11.975 -6.058  1.000 33.190 ? 74  TYR A OH   1 
ATOM   1004 H  H    . TYR A 1 63 ? -9.658  -8.210  -7.529  1.000 28.220 ? 74  TYR A H    1 
ATOM   1005 H  HA   . TYR A 1 63 ? -9.291  -10.753 -6.143  1.000 26.790 ? 74  TYR A HA   1 
ATOM   1006 H  HB2  . TYR A 1 63 ? -10.088 -10.329 -8.823  1.000 30.900 ? 74  TYR A HB2  1 
ATOM   1007 H  HB3  . TYR A 1 63 ? -9.635  -11.748 -8.301  1.000 30.900 ? 74  TYR A HB3  1 
ATOM   1008 H  HD1  . TYR A 1 63 ? -12.413 -9.755  -8.583  1.000 31.980 ? 74  TYR A HD1  1 
ATOM   1009 H  HD2  . TYR A 1 63 ? -10.939 -12.755 -6.367  1.000 31.800 ? 74  TYR A HD2  1 
ATOM   1010 H  HE1  . TYR A 1 63 ? -14.539 -10.185 -7.772  1.000 32.910 ? 74  TYR A HE1  1 
ATOM   1011 H  HE2  . TYR A 1 63 ? -13.037 -13.130 -5.478  1.000 31.670 ? 74  TYR A HE2  1 
ATOM   1012 N  N    . CYS A 1 64 ? -6.882  -10.367 -6.328  1.000 26.270 ? 75  CYS A N    1 
ATOM   1013 C  CA   . CYS A 1 64 ? -5.426  -10.120 -6.385  1.000 29.270 ? 75  CYS A CA   1 
ATOM   1014 C  C    . CYS A 1 64 ? -4.651  -11.432 -6.554  1.000 31.260 ? 75  CYS A C    1 
ATOM   1015 O  O    . CYS A 1 64 ? -3.405  -11.385 -6.744  1.000 29.510 ? 75  CYS A O    1 
ATOM   1016 C  CB   . CYS A 1 64 ? -4.993  -9.352  -5.138  1.000 31.120 ? 75  CYS A CB   1 
ATOM   1017 S  SG   . CYS A 1 64 ? -5.612  -10.056 -3.588  1.000 30.670 ? 75  CYS A SG   1 
ATOM   1018 H  H    . CYS A 1 64 ? -7.300  -10.645 -5.452  1.000 26.270 ? 75  CYS A H    1 
ATOM   1019 H  HA   . CYS A 1 64 ? -5.243  -9.558  -7.172  1.000 29.270 ? 75  CYS A HA   1 
ATOM   1020 H  HB2  . CYS A 1 64 ? -4.014  -9.333  -5.097  1.000 31.120 ? 75  CYS A HB2  1 
ATOM   1021 H  HB3  . CYS A 1 64 ? -5.310  -8.429  -5.204  1.000 31.120 ? 75  CYS A HB3  1 
ATOM   1022 N  N    . GLY A 1 65 ? -5.317  -12.580 -6.506  1.000 28.500 ? 76  GLY A N    1 
ATOM   1023 C  CA   . GLY A 1 65 ? -4.653  -13.886 -6.597  1.000 29.830 ? 76  GLY A CA   1 
ATOM   1024 C  C    . GLY A 1 65 ? -3.939  -14.026 -7.934  1.000 30.470 ? 76  GLY A C    1 
ATOM   1025 O  O    . GLY A 1 65 ? -4.456  -13.555 -8.950  1.000 32.930 ? 76  GLY A O    1 
ATOM   1026 H  H    . GLY A 1 65 ? -6.321  -12.545 -6.404  1.000 28.500 ? 76  GLY A H    1 
ATOM   1027 H  HA2  . GLY A 1 65 ? -4.004  -13.971 -5.854  1.000 29.830 ? 76  GLY A HA2  1 
ATOM   1028 H  HA3  . GLY A 1 65 ? -5.331  -14.601 -6.496  1.000 29.830 ? 76  GLY A HA3  1 
ATOM   1029 N  N    . GLY A 1 66 ? -2.738  -14.566 -7.909  1.000 33.250 ? 77  GLY A N    1 
ATOM   1030 C  CA   . GLY A 1 66 ? -1.894  -14.676 -9.125  1.000 41.250 ? 77  GLY A CA   1 
ATOM   1031 C  C    . GLY A 1 66 ? -1.333  -13.334 -9.588  1.000 43.440 ? 77  GLY A C    1 
ATOM   1032 O  O    . GLY A 1 66 ? -0.689  -13.314 -10.672 1.000 47.240 ? 77  GLY A O    1 
ATOM   1033 H  H    . GLY A 1 66 ? -2.384  -14.917 -7.031  1.000 33.250 ? 77  GLY A H    1 
ATOM   1034 H  HA2  . GLY A 1 66 ? -1.139  -15.289 -8.940  1.000 41.250 ? 77  GLY A HA2  1 
ATOM   1035 H  HA3  . GLY A 1 66 ? -2.433  -15.065 -9.859  1.000 41.250 ? 77  GLY A HA3  1 
ATOM   1036 N  N    . ASP A 1 67 ? -1.593  -12.238 -8.853  1.000 37.440 ? 78  ASP A N    1 
ATOM   1037 C  CA   . ASP A 1 67 ? -0.849  -10.955 -9.005  1.000 34.060 ? 78  ASP A CA   1 
ATOM   1038 C  C    . ASP A 1 67 ? 0.197   -10.899 -7.895  1.000 31.660 ? 78  ASP A C    1 
ATOM   1039 O  O    . ASP A 1 67 ? -0.028  -11.484 -6.807  1.000 29.110 ? 78  ASP A O    1 
ATOM   1040 C  CB   . ASP A 1 67 ? -1.766  -9.726  -8.964  1.000 32.710 ? 78  ASP A CB   1 
ATOM   1041 C  CG   . ASP A 1 67 ? -1.080  -8.439  -9.411  1.000 35.850 ? 78  ASP A CG   1 
ATOM   1042 O  OD1  . ASP A 1 67 ? -1.037  -8.209  -10.649 1.000 36.170 ? 78  ASP A OD1  1 
ATOM   1043 O  OD2  . ASP A 1 67 ? -0.543  -7.702  -8.540  1.000 30.490 ? 78  ASP A OD2  1 
ATOM   1044 H  H    . ASP A 1 67 ? -2.332  -12.301 -8.167  1.000 37.440 ? 78  ASP A H    1 
ATOM   1045 H  HA   . ASP A 1 67 ? -0.401  -10.955 -9.883  1.000 34.060 ? 78  ASP A HA   1 
ATOM   1046 H  HB2  . ASP A 1 67 ? -2.524  -9.885  -9.564  1.000 32.710 ? 78  ASP A HB2  1 
ATOM   1047 H  HB3  . ASP A 1 67 ? -2.072  -9.597  -8.043  1.000 32.710 ? 78  ASP A HB3  1 
ATOM   1048 N  N    . LEU A 1 68 ? 1.315   -10.215 -8.135  1.000 29.720 ? 79  LEU A N    1 
ATOM   1049 C  CA   . LEU A 1 68 ? 2.293   -9.930  -7.066  1.000 28.040 ? 79  LEU A CA   1 
ATOM   1050 C  C    . LEU A 1 68 ? 1.552   -9.366  -5.844  1.000 24.940 ? 79  LEU A C    1 
ATOM   1051 O  O    . LEU A 1 68 ? 1.963   -9.677  -4.730  1.000 28.030 ? 79  LEU A O    1 
ATOM   1052 C  CB   . LEU A 1 68 ? 3.318   -8.927  -7.597  1.000 29.880 ? 79  LEU A CB   1 
ATOM   1053 C  CG   . LEU A 1 68 ? 4.432   -8.536  -6.640  1.000 29.890 ? 79  LEU A CG   1 
ATOM   1054 C  CD1  . LEU A 1 68 ? 5.261   -9.741  -6.245  1.000 33.310 ? 79  LEU A CD1  1 
ATOM   1055 C  CD2  . LEU A 1 68 ? 5.280   -7.447  -7.281  1.000 32.460 ? 79  LEU A CD2  1 
ATOM   1056 H  H    . LEU A 1 68 ? 1.497   -9.882  -9.071  1.000 29.720 ? 79  LEU A H    1 
ATOM   1057 H  HA   . LEU A 1 68 ? 2.732   -10.774 -6.811  1.000 28.040 ? 79  LEU A HA   1 
ATOM   1058 H  HB2  . LEU A 1 68 ? 3.729   -9.303  -8.401  1.000 29.880 ? 79  LEU A HB2  1 
ATOM   1059 H  HB3  . LEU A 1 68 ? 2.845   -8.113  -7.860  1.000 29.880 ? 79  LEU A HB3  1 
ATOM   1060 H  HG   . LEU A 1 68 ? 4.017   -8.175  -5.818  1.000 29.890 ? 79  LEU A HG   1 
ATOM   1061 H  HD11 . LEU A 1 68 ? 4.691   -10.397 -5.808  1.000 33.310 ? 79  LEU A HD11 1 
ATOM   1062 H  HD12 . LEU A 1 68 ? 5.966   -9.464  -5.635  1.000 33.310 ? 79  LEU A HD12 1 
ATOM   1063 H  HD13 . LEU A 1 68 ? 5.658   -10.136 -7.040  1.000 33.310 ? 79  LEU A HD13 1 
ATOM   1064 H  HD21 . LEU A 1 68 ? 5.663   -7.781  -8.111  1.000 32.460 ? 79  LEU A HD21 1 
ATOM   1065 H  HD22 . LEU A 1 68 ? 5.994   -7.192  -6.672  1.000 32.460 ? 79  LEU A HD22 1 
ATOM   1066 H  HD23 . LEU A 1 68 ? 4.723   -6.672  -7.469  1.000 32.460 ? 79  LEU A HD23 1 
ATOM   1067 N  N    . LEU A 1 69 ? 0.545   -8.507  -6.041  1.000 26.490 ? 80  LEU A N    1 
ATOM   1068 C  CA   . LEU A 1 69 ? -0.176  -7.896  -4.888  1.000 25.850 ? 80  LEU A CA   1 
ATOM   1069 C  C    . LEU A 1 69 ? -0.811  -9.018  -4.036  1.000 28.050 ? 80  LEU A C    1 
ATOM   1070 O  O    . LEU A 1 69 ? -0.808  -8.918  -2.824  1.000 26.920 ? 80  LEU A O    1 
ATOM   1071 C  CB   . LEU A 1 69 ? -1.198  -6.883  -5.391  1.000 29.630 ? 80  LEU A CB   1 
ATOM   1072 C  CG   . LEU A 1 69 ? -2.026  -6.261  -4.263  1.000 28.860 ? 80  LEU A CG   1 
ATOM   1073 C  CD1  . LEU A 1 69 ? -1.138  -5.507  -3.318  1.000 29.710 ? 80  LEU A CD1  1 
ATOM   1074 C  CD2  . LEU A 1 69 ? -3.118  -5.373  -4.810  1.000 33.290 ? 80  LEU A CD2  1 
ATOM   1075 H  H    . LEU A 1 69 ? 0.265   -8.265  -6.981  1.000 26.490 ? 80  LEU A H    1 
ATOM   1076 H  HA   . LEU A 1 69 ? 0.477   -7.407  -4.336  1.000 25.850 ? 80  LEU A HA   1 
ATOM   1077 H  HB2  . LEU A 1 69 ? -0.722  -6.181  -5.878  1.000 29.630 ? 80  LEU A HB2  1 
ATOM   1078 H  HB3  . LEU A 1 69 ? -1.790  -7.333  -6.027  1.000 29.630 ? 80  LEU A HB3  1 
ATOM   1079 H  HG   . LEU A 1 69 ? -2.457  -6.995  -3.759  1.000 28.860 ? 80  LEU A HG   1 
ATOM   1080 H  HD11 . LEU A 1 69 ? -0.483  -6.114  -2.933  1.000 29.710 ? 80  LEU A HD11 1 
ATOM   1081 H  HD12 . LEU A 1 69 ? -1.677  -5.117  -2.607  1.000 29.710 ? 80  LEU A HD12 1 
ATOM   1082 H  HD13 . LEU A 1 69 ? -0.678  -4.799  -3.801  1.000 29.710 ? 80  LEU A HD13 1 
ATOM   1083 H  HD21 . LEU A 1 69 ? -2.721  -4.656  -5.334  1.000 33.290 ? 80  LEU A HD21 1 
ATOM   1084 H  HD22 . LEU A 1 69 ? -3.627  -4.993  -4.072  1.000 33.290 ? 80  LEU A HD22 1 
ATOM   1085 H  HD23 . LEU A 1 69 ? -3.710  -5.898  -5.376  1.000 33.290 ? 80  LEU A HD23 1 
ATOM   1086 N  N    . GLY A 1 70 ? -1.425  -10.025 -4.637  1.000 27.120 ? 81  GLY A N    1 
ATOM   1087 C  CA   . GLY A 1 70 ? -2.014  -11.145 -3.873  1.000 27.860 ? 81  GLY A CA   1 
ATOM   1088 C  C    . GLY A 1 70 ? -0.953  -11.951 -3.167  1.000 28.110 ? 81  GLY A C    1 
ATOM   1089 O  O    . GLY A 1 70 ? -1.169  -12.384 -2.007  1.000 25.940 ? 81  GLY A O    1 
ATOM   1090 H  H    . GLY A 1 70 ? -1.491  -10.027 -5.645  1.000 27.120 ? 81  GLY A H    1 
ATOM   1091 H  HA2  . GLY A 1 70 ? -2.652  -10.783 -3.208  1.000 27.860 ? 81  GLY A HA2  1 
ATOM   1092 H  HA3  . GLY A 1 70 ? -2.516  -11.731 -4.494  1.000 27.860 ? 81  GLY A HA3  1 
ATOM   1093 N  N    . GLU A 1 71 ? 0.222   -12.099 -3.781  1.000 27.780 ? 82  GLU A N    1 
ATOM   1094 C  CA   . GLU A 1 71 ? 1.355   -12.735 -3.082  1.000 32.050 ? 82  GLU A CA   1 
ATOM   1095 C  C    . GLU A 1 71 ? 1.722   -11.970 -1.826  1.000 31.720 ? 82  GLU A C    1 
ATOM   1096 O  O    . GLU A 1 71 ? 1.977   -12.588 -0.759  1.000 31.780 ? 82  GLU A O    1 
ATOM   1097 C  CB   . GLU A 1 71 ? 2.579   -12.774 -3.992  1.000 35.890 ? 82  GLU A CB   1 
ATOM   1098 C  CG   . GLU A 1 71 ? 2.706   -14.086 -4.695  1.000 37.850 ? 82  GLU A CG   1 
ATOM   1099 C  CD   . GLU A 1 71 ? 4.107   -14.334 -5.217  1.000 40.180 ? 82  GLU A CD   1 
ATOM   1100 O  OE1  . GLU A 1 71 ? 4.387   -13.793 -6.274  1.000 33.240 ? 82  GLU A OE1  1 
ATOM   1101 O  OE2  . GLU A 1 71 ? 4.901   -15.056 -4.552  1.000 35.720 ? 82  GLU A OE2  1 
ATOM   1102 H  H    . GLU A 1 71 ? 0.347   -11.777 -4.730  1.000 27.780 ? 82  GLU A H    1 
ATOM   1103 H  HA   . GLU A 1 71 ? 1.087   -13.645 -2.815  1.000 32.050 ? 82  GLU A HA   1 
ATOM   1104 H  HB2  . GLU A 1 71 ? 2.501   -12.053 -4.650  1.000 35.890 ? 82  GLU A HB2  1 
ATOM   1105 H  HB3  . GLU A 1 71 ? 3.378   -12.612 -3.448  1.000 35.890 ? 82  GLU A HB3  1 
ATOM   1106 H  HG2  . GLU A 1 71 ? 2.456   -14.804 -4.075  1.000 37.850 ? 82  GLU A HG2  1 
ATOM   1107 H  HG3  . GLU A 1 71 ? 2.070   -14.109 -5.442  1.000 37.850 ? 82  GLU A HG3  1 
ATOM   1108 N  N    . LEU A 1 72 ? 1.835   -10.646 -1.927  1.000 28.360 ? 83  LEU A N    1 
ATOM   1109 C  CA   . LEU A 1 72 ? 2.199   -9.828  -0.750  1.000 31.460 ? 83  LEU A CA   1 
ATOM   1110 C  C    . LEU A 1 72 ? 1.130   -9.932  0.322   1.000 31.240 ? 83  LEU A C    1 
ATOM   1111 O  O    . LEU A 1 72 ? 1.506   -9.949  1.489   1.000 31.960 ? 83  LEU A O    1 
ATOM   1112 C  CB   . LEU A 1 72 ? 2.365   -8.362  -1.150  1.000 31.360 ? 83  LEU A CB   1 
ATOM   1113 C  CG   . LEU A 1 72 ? 3.756   -7.934  -1.563  1.000 39.520 ? 83  LEU A CG   1 
ATOM   1114 C  CD1  . LEU A 1 72 ? 3.779   -6.426  -1.769  1.000 41.150 ? 83  LEU A CD1  1 
ATOM   1115 C  CD2  . LEU A 1 72 ? 4.799   -8.348  -0.530  1.000 37.960 ? 83  LEU A CD2  1 
ATOM   1116 H  H    . LEU A 1 72 ? 1.673   -10.188 -2.813  1.000 28.360 ? 83  LEU A H    1 
ATOM   1117 H  HA   . LEU A 1 72 ? 3.043   -10.175 -0.377  1.000 31.460 ? 83  LEU A HA   1 
ATOM   1118 H  HB2  . LEU A 1 72 ? 1.758   -8.176  -1.893  1.000 31.360 ? 83  LEU A HB2  1 
ATOM   1119 H  HB3  . LEU A 1 72 ? 2.087   -7.804  -0.396  1.000 31.360 ? 83  LEU A HB3  1 
ATOM   1120 H  HG   . LEU A 1 72 ? 3.977   -8.388  -2.413  1.000 39.520 ? 83  LEU A HG   1 
ATOM   1121 H  HD11 . LEU A 1 72 ? 3.143   -6.184  -2.464  1.000 41.150 ? 83  LEU A HD11 1 
ATOM   1122 H  HD12 . LEU A 1 72 ? 4.672   -6.148  -2.034  1.000 41.150 ? 83  LEU A HD12 1 
ATOM   1123 H  HD13 . LEU A 1 72 ? 3.535   -5.982  -0.938  1.000 41.150 ? 83  LEU A HD13 1 
ATOM   1124 H  HD21 . LEU A 1 72 ? 4.590   -7.935  0.326   1.000 37.960 ? 83  LEU A HD21 1 
ATOM   1125 H  HD22 . LEU A 1 72 ? 5.680   -8.060  -0.825  1.000 37.960 ? 83  LEU A HD22 1 
ATOM   1126 H  HD23 . LEU A 1 72 ? 4.791   -9.316  -0.432  1.000 37.960 ? 83  LEU A HD23 1 
ATOM   1127 N  N    . LEU A 1 73 ? -0.158  -9.917  -0.055  1.000 25.460 ? 84  LEU A N    1 
ATOM   1128 C  CA   . LEU A 1 73 ? -1.279  -9.937  0.906   1.000 27.320 ? 84  LEU A CA   1 
ATOM   1129 C  C    . LEU A 1 73 ? -1.484  -11.353 1.444   1.000 28.710 ? 84  LEU A C    1 
ATOM   1130 O  O    . LEU A 1 73 ? -2.105  -11.497 2.509   1.000 30.140 ? 84  LEU A O    1 
ATOM   1131 C  CB   . LEU A 1 73 ? -2.570  -9.439  0.238   1.000 27.010 ? 84  LEU A CB   1 
ATOM   1132 C  CG   . LEU A 1 73 ? -2.594  -7.967  -0.168  1.000 30.660 ? 84  LEU A CG   1 
ATOM   1133 C  CD1  . LEU A 1 73 ? -3.770  -7.667  -1.067  1.000 35.150 ? 84  LEU A CD1  1 
ATOM   1134 C  CD2  . LEU A 1 73 ? -2.656  -7.081  1.050   1.000 32.330 ? 84  LEU A CD2  1 
ATOM   1135 H  H    . LEU A 1 73 ? -0.358  -9.892  -1.046  1.000 25.460 ? 84  LEU A H    1 
ATOM   1136 H  HA   . LEU A 1 73 ? -1.054  -9.346  1.661   1.000 27.320 ? 84  LEU A HA   1 
ATOM   1137 H  HB2  . LEU A 1 73 ? -2.730  -9.978  -0.563  1.000 27.010 ? 84  LEU A HB2  1 
ATOM   1138 H  HB3  . LEU A 1 73 ? -3.315  -9.597  0.853   1.000 27.010 ? 84  LEU A HB3  1 
ATOM   1139 H  HG   . LEU A 1 73 ? -1.754  -7.769  -0.651  1.000 30.660 ? 84  LEU A HG   1 
ATOM   1140 H  HD11 . LEU A 1 73 ? -3.711  -8.210  -1.872  1.000 35.150 ? 84  LEU A HD11 1 
ATOM   1141 H  HD12 . LEU A 1 73 ? -3.762  -6.724  -1.309  1.000 35.150 ? 84  LEU A HD12 1 
ATOM   1142 H  HD13 . LEU A 1 73 ? -4.598  -7.872  -0.597  1.000 35.150 ? 84  LEU A HD13 1 
ATOM   1143 H  HD21 . LEU A 1 73 ? -3.463  -7.282  1.556   1.000 32.330 ? 84  LEU A HD21 1 
ATOM   1144 H  HD22 . LEU A 1 73 ? -2.670  -6.148  0.774   1.000 32.330 ? 84  LEU A HD22 1 
ATOM   1145 H  HD23 . LEU A 1 73 ? -1.876  -7.241  1.609   1.000 32.330 ? 84  LEU A HD23 1 
ATOM   1146 N  N    . GLY A 1 74 ? -1.041  -12.362 0.719   1.000 27.450 ? 85  GLY A N    1 
ATOM   1147 C  CA   . GLY A 1 74 ? -1.321  -13.757 1.052   1.000 28.670 ? 85  GLY A CA   1 
ATOM   1148 C  C    . GLY A 1 74 ? -2.788  -14.063 0.875   1.000 32.360 ? 85  GLY A C    1 
ATOM   1149 O  O    . GLY A 1 74 ? -3.365  -14.842 1.663   1.000 32.250 ? 85  GLY A O    1 
ATOM   1150 H  H    . GLY A 1 74 ? -0.487  -12.153 -0.099  1.000 27.450 ? 85  GLY A H    1 
ATOM   1151 H  HA2  . GLY A 1 74 ? -0.781  -14.344 0.466   1.000 28.670 ? 85  GLY A HA2  1 
ATOM   1152 H  HA3  . GLY A 1 74 ? -1.052  -13.925 1.989   1.000 28.670 ? 85  GLY A HA3  1 
ATOM   1153 N  N    . ARG A 1 75 ? -3.388  -13.447 -0.120  1.000 28.690 ? 86  ARG A N    1 
ATOM   1154 C  CA   . ARG A 1 75 ? -4.830  -13.616 -0.363  1.000 30.020 ? 86  ARG A CA   1 
ATOM   1155 C  C    . ARG A 1 75 ? -5.128  -13.762 -1.843  1.000 31.580 ? 86  ARG A C    1 
ATOM   1156 O  O    . ARG A 1 75 ? -4.419  -13.172 -2.679  1.000 29.540 ? 86  ARG A O    1 
ATOM   1157 C  CB   . ARG A 1 75 ? -5.579  -12.413 0.202   1.000 34.240 ? 86  ARG A CB   1 
ATOM   1158 C  CG   . ARG A 1 75 ? -5.580  -12.451 1.713   1.000 40.080 ? 86  ARG A CG   1 
ATOM   1159 C  CD   . ARG A 1 75 ? -6.670  -11.659 2.336   1.000 47.300 ? 86  ARG A CD   1 
ATOM   1160 N  NE   . ARG A 1 75 ? -7.983  -12.201 2.011   1.000 49.980 ? 86  ARG A NE   1 
ATOM   1161 C  CZ   . ARG A 1 75 ? -8.859  -12.671 2.888   1.000 51.860 ? 86  ARG A CZ   1 
ATOM   1162 N  NH1  . ARG A 1 75 ? -10.037 -13.104 2.464   1.000 56.340 ? 86  ARG A NH1  1 
ATOM   1163 N  NH2  . ARG A 1 75 ? -8.551  -12.721 4.174   1.000 49.440 ? 86  ARG A NH2  1 
ATOM   1164 H  H    . ARG A 1 75 ? -2.853  -12.846 -0.730  1.000 28.690 ? 86  ARG A H    1 
ATOM   1165 H  HA   . ARG A 1 75 ? -5.129  -14.440 0.087   1.000 30.020 ? 86  ARG A HA   1 
ATOM   1166 H  HB2  . ARG A 1 75 ? -5.147  -11.596 -0.122  1.000 34.240 ? 86  ARG A HB2  1 
ATOM   1167 H  HB3  . ARG A 1 75 ? -6.496  -12.427 -0.144  1.000 34.240 ? 86  ARG A HB3  1 
ATOM   1168 H  HG2  . ARG A 1 75 ? -5.668  -13.381 2.013   1.000 40.080 ? 86  ARG A HG2  1 
ATOM   1169 H  HG3  . ARG A 1 75 ? -4.723  -12.107 2.046   1.000 40.080 ? 86  ARG A HG3  1 
ATOM   1170 H  HD2  . ARG A 1 75 ? -6.550  -11.653 3.310   1.000 47.300 ? 86  ARG A HD2  1 
ATOM   1171 H  HD3  . ARG A 1 75 ? -6.612  -10.730 2.025   1.000 47.300 ? 86  ARG A HD3  1 
ATOM   1172 H  HE   . ARG A 1 75 ? -8.220  -12.221 1.172   1.000 49.980 ? 86  ARG A HE   1 
ATOM   1173 H  HH11 . ARG A 1 75 ? -10.231 -13.077 1.606   1.000 56.340 ? 86  ARG A HH11 1 
ATOM   1174 H  HH12 . ARG A 1 75 ? -10.622 -13.417 3.040   1.000 56.340 ? 86  ARG A HH12 1 
ATOM   1175 H  HH21 . ARG A 1 75 ? -7.762  -12.440 4.447   1.000 49.440 ? 86  ARG A HH21 1 
ATOM   1176 H  HH22 . ARG A 1 75 ? -9.137  -13.034 4.753   1.000 49.440 ? 86  ARG A HH22 1 
ATOM   1177 N  N    . GLN A 1 76 ? -6.243  -14.435 -2.149  1.000 28.910 ? 87  GLN A N    1 
ATOM   1178 C  CA   . GLN A 1 76 ? -6.783  -14.491 -3.533  1.000 31.370 ? 87  GLN A CA   1 
ATOM   1179 C  C    . GLN A 1 76 ? -7.670  -13.271 -3.766  1.000 26.250 ? 87  GLN A C    1 
ATOM   1180 O  O    . GLN A 1 76 ? -7.864  -12.845 -4.904  1.000 25.260 ? 87  GLN A O    1 
ATOM   1181 C  CB   . GLN A 1 76 ? -7.646  -15.742 -3.738  1.000 33.570 ? 87  GLN A CB   1 
ATOM   1182 C  CG   . GLN A 1 76 ? -6.886  -17.028 -3.512  1.000 37.170 ? 87  GLN A CG   1 
ATOM   1183 C  CD   . GLN A 1 76 ? -6.284  -17.466 -4.813  1.000 42.210 ? 87  GLN A CD   1 
ATOM   1184 O  OE1  . GLN A 1 76 ? -5.684  -16.679 -5.528  1.000 46.280 ? 87  GLN A OE1  1 
ATOM   1185 N  NE2  . GLN A 1 76 ? -6.556  -18.705 -5.195  1.000 46.730 ? 87  GLN A NE2  1 
ATOM   1186 H  H    . GLN A 1 76 ? -6.731  -14.921 -1.410  1.000 28.910 ? 87  GLN A H    1 
ATOM   1187 H  HA   . GLN A 1 76 ? -6.028  -14.465 -4.164  1.000 31.370 ? 87  GLN A HA   1 
ATOM   1188 H  HB2  . GLN A 1 76 ? -8.407  -15.700 -3.121  1.000 33.570 ? 87  GLN A HB2  1 
ATOM   1189 H  HB3  . GLN A 1 76 ? -8.000  -15.729 -4.652  1.000 33.570 ? 87  GLN A HB3  1 
ATOM   1190 H  HG2  . GLN A 1 76 ? -6.189  -16.877 -2.838  1.000 37.170 ? 87  GLN A HG2  1 
ATOM   1191 H  HG3  . GLN A 1 76 ? -7.501  -17.709 -3.164  1.000 37.170 ? 87  GLN A HG3  1 
ATOM   1192 N  N    . SER A 1 77 ? -8.321  -12.810 -2.715  1.000 25.440 ? 88  SER A N    1 
ATOM   1193 C  CA   . SER A 1 77 ? -9.294  -11.716 -2.820  1.000 27.520 ? 88  SER A CA   1 
ATOM   1194 C  C    . SER A 1 77 ? -9.309  -10.952 -1.516  1.000 28.020 ? 88  SER A C    1 
ATOM   1195 O  O    . SER A 1 77 ? -8.939  -11.505 -0.467  1.000 28.980 ? 88  SER A O    1 
ATOM   1196 C  CB   . SER A 1 77 ? -10.701 -12.234 -3.115  1.000 30.250 ? 88  SER A CB   1 
ATOM   1197 O  OG   . SER A 1 77 ? -11.227 -12.917 -1.961  1.000 30.620 ? 88  SER A OG   1 
ATOM   1198 H  H    . SER A 1 77 ? -8.143  -13.225 -1.812  1.000 25.440 ? 88  SER A H    1 
ATOM   1199 H  HA   . SER A 1 77 ? -8.994  -11.106 -3.546  1.000 27.520 ? 88  SER A HA   1 
ATOM   1200 H  HB2  . SER A 1 77 ? -11.284 -11.476 -3.349  1.000 30.250 ? 88  SER A HB2  1 
ATOM   1201 H  HB3  . SER A 1 77 ? -10.666 -12.850 -3.881  1.000 30.250 ? 88  SER A HB3  1 
ATOM   1202 N  N    . PHE A 1 78 ? -9.748  -9.718  -1.575  1.000 28.390 ? 89  PHE A N    1 
ATOM   1203 C  CA   . PHE A 1 78 ? -10.203 -9.025  -0.349  1.000 31.660 ? 89  PHE A CA   1 
ATOM   1204 C  C    . PHE A 1 78 ? -11.199 -7.937  -0.712  1.000 31.910 ? 89  PHE A C    1 
ATOM   1205 O  O    . PHE A 1 78 ? -11.256 -7.468  -1.859  1.000 32.730 ? 89  PHE A O    1 
ATOM   1206 C  CB   . PHE A 1 78 ? -9.004  -8.492  0.427   1.000 32.690 ? 89  PHE A CB   1 
ATOM   1207 C  CG   . PHE A 1 78 ? -8.350  -7.280  -0.196  1.000 34.230 ? 89  PHE A CG   1 
ATOM   1208 C  CD1  . PHE A 1 78 ? -8.624  -6.004  0.280   1.000 40.900 ? 89  PHE A CD1  1 
ATOM   1209 C  CD2  . PHE A 1 78 ? -7.447  -7.420  -1.231  1.000 34.960 ? 89  PHE A CD2  1 
ATOM   1210 C  CE1  . PHE A 1 78 ? -8.020  -4.885  -0.281  1.000 36.500 ? 89  PHE A CE1  1 
ATOM   1211 C  CE2  . PHE A 1 78 ? -6.846  -6.299  -1.810  1.000 36.990 ? 89  PHE A CE2  1 
ATOM   1212 C  CZ   . PHE A 1 78 ? -7.152  -5.038  -1.346  1.000 37.900 ? 89  PHE A CZ   1 
ATOM   1213 H  H    . PHE A 1 78 ? -9.779  -9.229  -2.458  1.000 28.390 ? 89  PHE A H    1 
ATOM   1214 H  HA   . PHE A 1 78 ? -10.660 -9.683  0.235   1.000 31.660 ? 89  PHE A HA   1 
ATOM   1215 H  HB2  . PHE A 1 78 ? -9.298  -8.267  1.334   1.000 32.690 ? 89  PHE A HB2  1 
ATOM   1216 H  HB3  . PHE A 1 78 ? -8.341  -9.209  0.506   1.000 32.690 ? 89  PHE A HB3  1 
ATOM   1217 H  HD1  . PHE A 1 78 ? -9.225  -5.894  0.999   1.000 40.900 ? 89  PHE A HD1  1 
ATOM   1218 H  HD2  . PHE A 1 78 ? -7.235  -8.282  -1.550  1.000 34.960 ? 89  PHE A HD2  1 
ATOM   1219 H  HE1  . PHE A 1 78 ? -8.219  -4.026  0.056   1.000 36.500 ? 89  PHE A HE1  1 
ATOM   1220 H  HE2  . PHE A 1 78 ? -6.254  -6.402  -2.537  1.000 36.990 ? 89  PHE A HE2  1 
ATOM   1221 H  HZ   . PHE A 1 78 ? -6.739  -4.281  -1.730  1.000 37.900 ? 89  PHE A HZ   1 
ATOM   1222 N  N    . SER A 1 79 ? -12.001 -7.559  0.279   1.000 31.220 ? 90  SER A N    1 
ATOM   1223 C  CA   . SER A 1 79 ? -12.928 -6.413  0.194   1.000 33.780 ? 90  SER A CA   1 
ATOM   1224 C  C    . SER A 1 79 ? -12.246 -5.207  0.816   1.000 29.080 ? 90  SER A C    1 
ATOM   1225 O  O    . SER A 1 79 ? -11.703 -5.383  1.914   1.000 31.890 ? 90  SER A O    1 
ATOM   1226 C  CB   . SER A 1 79 ? -14.256 -6.713  0.882   1.000 36.100 ? 90  SER A CB   1 
ATOM   1227 O  OG   . SER A 1 79 ? -15.045 -5.552  0.843   1.000 39.450 ? 90  SER A OG   1 
ATOM   1228 H  H    . SER A 1 79 ? -11.960 -8.098  1.132   1.000 31.220 ? 90  SER A H    1 
ATOM   1229 H  HA   . SER A 1 79 ? -13.102 -6.228  -0.769  1.000 33.780 ? 90  SER A HA   1 
ATOM   1230 H  HB2  . SER A 1 79 ? -14.705 -7.455  0.415   1.000 36.100 ? 90  SER A HB2  1 
ATOM   1231 H  HB3  . SER A 1 79 ? -14.085 -6.985  1.812   1.000 36.100 ? 90  SER A HB3  1 
ATOM   1232 N  N    . VAL A 1 80 ? -12.317 -4.041  0.164   1.000 33.640 ? 91  VAL A N    1 
ATOM   1233 C  CA   . VAL A 1 80 ? -11.806 -2.764  0.761   1.000 35.820 ? 91  VAL A CA   1 
ATOM   1234 C  C    . VAL A 1 80 ? -12.640 -2.412  2.006   1.000 42.570 ? 91  VAL A C    1 
ATOM   1235 O  O    . VAL A 1 80 ? -12.156 -1.617  2.817   1.000 46.840 ? 91  VAL A O    1 
ATOM   1236 C  CB   . VAL A 1 80 ? -11.818 -1.599  -0.238  1.000 37.870 ? 91  VAL A CB   1 
ATOM   1237 C  CG1  . VAL A 1 80 ? -10.991 -1.911  -1.465  1.000 38.890 ? 91  VAL A CG1  1 
ATOM   1238 C  CG2  . VAL A 1 80 ? -13.242 -1.206  -0.617  1.000 41.320 ? 91  VAL A CG2  1 
ATOM   1239 H  H    . VAL A 1 80 ? -12.727 -4.024  -0.759  1.000 33.640 ? 91  VAL A H    1 
ATOM   1240 H  HA   . VAL A 1 80 ? -10.883 -2.903  1.041   1.000 35.820 ? 91  VAL A HA   1 
ATOM   1241 H  HB   . VAL A 1 80 ? -11.400 -0.824  0.211   1.000 37.870 ? 91  VAL A HB   1 
ATOM   1242 H  HG11 . VAL A 1 80 ? -10.070 -2.080  -1.201  1.000 38.890 ? 91  VAL A HG11 1 
ATOM   1243 H  HG12 . VAL A 1 80 ? -11.019 -1.155  -2.077  1.000 38.890 ? 91  VAL A HG12 1 
ATOM   1244 H  HG13 . VAL A 1 80 ? -11.350 -2.699  -1.908  1.000 38.890 ? 91  VAL A HG13 1 
ATOM   1245 H  HG21 . VAL A 1 80 ? -13.691 -1.966  -1.024  1.000 41.320 ? 91  VAL A HG21 1 
ATOM   1246 H  HG22 . VAL A 1 80 ? -13.216 -0.466  -1.249  1.000 41.320 ? 91  VAL A HG22 1 
ATOM   1247 H  HG23 . VAL A 1 80 ? -13.727 -0.932  0.181   1.000 41.320 ? 91  VAL A HG23 1 
ATOM   1248 N  N    . LYS A 1 81 ? -13.837 -2.995  2.147   1.000 45.610 ? 92  LYS A N    1 
ATOM   1249 C  CA   . LYS A 1 81 ? -14.737 -2.813  3.322   1.000 49.720 ? 92  LYS A CA   1 
ATOM   1250 C  C    . LYS A 1 81 ? -14.208 -3.609  4.519   1.000 50.710 ? 92  LYS A C    1 
ATOM   1251 O  O    . LYS A 1 81 ? -14.704 -3.387  5.648   1.000 49.510 ? 92  LYS A O    1 
ATOM   1252 C  CB   . LYS A 1 81 ? -16.161 -3.283  3.000   1.000 53.280 ? 92  LYS A CB   1 
ATOM   1253 C  CG   . LYS A 1 81 ? -16.840 -2.548  1.855   1.000 59.770 ? 92  LYS A CG   1 
ATOM   1254 C  CD   . LYS A 1 81 ? -18.324 -2.855  1.731   1.000 66.020 ? 92  LYS A CD   1 
ATOM   1255 C  CE   . LYS A 1 81 ? -18.838 -2.677  0.315   1.000 67.790 ? 92  LYS A CE   1 
ATOM   1256 N  NZ   . LYS A 1 81 ? -20.266 -2.282  0.264   1.000 63.480 ? 92  LYS A NZ   1 
ATOM   1257 H  H    . LYS A 1 81 ? -14.129 -3.597  1.391   1.000 45.610 ? 92  LYS A H    1 
ATOM   1258 H  HA   . LYS A 1 81 ? -14.746 -1.858  3.564   1.000 49.720 ? 92  LYS A HA   1 
ATOM   1259 H  HB2  . LYS A 1 81 ? -16.133 -4.239  2.787   1.000 53.280 ? 92  LYS A HB2  1 
ATOM   1260 H  HB3  . LYS A 1 81 ? -16.711 -3.187  3.806   1.000 53.280 ? 92  LYS A HB3  1 
ATOM   1261 H  HG2  . LYS A 1 81 ? -16.729 -1.584  1.993   1.000 59.770 ? 92  LYS A HG2  1 
ATOM   1262 H  HG3  . LYS A 1 81 ? -16.396 -2.797  1.017   1.000 59.770 ? 92  LYS A HG3  1 
ATOM   1263 H  HD2  . LYS A 1 81 ? -18.485 -3.779  2.018   1.000 66.020 ? 92  LYS A HD2  1 
ATOM   1264 H  HD3  . LYS A 1 81 ? -18.825 -2.264  2.333   1.000 66.020 ? 92  LYS A HD3  1 
ATOM   1265 H  HE2  . LYS A 1 81 ? -18.313 -1.990  -0.139  1.000 67.790 ? 92  LYS A HE2  1 
ATOM   1266 H  HE3  . LYS A 1 81 ? -18.731 -3.512  -0.179  1.000 67.790 ? 92  LYS A HE3  1 
ATOM   1267 H  HZ1  . LYS A 1 81 ? -20.774 -2.918  0.663   1.000 63.480 ? 92  LYS A HZ1  1 
ATOM   1268 H  HZ2  . LYS A 1 81 ? -20.527 -2.184  -0.599  1.000 63.480 ? 92  LYS A HZ2  1 
ATOM   1269 H  HZ3  . LYS A 1 81 ? -20.383 -1.495  0.698   1.000 63.480 ? 92  LYS A HZ3  1 
ATOM   1270 N  N    . ASP A 1 82 ? -13.279 -4.535  4.288   1.000 40.930 ? 93  ASP A N    1 
ATOM   1271 C  CA   . ASP A 1 82 ? -12.713 -5.416  5.334   1.000 42.650 ? 93  ASP A CA   1 
ATOM   1272 C  C    . ASP A 1 82 ? -11.210 -5.551  5.100   1.000 40.490 ? 93  ASP A C    1 
ATOM   1273 O  O    . ASP A 1 82 ? -10.726 -6.604  4.692   1.000 38.180 ? 93  ASP A O    1 
ATOM   1274 C  CB   . ASP A 1 82 ? -13.449 -6.752  5.338   1.000 54.100 ? 93  ASP A CB   1 
ATOM   1275 C  CG   . ASP A 1 82 ? -12.969 -7.673  6.442   1.000 59.660 ? 93  ASP A CG   1 
ATOM   1276 O  OD1  . ASP A 1 82 ? -12.081 -7.260  7.239   1.000 65.680 ? 93  ASP A OD1  1 
ATOM   1277 O  OD2  . ASP A 1 82 ? -13.464 -8.806  6.484   1.000 68.750 ? 93  ASP A OD2  1 
ATOM   1278 H  H    . ASP A 1 82 ? -12.953 -4.627  3.336   1.000 40.930 ? 93  ASP A H    1 
ATOM   1279 H  HA   . ASP A 1 82 ? -12.865 -4.995  6.213   1.000 42.650 ? 93  ASP A HA   1 
ATOM   1280 H  HB2  . ASP A 1 82 ? -14.403 -6.580  5.473   1.000 54.100 ? 93  ASP A HB2  1 
ATOM   1281 H  HB3  . ASP A 1 82 ? -13.293 -7.194  4.479   1.000 54.100 ? 93  ASP A HB3  1 
ATOM   1282 N  N    . PRO A 1 83 ? -10.437 -4.467  5.333   1.000 41.210 ? 94  PRO A N    1 
ATOM   1283 C  CA   . PRO A 1 83 ? -9.077  -4.330  4.806   1.000 40.140 ? 94  PRO A CA   1 
ATOM   1284 C  C    . PRO A 1 83 ? -7.991  -4.832  5.762   1.000 40.360 ? 94  PRO A C    1 
ATOM   1285 O  O    . PRO A 1 83 ? -6.844  -4.435  5.668   1.000 34.340 ? 94  PRO A O    1 
ATOM   1286 C  CB   . PRO A 1 83 ? -9.018  -2.803  4.626   1.000 44.940 ? 94  PRO A CB   1 
ATOM   1287 C  CG   . PRO A 1 83 ? -9.759  -2.262  5.853   1.000 43.120 ? 94  PRO A CG   1 
ATOM   1288 C  CD   . PRO A 1 83 ? -10.837 -3.291  6.129   1.000 42.370 ? 94  PRO A CD   1 
ATOM   1289 H  HA   . PRO A 1 83 ? -9.005  -4.827  3.953   1.000 40.140 ? 94  PRO A HA   1 
ATOM   1290 H  HB2  . PRO A 1 83 ? -8.091  -2.488  4.596   1.000 44.940 ? 94  PRO A HB2  1 
ATOM   1291 H  HB3  . PRO A 1 83 ? -9.456  -2.531  3.792   1.000 44.940 ? 94  PRO A HB3  1 
ATOM   1292 H  HG2  . PRO A 1 83 ? -9.149  -2.170  6.616   1.000 43.120 ? 94  PRO A HG2  1 
ATOM   1293 H  HG3  . PRO A 1 83 ? -10.146 -1.380  5.667   1.000 43.120 ? 94  PRO A HG3  1 
ATOM   1294 H  HD2  . PRO A 1 83 ? -10.878 -3.506  7.084   1.000 42.370 ? 94  PRO A HD2  1 
ATOM   1295 H  HD3  . PRO A 1 83 ? -11.716 -2.957  5.854   1.000 42.370 ? 94  PRO A HD3  1 
ATOM   1296 N  N    . SER A 1 84 ? -8.354  -5.717  6.700   1.000 38.520 ? 95  SER A N    1 
ATOM   1297 C  CA   . SER A 1 84 ? -7.392  -6.237  7.705   1.000 39.990 ? 95  SER A CA   1 
ATOM   1298 C  C    . SER A 1 84 ? -6.157  -6.777  6.988   1.000 31.740 ? 95  SER A C    1 
ATOM   1299 O  O    . SER A 1 84 ? -5.044  -6.529  7.400   1.000 33.260 ? 95  SER A O    1 
ATOM   1300 C  CB   . SER A 1 84 ? -8.028  -7.285  8.597   1.000 42.640 ? 95  SER A CB   1 
ATOM   1301 O  OG   . SER A 1 84 ? -9.297  -6.839  9.038   1.000 51.950 ? 95  SER A OG   1 
ATOM   1302 H  H    . SER A 1 84 ? -9.311  -6.039  6.722   1.000 38.520 ? 95  SER A H    1 
ATOM   1303 H  HA   . SER A 1 84 ? -7.114  -5.479  8.287   1.000 39.990 ? 95  SER A HA   1 
ATOM   1304 H  HB2  . SER A 1 84 ? -8.126  -8.125  8.094   1.000 42.640 ? 95  SER A HB2  1 
ATOM   1305 H  HB3  . SER A 1 84 ? -7.445  -7.451  9.372   1.000 42.640 ? 95  SER A HB3  1 
ATOM   1306 N  N    . PRO A 1 85 ? -6.293  -7.515  5.869   1.000 33.710 ? 96  PRO A N    1 
ATOM   1307 C  CA   . PRO A 1 85 ? -5.117  -8.015  5.162   1.000 33.880 ? 96  PRO A CA   1 
ATOM   1308 C  C    . PRO A 1 85 ? -4.159  -6.907  4.709   1.000 32.250 ? 96  PRO A C    1 
ATOM   1309 O  O    . PRO A 1 85 ? -2.958  -7.108  4.683   1.000 29.610 ? 96  PRO A O    1 
ATOM   1310 C  CB   . PRO A 1 85 ? -5.668  -8.712  3.909   1.000 36.540 ? 96  PRO A CB   1 
ATOM   1311 C  CG   . PRO A 1 85 ? -7.119  -8.913  4.159   1.000 38.040 ? 96  PRO A CG   1 
ATOM   1312 C  CD   . PRO A 1 85 ? -7.544  -7.931  5.228   1.000 35.790 ? 96  PRO A CD   1 
ATOM   1313 H  HA   . PRO A 1 85 ? -4.626  -8.644  5.749   1.000 33.880 ? 96  PRO A HA   1 
ATOM   1314 H  HB2  . PRO A 1 85 ? -5.531  -8.160  3.111   1.000 36.540 ? 96  PRO A HB2  1 
ATOM   1315 H  HB3  . PRO A 1 85 ? -5.223  -9.572  3.760   1.000 36.540 ? 96  PRO A HB3  1 
ATOM   1316 H  HG2  . PRO A 1 85 ? -7.639  -8.757  3.343   1.000 38.040 ? 96  PRO A HG2  1 
ATOM   1317 H  HG3  . PRO A 1 85 ? -7.297  -9.828  4.463   1.000 38.040 ? 96  PRO A HG3  1 
ATOM   1318 H  HD2  . PRO A 1 85 ? -8.011  -7.165  4.832   1.000 35.790 ? 96  PRO A HD2  1 
ATOM   1319 H  HD3  . PRO A 1 85 ? -8.148  -8.354  5.872   1.000 35.790 ? 96  PRO A HD3  1 
ATOM   1320 N  N    . LEU A 1 86 ? -4.704  -5.752  4.326   1.000 31.510 ? 97  LEU A N    1 
ATOM   1321 C  CA   . LEU A 1 86 ? -3.859  -4.628  3.855   1.000 31.520 ? 97  LEU A CA   1 
ATOM   1322 C  C    . LEU A 1 86 ? -3.076  -4.029  5.022   1.000 29.360 ? 97  LEU A C    1 
ATOM   1323 O  O    . LEU A 1 86 ? -1.863  -3.828  4.933   1.000 29.810 ? 97  LEU A O    1 
ATOM   1324 C  CB   . LEU A 1 86 ? -4.811  -3.633  3.191   1.000 34.260 ? 97  LEU A CB   1 
ATOM   1325 C  CG   . LEU A 1 86 ? -4.194  -2.384  2.585   1.000 40.990 ? 97  LEU A CG   1 
ATOM   1326 C  CD1  . LEU A 1 86 ? -2.970  -2.737  1.736   1.000 40.050 ? 97  LEU A CD1  1 
ATOM   1327 C  CD2  . LEU A 1 86 ? -5.259  -1.655  1.750   1.000 40.470 ? 97  LEU A CD2  1 
ATOM   1328 H  H    . LEU A 1 86 ? -5.707  -5.636  4.355   1.000 31.510 ? 97  LEU A H    1 
ATOM   1329 H  HA   . LEU A 1 86 ? -3.215  -4.977  3.196   1.000 31.520 ? 97  LEU A HA   1 
ATOM   1330 H  HB2  . LEU A 1 86 ? -5.296  -4.098  2.481   1.000 34.260 ? 97  LEU A HB2  1 
ATOM   1331 H  HB3  . LEU A 1 86 ? -5.468  -3.346  3.857   1.000 34.260 ? 97  LEU A HB3  1 
ATOM   1332 H  HG   . LEU A 1 86 ? -3.906  -1.794  3.325   1.000 40.990 ? 97  LEU A HG   1 
ATOM   1333 H  HD11 . LEU A 1 86 ? -2.305  -3.177  2.293   1.000 40.050 ? 97  LEU A HD11 1 
ATOM   1334 H  HD12 . LEU A 1 86 ? -2.592  -1.924  1.358   1.000 40.050 ? 97  LEU A HD12 1 
ATOM   1335 H  HD13 . LEU A 1 86 ? -3.235  -3.336  1.016   1.000 40.050 ? 97  LEU A HD13 1 
ATOM   1336 H  HD21 . LEU A 1 86 ? -5.574  -2.243  1.042   1.000 40.470 ? 97  LEU A HD21 1 
ATOM   1337 H  HD22 . LEU A 1 86 ? -4.872  -0.852  1.359   1.000 40.470 ? 97  LEU A HD22 1 
ATOM   1338 H  HD23 . LEU A 1 86 ? -6.006  -1.407  2.322   1.000 40.470 ? 97  LEU A HD23 1 
ATOM   1339 N  N    . TYR A 1 87 ? -3.734  -3.810  6.150   1.000 31.010 ? 98  TYR A N    1 
ATOM   1340 C  CA   . TYR A 1 87 ? -3.054  -3.402  7.389   1.000 32.430 ? 98  TYR A CA   1 
ATOM   1341 C  C    . TYR A 1 87 ? -1.913  -4.352  7.692   1.000 28.450 ? 98  TYR A C    1 
ATOM   1342 O  O    . TYR A 1 87 ? -0.823  -3.885  7.996   1.000 29.970 ? 98  TYR A O    1 
ATOM   1343 C  CB   . TYR A 1 87 ? -4.052  -3.329  8.545   1.000 32.840 ? 98  TYR A CB   1 
ATOM   1344 C  CG   . TYR A 1 87 ? -4.886  -2.071  8.601   1.000 36.030 ? 98  TYR A CG   1 
ATOM   1345 C  CD1  . TYR A 1 87 ? -4.520  -0.998  9.407   1.000 41.570 ? 98  TYR A CD1  1 
ATOM   1346 C  CD2  . TYR A 1 87 ? -6.062  -1.965  7.890   1.000 31.690 ? 98  TYR A CD2  1 
ATOM   1347 C  CE1  . TYR A 1 87 ? -5.329  0.121   9.530   1.000 39.350 ? 98  TYR A CE1  1 
ATOM   1348 C  CE2  . TYR A 1 87 ? -6.855  -0.836  7.961   1.000 36.720 ? 98  TYR A CE2  1 
ATOM   1349 C  CZ   . TYR A 1 87 ? -6.501  0.198   8.807   1.000 38.690 ? 98  TYR A CZ   1 
ATOM   1350 O  OH   . TYR A 1 87 ? -7.296  1.296   8.858   1.000 46.140 ? 98  TYR A OH   1 
ATOM   1351 H  H    . TYR A 1 87 ? -4.737  -3.929  6.154   1.000 31.010 ? 98  TYR A H    1 
ATOM   1352 H  HA   . TYR A 1 87 ? -2.675  -2.495  7.257   1.000 32.430 ? 98  TYR A HA   1 
ATOM   1353 H  HB2  . TYR A 1 87 ? -4.653  -4.100  8.484   1.000 32.840 ? 98  TYR A HB2  1 
ATOM   1354 H  HB3  . TYR A 1 87 ? -3.557  -3.413  9.387   1.000 32.840 ? 98  TYR A HB3  1 
ATOM   1355 H  HD1  . TYR A 1 87 ? -3.736  -1.059  9.928   1.000 41.570 ? 98  TYR A HD1  1 
ATOM   1356 H  HD2  . TYR A 1 87 ? -6.332  -2.683  7.340   1.000 31.690 ? 98  TYR A HD2  1 
ATOM   1357 H  HE1  . TYR A 1 87 ? -5.064  0.839   10.082  1.000 39.350 ? 98  TYR A HE1  1 
ATOM   1358 H  HE2  . TYR A 1 87 ? -7.655  -0.786  7.465   1.000 36.720 ? 98  TYR A HE2  1 
ATOM   1359 N  N    . ASP A 1 88 ? -2.153  -5.667  7.655   1.000 32.820 ? 99  ASP A N    1 
ATOM   1360 C  CA   . ASP A 1 88 ? -1.125  -6.681  7.997   1.000 32.660 ? 99  ASP A CA   1 
ATOM   1361 C  C    . ASP A 1 88 ? 0.070   -6.538  7.046   1.000 32.730 ? 99  ASP A C    1 
ATOM   1362 O  O    . ASP A 1 88 ? 1.229   -6.506  7.464   1.000 34.990 ? 99  ASP A O    1 
ATOM   1363 C  CB   . ASP A 1 88 ? -1.677  -8.105  7.889   1.000 37.990 ? 99  ASP A CB   1 
ATOM   1364 C  CG   . ASP A 1 88 ? -2.770  -8.490  8.881   1.000 50.740 ? 99  ASP A CG   1 
ATOM   1365 O  OD1  . ASP A 1 88 ? -2.869  -7.821  9.931   1.000 50.340 ? 99  ASP A OD1  1 
ATOM   1366 O  OD2  . ASP A 1 88 ? -3.508  -9.498  8.606   1.000 52.520 ? 99  ASP A OD2  1 
ATOM   1367 H  H    . ASP A 1 88 ? -3.076  -5.973  7.383   1.000 32.820 ? 99  ASP A H    1 
ATOM   1368 H  HA   . ASP A 1 88 ? -0.817  -6.517  8.919   1.000 32.660 ? 99  ASP A HA   1 
ATOM   1369 H  HB2  . ASP A 1 88 ? -2.064  -8.220  6.997   1.000 37.990 ? 99  ASP A HB2  1 
ATOM   1370 H  HB3  . ASP A 1 88 ? -0.942  -8.735  8.034   1.000 37.990 ? 99  ASP A HB3  1 
ATOM   1371 N  N    . MET A 1 89 ? -0.220  -6.495  5.753   1.000 29.000 ? 100 MET A N    1 
ATOM   1372 C  CA   . MET A 1 89 ? 0.825   -6.390  4.720   1.000 27.550 ? 100 MET A CA   1 
ATOM   1373 C  C    . MET A 1 89 ? 1.631   -5.084  4.877   1.000 29.350 ? 100 MET A C    1 
ATOM   1374 O  O    . MET A 1 89 ? 2.871   -5.141  4.784   1.000 29.210 ? 100 MET A O    1 
ATOM   1375 C  CB   . MET A 1 89 ? 0.188   -6.514  3.332   1.000 29.830 ? 100 MET A CB   1 
ATOM   1376 C  CG   . MET A 1 89 ? 1.209   -6.580  2.222   1.000 29.790 ? 100 MET A CG   1 
ATOM   1377 S  SD   . MET A 1 89 ? 1.780   -4.914  1.666   1.000 30.960 ? 100 MET A SD   1 
ATOM   1378 C  CE   . MET A 1 89 ? 0.388   -4.374  0.662   1.000 32.640 ? 100 MET A CE   1 
ATOM   1379 H  H    . MET A 1 89 ? -1.189  -6.535  5.470   1.000 29.000 ? 100 MET A H    1 
ATOM   1380 H  HA   . MET A 1 89 ? 1.448   -7.145  4.828   1.000 27.550 ? 100 MET A HA   1 
ATOM   1381 H  HB2  . MET A 1 89 ? -0.363  -7.322  3.311   1.000 29.830 ? 100 MET A HB2  1 
ATOM   1382 H  HB3  . MET A 1 89 ? -0.399  -5.746  3.186   1.000 29.830 ? 100 MET A HB3  1 
ATOM   1383 H  HG2  . MET A 1 89 ? 1.987   -7.092  2.529   1.000 29.790 ? 100 MET A HG2  1 
ATOM   1384 H  HG3  . MET A 1 89 ? 0.821   -7.050  1.454   1.000 29.790 ? 100 MET A HG3  1 
ATOM   1385 H  HE1  . MET A 1 89 ? 0.569   -3.500  0.308   1.000 32.640 ? 100 MET A HE1  1 
ATOM   1386 H  HE2  . MET A 1 89 ? 0.257   -4.991  -0.062  1.000 32.640 ? 100 MET A HE2  1 
ATOM   1387 H  HE3  . MET A 1 89 ? -0.408  -4.343  1.207   1.000 32.640 ? 100 MET A HE3  1 
ATOM   1388 N  N    . LEU A 1 90 ? 0.998   -3.943  5.171   1.000 28.990 ? 101 LEU A N    1 
ATOM   1389 C  CA   . LEU A 1 90 ? 1.738   -2.657  5.242   1.000 28.850 ? 101 LEU A CA   1 
ATOM   1390 C  C    . LEU A 1 90 ? 2.613   -2.635  6.492   1.000 33.550 ? 101 LEU A C    1 
ATOM   1391 O  O    . LEU A 1 90 ? 3.777   -2.205  6.392   1.000 34.120 ? 101 LEU A O    1 
ATOM   1392 C  CB   . LEU A 1 90 ? 0.750   -1.494  5.165   1.000 31.170 ? 101 LEU A CB   1 
ATOM   1393 C  CG   . LEU A 1 90 ? 0.083   -1.351  3.801   1.000 31.860 ? 101 LEU A CG   1 
ATOM   1394 C  CD1  . LEU A 1 90 ? -0.926  -0.229  3.786   1.000 38.550 ? 101 LEU A CD1  1 
ATOM   1395 C  CD2  . LEU A 1 90 ? 1.134   -1.145  2.720   1.000 34.240 ? 101 LEU A CD2  1 
ATOM   1396 H  H    . LEU A 1 90 ? 0.004   -3.948  5.347   1.000 28.990 ? 101 LEU A H    1 
ATOM   1397 H  HA   . LEU A 1 90 ? 2.321   -2.587  4.451   1.000 28.850 ? 101 LEU A HA   1 
ATOM   1398 H  HB2  . LEU A 1 90 ? 0.066   -1.625  5.850   1.000 31.170 ? 101 LEU A HB2  1 
ATOM   1399 H  HB3  . LEU A 1 90 ? 1.229   -0.669  5.382   1.000 31.170 ? 101 LEU A HB3  1 
ATOM   1400 H  HG   . LEU A 1 90 ? -0.402  -2.191  3.608   1.000 31.860 ? 101 LEU A HG   1 
ATOM   1401 H  HD11 . LEU A 1 90 ? -1.617  -0.406  4.448   1.000 38.550 ? 101 LEU A HD11 1 
ATOM   1402 H  HD12 . LEU A 1 90 ? -1.329  -0.168  2.903   1.000 38.550 ? 101 LEU A HD12 1 
ATOM   1403 H  HD13 . LEU A 1 90 ? -0.482  0.610   3.997   1.000 38.550 ? 101 LEU A HD13 1 
ATOM   1404 H  HD21 . LEU A 1 90 ? 1.642   -0.338  2.912   1.000 34.240 ? 101 LEU A HD21 1 
ATOM   1405 H  HD22 . LEU A 1 90 ? 0.697   -1.056  1.856   1.000 34.240 ? 101 LEU A HD22 1 
ATOM   1406 H  HD23 . LEU A 1 90 ? 1.735   -1.910  2.702   1.000 34.240 ? 101 LEU A HD23 1 
ATOM   1407 N  N    . ARG A 1 91 ? 2.130   -3.175  7.609   1.000 36.730 ? 102 ARG A N    1 
ATOM   1408 C  CA   . ARG A 1 91 ? 2.968   -3.309  8.835   1.000 41.360 ? 102 ARG A CA   1 
ATOM   1409 C  C    . ARG A 1 91 ? 4.253   -4.067  8.524   1.000 42.880 ? 102 ARG A C    1 
ATOM   1410 O  O    . ARG A 1 91 ? 5.320   -3.660  9.011   1.000 39.690 ? 102 ARG A O    1 
ATOM   1411 C  CB   . ARG A 1 91 ? 2.231   -4.043  9.951   1.000 47.680 ? 102 ARG A CB   1 
ATOM   1412 C  CG   . ARG A 1 91 ? 1.197   -3.154  10.618  1.000 62.140 ? 102 ARG A CG   1 
ATOM   1413 C  CD   . ARG A 1 91 ? 0.840   -3.564  12.029  1.000 71.740 ? 102 ARG A CD   1 
ATOM   1414 N  NE   . ARG A 1 91 ? -0.483  -3.027  12.331  1.000 80.200 ? 102 ARG A NE   1 
ATOM   1415 C  CZ   . ARG A 1 91 ? -1.640  -3.595  11.986  1.000 80.170 ? 102 ARG A CZ   1 
ATOM   1416 N  NH1  . ARG A 1 91 ? -1.661  -4.753  11.340  1.000 75.800 ? 102 ARG A NH1  1 
ATOM   1417 N  NH2  . ARG A 1 91 ? -2.779  -3.001  12.306  1.000 76.340 ? 102 ARG A NH2  1 
ATOM   1418 H  H    . ARG A 1 91 ? 1.175   -3.503  7.627   1.000 36.730 ? 102 ARG A H    1 
ATOM   1419 H  HA   . ARG A 1 91 ? 3.210   -2.407  9.147   1.000 41.360 ? 102 ARG A HA   1 
ATOM   1420 H  HB2  . ARG A 1 91 ? 1.798   -4.835  9.570   1.000 47.680 ? 102 ARG A HB2  1 
ATOM   1421 H  HB3  . ARG A 1 91 ? 2.889   -4.346  10.611  1.000 47.680 ? 102 ARG A HB3  1 
ATOM   1422 H  HG2  . ARG A 1 91 ? 1.532   -2.232  10.646  1.000 62.140 ? 102 ARG A HG2  1 
ATOM   1423 H  HG3  . ARG A 1 91 ? 0.374   -3.158  10.084  1.000 62.140 ? 102 ARG A HG3  1 
ATOM   1424 H  HD2  . ARG A 1 91 ? 0.854   -4.543  12.094  1.000 71.740 ? 102 ARG A HD2  1 
ATOM   1425 H  HD3  . ARG A 1 91 ? 1.518   -3.217  12.647  1.000 71.740 ? 102 ARG A HD3  1 
ATOM   1426 H  HE   . ARG A 1 91 ? -0.527  -2.276  12.770  1.000 80.200 ? 102 ARG A HE   1 
ATOM   1427 H  HH11 . ARG A 1 91 ? -0.906  -5.153  11.135  1.000 75.800 ? 102 ARG A HH11 1 
ATOM   1428 H  HH12 . ARG A 1 91 ? -2.430  -5.117  11.118  1.000 75.800 ? 102 ARG A HH12 1 
ATOM   1429 H  HH21 . ARG A 1 91 ? -2.767  -2.237  12.744  1.000 76.340 ? 102 ARG A HH21 1 
ATOM   1430 H  HH22 . ARG A 1 91 ? -3.545  -3.372  12.081  1.000 76.340 ? 102 ARG A HH22 1 
ATOM   1431 N  N    . LYS A 1 92 ? 4.161   -5.130  7.735   1.000 38.130 ? 103 LYS A N    1 
ATOM   1432 C  CA   . LYS A 1 92 ? 5.298   -5.997  7.374   1.000 39.870 ? 103 LYS A CA   1 
ATOM   1433 C  C    . LYS A 1 92 ? 6.176   -5.382  6.282   1.000 38.230 ? 103 LYS A C    1 
ATOM   1434 O  O    . LYS A 1 92 ? 7.342   -5.701  6.283   1.000 38.210 ? 103 LYS A O    1 
ATOM   1435 C  CB   . LYS A 1 92 ? 4.749   -7.378  6.993   1.000 44.360 ? 103 LYS A CB   1 
ATOM   1436 C  CG   . LYS A 1 92 ? 4.189   -8.135  8.193   1.000 51.170 ? 103 LYS A CG   1 
ATOM   1437 C  CD   . LYS A 1 92 ? 3.636   -9.520  7.879   1.000 53.880 ? 103 LYS A CD   1 
ATOM   1438 C  CE   . LYS A 1 92 ? 2.149   -9.669  8.160   1.000 57.660 ? 103 LYS A CE   1 
ATOM   1439 N  NZ   . LYS A 1 92 ? 1.686   -11.081 8.045   1.000 51.780 ? 103 LYS A NZ   1 
ATOM   1440 H  H    . LYS A 1 92 ? 3.245   -5.342  7.368   1.000 38.130 ? 103 LYS A H    1 
ATOM   1441 H  HA   . LYS A 1 92 ? 5.864   -6.119  8.171   1.000 39.870 ? 103 LYS A HA   1 
ATOM   1442 H  HB2  . LYS A 1 92 ? 4.052   -7.260  6.314   1.000 44.360 ? 103 LYS A HB2  1 
ATOM   1443 H  HB3  . LYS A 1 92 ? 5.468   -7.894  6.575   1.000 44.360 ? 103 LYS A HB3  1 
ATOM   1444 H  HG2  . LYS A 1 92 ? 4.903   -8.238  8.858   1.000 51.170 ? 103 LYS A HG2  1 
ATOM   1445 H  HG3  . LYS A 1 92 ? 3.466   -7.604  8.589   1.000 51.170 ? 103 LYS A HG3  1 
ATOM   1446 H  HD2  . LYS A 1 92 ? 3.794   -9.721  6.932   1.000 53.880 ? 103 LYS A HD2  1 
ATOM   1447 H  HD3  . LYS A 1 92 ? 4.121   -10.186 8.412   1.000 53.880 ? 103 LYS A HD3  1 
ATOM   1448 H  HE2  . LYS A 1 92 ? 1.953   -9.349  9.062   1.000 57.660 ? 103 LYS A HE2  1 
ATOM   1449 H  HE3  . LYS A 1 92 ? 1.641   -9.122  7.532   1.000 57.660 ? 103 LYS A HE3  1 
ATOM   1450 H  HZ1  . LYS A 1 92 ? 1.843   -11.388 7.206   1.000 51.780 ? 103 LYS A HZ1  1 
ATOM   1451 H  HZ2  . LYS A 1 92 ? 0.798   -11.127 8.223   1.000 51.780 ? 103 LYS A HZ2  1 
ATOM   1452 H  HZ3  . LYS A 1 92 ? 2.133   -11.600 8.639   1.000 51.780 ? 103 LYS A HZ3  1 
ATOM   1453 N  N    . ASN A 1 93 ? 5.667   -4.523  5.390   1.000 31.880 ? 104 ASN A N    1 
ATOM   1454 C  CA   . ASN A 1 93 ? 6.401   -4.145  4.147   1.000 32.020 ? 104 ASN A CA   1 
ATOM   1455 C  C    . ASN A 1 93 ? 6.768   -2.649  4.089   1.000 29.660 ? 104 ASN A C    1 
ATOM   1456 O  O    . ASN A 1 93 ? 7.301   -2.240  3.056   1.000 28.800 ? 104 ASN A O    1 
ATOM   1457 C  CB   . ASN A 1 93 ? 5.587   -4.541  2.910   1.000 31.710 ? 104 ASN A CB   1 
ATOM   1458 C  CG   . ASN A 1 93 ? 5.639   -6.031  2.673   1.000 33.780 ? 104 ASN A CG   1 
ATOM   1459 O  OD1  . ASN A 1 93 ? 6.573   -6.511  2.036   1.000 35.570 ? 104 ASN A OD1  1 
ATOM   1460 N  ND2  . ASN A 1 93 ? 4.667   -6.737  3.228   1.000 29.930 ? 104 ASN A ND2  1 
ATOM   1461 H  H    . ASN A 1 93 ? 4.758   -4.120  5.566   1.000 31.880 ? 104 ASN A H    1 
ATOM   1462 H  HA   . ASN A 1 93 ? 7.247   -4.649  4.118   1.000 32.020 ? 104 ASN A HA   1 
ATOM   1463 H  HB2  . ASN A 1 93 ? 4.660   -4.255  3.035   1.000 31.710 ? 104 ASN A HB2  1 
ATOM   1464 H  HB3  . ASN A 1 93 ? 5.943   -4.067  2.130   1.000 31.710 ? 104 ASN A HB3  1 
ATOM   1465 N  N    . LEU A 1 94 ? 6.471   -1.862  5.132   1.000 31.440 ? 105 LEU A N    1 
ATOM   1466 C  CA   . LEU A 1 94 ? 6.861   -0.415  5.203   1.000 32.420 ? 105 LEU A CA   1 
ATOM   1467 C  C    . LEU A 1 94 ? 7.921   -0.265  6.307   1.000 38.140 ? 105 LEU A C    1 
ATOM   1468 O  O    . LEU A 1 94 ? 7.645   -0.691  7.441   1.000 41.010 ? 105 LEU A O    1 
ATOM   1469 C  CB   . LEU A 1 94 ? 5.626   0.439   5.489   1.000 32.860 ? 105 LEU A CB   1 
ATOM   1470 C  CG   . LEU A 1 94 ? 4.580   0.514   4.371   1.000 32.330 ? 105 LEU A CG   1 
ATOM   1471 C  CD1  . LEU A 1 94 ? 3.457   1.457   4.753   1.000 35.880 ? 105 LEU A CD1  1 
ATOM   1472 C  CD2  . LEU A 1 94 ? 5.209   0.887   3.040   1.000 31.330 ? 105 LEU A CD2  1 
ATOM   1473 H  H    . LEU A 1 94 ? 5.961   -2.272  5.902   1.000 31.440 ? 105 LEU A H    1 
ATOM   1474 H  HA   . LEU A 1 94 ? 7.251   -0.154  4.337   1.000 32.420 ? 105 LEU A HA   1 
ATOM   1475 H  HB2  . LEU A 1 94 ? 5.189   0.089   6.290   1.000 32.860 ? 105 LEU A HB2  1 
ATOM   1476 H  HB3  . LEU A 1 94 ? 5.921   1.350   5.689   1.000 32.860 ? 105 LEU A HB3  1 
ATOM   1477 H  HG   . LEU A 1 94 ? 4.173   -0.382  4.272   1.000 32.330 ? 105 LEU A HG   1 
ATOM   1478 H  HD11 . LEU A 1 94 ? 3.027   1.138   5.567   1.000 35.880 ? 105 LEU A HD11 1 
ATOM   1479 H  HD12 . LEU A 1 94 ? 2.803   1.493   4.033   1.000 35.880 ? 105 LEU A HD12 1 
ATOM   1480 H  HD13 . LEU A 1 94 ? 3.818   2.348   4.906   1.000 35.880 ? 105 LEU A HD13 1 
ATOM   1481 H  HD21 . LEU A 1 94 ? 5.640   1.756   3.117   1.000 31.330 ? 105 LEU A HD21 1 
ATOM   1482 H  HD22 . LEU A 1 94 ? 4.519   0.925   2.355   1.000 31.330 ? 105 LEU A HD22 1 
ATOM   1483 H  HD23 . LEU A 1 94 ? 5.872   0.217   2.796   1.000 31.330 ? 105 LEU A HD23 1 
ATOM   1484 N  N    . VAL A 1 95 ? 9.097   0.260   5.967   1.000 38.210 ? 106 VAL A N    1 
ATOM   1485 C  CA   . VAL A 1 95 ? 10.228  0.399   6.931   1.000 41.360 ? 106 VAL A CA   1 
ATOM   1486 C  C    . VAL A 1 95 ? 10.278  1.860   7.378   1.000 44.460 ? 106 VAL A C    1 
ATOM   1487 O  O    . VAL A 1 95 ? 10.435  2.706   6.468   1.000 40.090 ? 106 VAL A O    1 
ATOM   1488 C  CB   . VAL A 1 95 ? 11.562  -0.047  6.310   1.000 42.920 ? 106 VAL A CB   1 
ATOM   1489 C  CG1  . VAL A 1 95 ? 12.700  0.087   7.301   1.000 47.970 ? 106 VAL A CG1  1 
ATOM   1490 C  CG2  . VAL A 1 95 ? 11.500  -1.471  5.772   1.000 48.460 ? 106 VAL A CG2  1 
ATOM   1491 H  H    . VAL A 1 95 ? 9.218   0.576   5.016   1.000 38.210 ? 106 VAL A H    1 
ATOM   1492 H  HA   . VAL A 1 95 ? 10.044  -0.165  7.703   1.000 41.360 ? 106 VAL A HA   1 
ATOM   1493 H  HB   . VAL A 1 95 ? 11.743  0.550   5.543   1.000 42.920 ? 106 VAL A HB   1 
ATOM   1494 H  HG11 . VAL A 1 95 ? 12.782  1.017   7.578   1.000 47.970 ? 106 VAL A HG11 1 
ATOM   1495 H  HG12 . VAL A 1 95 ? 13.531  -0.201  6.884   1.000 47.970 ? 106 VAL A HG12 1 
ATOM   1496 H  HG13 . VAL A 1 95 ? 12.520  -0.467  8.081   1.000 47.970 ? 106 VAL A HG13 1 
ATOM   1497 H  HG21 . VAL A 1 95 ? 11.285  -2.083  6.498   1.000 48.460 ? 106 VAL A HG21 1 
ATOM   1498 H  HG22 . VAL A 1 95 ? 12.361  -1.712  5.389   1.000 48.460 ? 106 VAL A HG22 1 
ATOM   1499 H  HG23 . VAL A 1 95 ? 10.814  -1.530  5.085   1.000 48.460 ? 106 VAL A HG23 1 
ATOM   1500 N  N    . THR A 1 96 ? 10.164  2.042   8.709   1.000 48.070 ? 107 THR A N    1 
ATOM   1501 C  CA   . THR A 1 96 ? 10.397  3.216   9.610   1.000 58.300 ? 107 THR A CA   1 
ATOM   1502 C  C    . THR A 1 96 ? 9.645   4.439   9.102   1.000 66.510 ? 107 THR A C    1 
ATOM   1503 O  O    . THR A 1 96 ? 8.773   4.804   9.883   1.000 70.990 ? 107 THR A O    1 
ATOM   1504 C  CB   . THR A 1 96 ? 11.879  3.518   9.888   1.000 56.270 ? 107 THR A CB   1 
ATOM   1505 O  OG1  . THR A 1 96 ? 12.458  4.057   8.700   1.000 57.630 ? 107 THR A OG1  1 
ATOM   1506 C  CG2  . THR A 1 96 ? 12.668  2.309   10.352  1.000 54.140 ? 107 THR A CG2  1 
ATOM   1507 H  H    . THR A 1 96 ? 9.855   1.168   9.110   1.000 48.070 ? 107 THR A H    1 
ATOM   1508 H  HA   . THR A 1 96 ? 10.047  2.991   10.502  1.000 58.300 ? 107 THR A HA   1 
ATOM   1509 H  HB   . THR A 1 96 ? 11.927  4.210   10.589  1.000 56.270 ? 107 THR A HB   1 
ATOM   1510 H  HG21 . THR A 1 96 ? 12.283  1.966   11.178  1.000 54.140 ? 107 THR A HG21 1 
ATOM   1511 H  HG22 . THR A 1 96 ? 13.595  2.566   10.512  1.000 54.140 ? 107 THR A HG22 1 
ATOM   1512 H  HG23 . THR A 1 96 ? 12.638  1.617   9.668   1.000 54.140 ? 107 THR A HG23 1 
HETATM 1513 C  CAA  . O4B B 2 .  ? 12.150  -6.599  -12.379 1.000 46.230 ? 201 O4B A CAA  1 
HETATM 1514 O  OAM  . O4B B 2 .  ? 13.006  -6.683  -11.235 1.000 46.250 ? 201 O4B A OAM  1 
HETATM 1515 C  CAC  . O4B B 2 .  ? 14.151  -7.500  -11.475 1.000 37.700 ? 201 O4B A CAC  1 
HETATM 1516 C  CAD  . O4B B 2 .  ? 15.013  -7.563  -10.271 1.000 38.610 ? 201 O4B A CAD  1 
HETATM 1517 O  OAO  . O4B B 2 .  ? 14.307  -8.149  -9.189  1.000 37.620 ? 201 O4B A OAO  1 
HETATM 1518 C  CAG  . O4B B 2 .  ? 15.128  -8.320  -8.059  1.000 39.500 ? 201 O4B A CAG  1 
HETATM 1519 C  CAH  . O4B B 2 .  ? 14.471  -9.273  -7.145  1.000 44.110 ? 201 O4B A CAH  1 
HETATM 1520 O  OAQ  . O4B B 2 .  ? 13.270  -8.690  -6.676  1.000 41.850 ? 201 O4B A OAQ  1 
HETATM 1521 C  CAK  . O4B B 2 .  ? 12.716  -9.416  -5.585  1.000 45.980 ? 201 O4B A CAK  1 
HETATM 1522 C  CAL  . O4B B 2 .  ? 11.336  -8.940  -5.312  1.000 42.150 ? 201 O4B A CAL  1 
HETATM 1523 O  OAR  . O4B B 2 .  ? 10.623  -8.854  -6.534  1.000 39.850 ? 201 O4B A OAR  1 
HETATM 1524 C  CAJ  . O4B B 2 .  ? 9.551   -9.772  -6.670  1.000 42.210 ? 201 O4B A CAJ  1 
HETATM 1525 C  CAI  . O4B B 2 .  ? 8.682   -9.327  -7.789  1.000 34.650 ? 201 O4B A CAI  1 
HETATM 1526 O  OAP  . O4B B 2 .  ? 9.434   -9.239  -8.994  1.000 37.320 ? 201 O4B A OAP  1 
HETATM 1527 C  CAF  . O4B B 2 .  ? 8.675   -9.166  -10.196 1.000 41.690 ? 201 O4B A CAF  1 
HETATM 1528 C  CAE  . O4B B 2 .  ? 8.996   -7.948  -11.014 1.000 45.120 ? 201 O4B A CAE  1 
HETATM 1529 O  OAN  . O4B B 2 .  ? 10.378  -7.848  -11.329 1.000 42.970 ? 201 O4B A OAN  1 
HETATM 1530 C  CAB  . O4B B 2 .  ? 10.709  -6.629  -11.987 1.000 47.420 ? 201 O4B A CAB  1 
HETATM 1531 H  HAA1 . O4B B 2 .  ? 12.348  -5.763  -12.851 1.000 0.500  ? 201 O4B A HAA1 1 
HETATM 1532 H  HAA2 . O4B B 2 .  ? 12.348  -7.357  -12.968 1.000 46.230 ? 201 O4B A HAA2 1 
HETATM 1533 H  HAB1 . O4B B 2 .  ? 10.167  -6.544  -12.800 1.000 0.500  ? 201 O4B A HAB1 1 
HETATM 1534 H  HAB2 . O4B B 2 .  ? 10.508  -5.871  -11.366 1.000 47.420 ? 201 O4B A HAB2 1 
HETATM 1535 H  HAC1 . O4B B 2 .  ? 14.660  -7.127  -12.228 1.000 37.700 ? 201 O4B A HAC1 1 
HETATM 1536 H  HAC2 . O4B B 2 .  ? 13.856  -8.403  -11.718 1.000 37.700 ? 201 O4B A HAC2 1 
HETATM 1537 H  HAD1 . O4B B 2 .  ? 15.291  -6.658  -10.017 1.000 38.610 ? 201 O4B A HAD1 1 
HETATM 1538 H  HAD2 . O4B B 2 .  ? 15.807  -8.103  -10.463 1.000 38.610 ? 201 O4B A HAD2 1 
HETATM 1539 H  HAG1 . O4B B 2 .  ? 15.253  -7.459  -7.608  1.000 39.500 ? 201 O4B A HAG1 1 
HETATM 1540 H  HAG2 . O4B B 2 .  ? 16.001  -8.670  -8.334  1.000 39.500 ? 201 O4B A HAG2 1 
HETATM 1541 H  HAH1 . O4B B 2 .  ? 14.272  -10.106 -7.624  1.000 44.110 ? 201 O4B A HAH1 1 
HETATM 1542 H  HAH2 . O4B B 2 .  ? 15.064  -9.468  -6.390  1.000 44.110 ? 201 O4B A HAH2 1 
HETATM 1543 H  HAK1 . O4B B 2 .  ? 13.266  -9.283  -4.785  1.000 45.980 ? 201 O4B A HAK1 1 
HETATM 1544 H  HAK2 . O4B B 2 .  ? 12.690  -10.371 -5.803  1.000 45.980 ? 201 O4B A HAK2 1 
HETATM 1545 H  HAL1 . O4B B 2 .  ? 11.369  -8.056  -4.891  1.000 42.150 ? 201 O4B A HAL1 1 
HETATM 1546 H  HAL2 . O4B B 2 .  ? 10.882  -9.568  -4.712  1.000 42.150 ? 201 O4B A HAL2 1 
HETATM 1547 H  HAJ1 . O4B B 2 .  ? 9.032   -9.800  -5.839  1.000 42.210 ? 201 O4B A HAJ1 1 
HETATM 1548 H  HAJ2 . O4B B 2 .  ? 9.904   -10.667 -6.861  1.000 42.210 ? 201 O4B A HAJ2 1 
HETATM 1549 H  HAI1 . O4B B 2 .  ? 8.306   -8.446  -7.584  1.000 34.650 ? 201 O4B A HAI1 1 
HETATM 1550 H  HAI2 . O4B B 2 .  ? 7.953   -9.969  -7.915  1.000 34.650 ? 201 O4B A HAI2 1 
HETATM 1551 H  HAF1 . O4B B 2 .  ? 7.719   -9.136  -9.982  1.000 41.690 ? 201 O4B A HAF1 1 
HETATM 1552 H  HAF2 . O4B B 2 .  ? 8.856   -9.953  -10.751 1.000 41.690 ? 201 O4B A HAF2 1 
HETATM 1553 H  HAE1 . O4B B 2 .  ? 8.744   -7.141  -10.519 1.000 45.120 ? 201 O4B A HAE1 1 
HETATM 1554 H  HAE2 . O4B B 2 .  ? 8.500   -7.978  -11.859 1.000 45.120 ? 201 O4B A HAE2 1 
HETATM 1555 O  O3   . NUT C 3 .  ? -8.438  3.215   -4.334  1.000 38.160 ? 202 NUT A O3   1 
HETATM 1556 C  C25  . NUT C 3 .  ? -9.554  3.382   -3.881  1.000 39.730 ? 202 NUT A C25  1 
HETATM 1557 N  N2   . NUT C 3 .  ? -10.571 3.938   -4.603  1.000 48.780 ? 202 NUT A N2   1 
HETATM 1558 C  C29  . NUT C 3 .  ? -10.262 4.123   -6.017  1.000 54.550 ? 202 NUT A C29  1 
HETATM 1559 C  C28  . NUT C 3 .  ? -11.498 4.454   -6.789  1.000 64.020 ? 202 NUT A C28  1 
HETATM 1560 O  O2   . NUT C 3 .  ? -11.454 4.329   -8.029  1.000 86.040 ? 202 NUT A O2   1 
HETATM 1561 N  N3   . NUT C 3 .  ? -12.589 4.874   -6.144  1.000 61.560 ? 202 NUT A N3   1 
HETATM 1562 C  C27  . NUT C 3 .  ? -12.759 5.084   -4.711  1.000 56.860 ? 202 NUT A C27  1 
HETATM 1563 C  C26  . NUT C 3 .  ? -11.434 4.982   -3.994  1.000 49.080 ? 202 NUT A C26  1 
HETATM 1564 N  N1   . NUT C 3 .  ? -9.784  3.020   -2.569  1.000 34.840 ? 202 NUT A N1   1 
HETATM 1565 C  C10  . NUT C 3 .  ? -10.969 2.580   -1.995  1.000 33.520 ? 202 NUT A C10  1 
HETATM 1566 C  C9   . NUT C 3 .  ? -12.154 2.105   -2.734  1.000 37.140 ? 202 NUT A C9   1 
HETATM 1567 C  C3   . NUT C 3 .  ? -13.403 2.481   -2.250  1.000 39.780 ? 202 NUT A C3   1 
HETATM 1568 C  C2   . NUT C 3 .  ? -14.550 2.069   -2.886  1.000 40.160 ? 202 NUT A C2   1 
HETATM 1569 C  C5   . NUT C 3 .  ? -12.081 1.242   -3.833  1.000 36.440 ? 202 NUT A C5   1 
HETATM 1570 O  O1   . NUT C 3 .  ? -10.843 0.868   -4.253  1.000 35.770 ? 202 NUT A O1   1 
HETATM 1571 C  C6   . NUT C 3 .  ? -10.557 0.131   -5.474  1.000 37.500 ? 202 NUT A C6   1 
HETATM 1572 C  C8   . NUT C 3 .  ? -9.114  0.383   -5.848  1.000 34.560 ? 202 NUT A C8   1 
HETATM 1573 C  C7   . NUT C 3 .  ? -10.804 -1.331  -5.181  1.000 33.070 ? 202 NUT A C7   1 
HETATM 1574 C  C4   . NUT C 3 .  ? -13.234 0.829   -4.491  1.000 38.460 ? 202 NUT A C4   1 
HETATM 1575 C  C1   . NUT C 3 .  ? -14.467 1.227   -3.987  1.000 45.670 ? 202 NUT A C1   1 
HETATM 1576 O  O    . NUT C 3 .  ? -15.609 0.819   -4.619  1.000 48.970 ? 202 NUT A O    1 
HETATM 1577 C  C    . NUT C 3 .  ? -16.846 0.886   -3.895  1.000 49.030 ? 202 NUT A C    1 
HETATM 1578 C  C18  . NUT C 3 .  ? -8.737  3.036   -1.595  1.000 34.520 ? 202 NUT A C18  1 
HETATM 1579 C  C19  . NUT C 3 .  ? -7.801  1.842   -1.652  1.000 31.290 ? 202 NUT A C19  1 
HETATM 1580 C  C24  . NUT C 3 .  ? -8.264  0.577   -1.952  1.000 31.530 ? 202 NUT A C24  1 
HETATM 1581 C  C23  . NUT C 3 .  ? -7.408  -0.513  -1.965  1.000 32.150 ? 202 NUT A C23  1 
HETATM 1582 C  C22  . NUT C 3 .  ? -6.091  -0.324  -1.622  1.000 32.410 ? 202 NUT A C22  1 
HETATM 1583 CL CL1  . NUT C 3 .  ? -5.004  -1.679  -1.601  1.000 32.800 ? 202 NUT A CL1  1 
HETATM 1584 C  C21  . NUT C 3 .  ? -5.602  0.914   -1.320  1.000 31.580 ? 202 NUT A C21  1 
HETATM 1585 C  C20  . NUT C 3 .  ? -6.465  1.992   -1.315  1.000 33.250 ? 202 NUT A C20  1 
HETATM 1586 C  C11  . NUT C 3 .  ? -9.619  3.134   -0.309  1.000 34.770 ? 202 NUT A C11  1 
HETATM 1587 N  N    . NUT C 3 .  ? -10.930 2.626   -0.721  1.000 33.750 ? 202 NUT A N    1 
HETATM 1588 C  C12  . NUT C 3 .  ? -9.079  2.412   0.899   1.000 31.380 ? 202 NUT A C12  1 
HETATM 1589 C  C17  . NUT C 3 .  ? -8.078  2.997   1.638   1.000 34.070 ? 202 NUT A C17  1 
HETATM 1590 C  C16  . NUT C 3 .  ? -7.519  2.358   2.715   1.000 35.070 ? 202 NUT A C16  1 
HETATM 1591 C  C15  . NUT C 3 .  ? -7.952  1.110   3.048   1.000 38.450 ? 202 NUT A C15  1 
HETATM 1592 CL CL   . NUT C 3 .  ? -7.212  0.369   4.430   1.000 41.830 ? 202 NUT A CL   1 
HETATM 1593 C  C14  . NUT C 3 .  ? -8.944  0.480   2.338   1.000 36.980 ? 202 NUT A C14  1 
HETATM 1594 C  C13  . NUT C 3 .  ? -9.492  1.130   1.242   1.000 36.430 ? 202 NUT A C13  1 
HETATM 1595 H  H1   . NUT C 3 .  ? -9.628  4.865   -6.119  1.000 54.550 ? 202 NUT A H1   1 
HETATM 1596 H  H2   . NUT C 3 .  ? -9.885  3.295   -6.381  1.000 54.550 ? 202 NUT A H2   1 
HETATM 1597 H  H3   . NUT C 3 .  ? -13.258 5.035   -6.643  1.000 61.560 ? 202 NUT A H3   1 
HETATM 1598 H  H4   . NUT C 3 .  ? -13.372 4.397   -4.346  1.000 56.860 ? 202 NUT A H4   1 
HETATM 1599 H  H5   . NUT C 3 .  ? -13.139 5.983   -4.551  1.000 56.860 ? 202 NUT A H5   1 
HETATM 1600 H  H6   . NUT C 3 .  ? -10.982 5.848   -4.039  1.000 49.080 ? 202 NUT A H6   1 
HETATM 1601 H  H7   . NUT C 3 .  ? -11.598 4.765   -3.054  1.000 49.080 ? 202 NUT A H7   1 
HETATM 1602 H  H9   . NUT C 3 .  ? -13.465 3.023   -1.481  1.000 39.780 ? 202 NUT A H9   1 
HETATM 1603 H  H10  . NUT C 3 .  ? -15.390 2.331   -2.555  1.000 40.160 ? 202 NUT A H10  1 
HETATM 1604 H  H11  . NUT C 3 .  ? -11.151 0.458   -6.207  1.000 37.500 ? 202 NUT A H11  1 
HETATM 1605 H  H12  . NUT C 3 .  ? -8.899  -0.101  -6.665  1.000 34.560 ? 202 NUT A H12  1 
HETATM 1606 H  H13  . NUT C 3 .  ? -8.534  0.079   -5.133  1.000 34.560 ? 202 NUT A H13  1 
HETATM 1607 H  H14  . NUT C 3 .  ? -8.976  1.333   -5.991  1.000 34.560 ? 202 NUT A H14  1 
HETATM 1608 H  H15  . NUT C 3 .  ? -11.092 -1.435  -4.256  1.000 33.070 ? 202 NUT A H15  1 
HETATM 1609 H  H16  . NUT C 3 .  ? -9.986  -1.834  -5.321  1.000 33.070 ? 202 NUT A H16  1 
HETATM 1610 H  H17  . NUT C 3 .  ? -11.494 -1.669  -5.773  1.000 33.070 ? 202 NUT A H17  1 
HETATM 1611 H  H18  . NUT C 3 .  ? -13.186 0.249   -5.229  1.000 38.460 ? 202 NUT A H18  1 
HETATM 1612 H  H19  . NUT C 3 .  ? -17.018 1.807   -3.636  1.000 49.030 ? 202 NUT A H19  1 
HETATM 1613 H  H20  . NUT C 3 .  ? -16.787 0.331   -3.102  1.000 49.030 ? 202 NUT A H20  1 
HETATM 1614 H  H21  . NUT C 3 .  ? -17.568 0.568   -4.459  1.000 49.030 ? 202 NUT A H21  1 
HETATM 1615 H  H22  . NUT C 3 .  ? -8.182  3.849   -1.676  1.000 34.520 ? 202 NUT A H22  1 
HETATM 1616 H  H23  . NUT C 3 .  ? -9.173  0.450   -2.152  1.000 31.530 ? 202 NUT A H23  1 
HETATM 1617 H  H24  . NUT C 3 .  ? -7.728  -1.371  -2.170  1.000 32.150 ? 202 NUT A H24  1 
HETATM 1618 H  H25  . NUT C 3 .  ? -4.698  1.026   -1.091  1.000 31.580 ? 202 NUT A H25  1 
HETATM 1619 H  H26  . NUT C 3 .  ? -6.144  2.835   -1.053  1.000 33.250 ? 202 NUT A H26  1 
HETATM 1620 H  H27  . NUT C 3 .  ? -9.710  4.087   -0.059  1.000 34.770 ? 202 NUT A H27  1 
HETATM 1621 H  H30  . NUT C 3 .  ? -7.769  3.855   1.399   1.000 34.070 ? 202 NUT A H30  1 
HETATM 1622 H  H31  . NUT C 3 .  ? -6.851  2.782   3.221   1.000 35.070 ? 202 NUT A H31  1 
HETATM 1623 H  H32  . NUT C 3 .  ? -9.243  -0.373  2.591   1.000 36.980 ? 202 NUT A H32  1 
HETATM 1624 H  H33  . NUT C 3 .  ? -10.174 0.707   0.747   1.000 36.430 ? 202 NUT A H33  1 
HETATM 1625 O  O    . HOH D 4 .  ? -4.702  -17.407 -7.509  1.000 46.960 ? 301 HOH A O    1 
HETATM 1626 O  O    . HOH D 4 .  ? 11.685  6.067   7.706   1.000 57.530 ? 302 HOH A O    1 
HETATM 1627 O  O    . HOH D 4 .  ? 10.022  8.923   -3.444  1.000 46.800 ? 303 HOH A O    1 
HETATM 1628 O  O    . HOH D 4 .  ? 3.471   -9.479  3.074   1.000 45.970 ? 304 HOH A O    1 
HETATM 1629 O  O    . HOH D 4 .  ? 8.492   -8.081  1.271   1.000 55.240 ? 305 HOH A O    1 
HETATM 1630 O  O    . HOH D 4 .  ? -2.315  -9.267  -12.690 1.000 41.150 ? 306 HOH A O    1 
HETATM 1631 O  O    . HOH D 4 .  ? -12.714 -12.026 0.074   1.000 41.840 ? 307 HOH A O    1 
HETATM 1632 O  O    . HOH D 4 .  ? -5.138  -11.112 -9.831  1.000 30.500 ? 308 HOH A O    1 
HETATM 1633 O  O    . HOH D 4 .  ? 7.677   -1.961  -11.140 1.000 42.890 ? 309 HOH A O    1 
HETATM 1634 O  O    . HOH D 4 .  ? -14.866 2.050   -12.600 1.000 71.150 ? 310 HOH A O    1 
HETATM 1635 O  O    . HOH D 4 .  ? 3.322   -6.187  -10.100 1.000 49.490 ? 311 HOH A O    1 
HETATM 1636 O  O    . HOH D 4 .  ? -1.863  -9.591  4.738   1.000 35.420 ? 312 HOH A O    1 
HETATM 1637 O  O    . HOH D 4 .  ? -5.782  5.727   -5.671  1.000 42.250 ? 313 HOH A O    1 
HETATM 1638 O  O    . HOH D 4 .  ? -5.994  -19.731 -7.707  1.000 44.890 ? 314 HOH A O    1 
HETATM 1639 O  O    . HOH D 4 .  ? 3.954   -16.388 -2.313  1.000 42.400 ? 315 HOH A O    1 
HETATM 1640 O  O    . HOH D 4 .  ? -12.871 2.116   1.191   1.000 45.170 ? 316 HOH A O    1 
HETATM 1641 O  O    . HOH D 4 .  ? -19.903 -2.080  -7.216  1.000 56.180 ? 317 HOH A O    1 
HETATM 1642 O  O    . HOH D 4 .  ? 14.193  5.404   10.581  1.000 70.070 ? 318 HOH A O    1 
HETATM 1643 O  O    . HOH D 4 .  ? 6.012   9.413   -6.760  1.000 40.980 ? 319 HOH A O    1 
HETATM 1644 O  O    . HOH D 4 .  ? 2.074   -9.560  -10.881 1.000 36.120 ? 320 HOH A O    1 
HETATM 1645 O  O    . HOH D 4 .  ? -0.780  -11.131 -12.669 1.000 65.850 ? 321 HOH A O    1 
HETATM 1646 O  O    . HOH D 4 .  ? 11.973  5.748   -9.572  1.000 36.210 ? 322 HOH A O    1 
HETATM 1647 O  O    . HOH D 4 .  ? 19.948  -0.861  0.849   1.000 60.510 ? 323 HOH A O    1 
HETATM 1648 O  O    . HOH D 4 .  ? 3.953   -5.004  -12.079 1.000 52.020 ? 324 HOH A O    1 
HETATM 1649 O  O    . HOH D 4 .  ? -4.374  -10.761 -12.303 1.000 40.500 ? 325 HOH A O    1 
# 
loop_
_pdbx_poly_seq_scheme.asym_id 
_pdbx_poly_seq_scheme.entity_id 
_pdbx_poly_seq_scheme.seq_id 
_pdbx_poly_seq_scheme.mon_id 
_pdbx_poly_seq_scheme.ndb_seq_num 
_pdbx_poly_seq_scheme.pdb_seq_num 
_pdbx_poly_seq_scheme.auth_seq_num 
_pdbx_poly_seq_scheme.pdb_mon_id 
_pdbx_poly_seq_scheme.auth_mon_id 
_pdbx_poly_seq_scheme.pdb_strand_id 
_pdbx_poly_seq_scheme.pdb_ins_code 
_pdbx_poly_seq_scheme.hetero 
A 1 1  ASP 1  12  12  ASP ASP A . n 
A 1 2  LEU 2  13  13  LEU LEU A . n 
A 1 3  GLU 3  14  14  GLU GLU A . n 
A 1 4  ASN 4  15  15  ASN ASN A . n 
A 1 5  LEU 5  16  16  LEU LEU A . n 
A 1 6  TYR 6  17  17  TYR TYR A . n 
A 1 7  PHE 7  18  18  PHE PHE A . n 
A 1 8  GLN 8  19  19  GLN GLN A . n 
A 1 9  GLY 9  20  20  GLY GLY A . n 
A 1 10 SER 10 21  21  SER SER A . n 
A 1 11 GLN 11 22  22  GLN GLN A . n 
A 1 12 ILE 12 23  23  ILE ILE A . n 
A 1 13 ASN 13 24  24  ASN ASN A . n 
A 1 14 GLN 14 25  25  GLN GLN A . n 
A 1 15 VAL 15 26  26  VAL VAL A . n 
A 1 16 ARG 16 27  27  ARG ARG A . n 
A 1 17 PRO 17 28  28  PRO PRO A . n 
A 1 18 LYS 18 29  29  LYS LYS A . n 
A 1 19 LEU 19 30  30  LEU LEU A . n 
A 1 20 PRO 20 31  31  PRO PRO A . n 
A 1 21 LEU 21 32  32  LEU LEU A . n 
A 1 22 LEU 22 33  33  LEU LEU A . n 
A 1 23 LYS 23 34  34  LYS LYS A . n 
A 1 24 ILE 24 35  35  ILE ILE A . n 
A 1 25 LEU 25 36  36  LEU LEU A . n 
A 1 26 HIS 26 37  37  HIS HIS A . n 
A 1 27 ALA 27 38  38  ALA ALA A . n 
A 1 28 ALA 28 39  39  ALA ALA A . n 
A 1 29 GLY 29 40  40  GLY GLY A . n 
A 1 30 ALA 30 41  41  ALA ALA A . n 
A 1 31 GLN 31 42  42  GLN GLN A . n 
A 1 32 GLY 32 43  43  GLY GLY A . n 
A 1 33 GLU 33 44  44  GLU GLU A . n 
A 1 34 MET 34 45  45  MET MET A . n 
A 1 35 PHE 35 46  46  PHE PHE A . n 
A 1 36 THR 36 47  47  THR THR A . n 
A 1 37 VAL 37 48  48  VAL VAL A . n 
A 1 38 LYS 38 49  49  LYS LYS A . n 
A 1 39 GLU 39 50  50  GLU GLU A . n 
A 1 40 VAL 40 51  51  VAL VAL A . n 
A 1 41 MET 41 52  52  MET MET A . n 
A 1 42 HIS 42 53  53  HIS HIS A . n 
A 1 43 TYR 43 54  54  TYR TYR A . n 
A 1 44 LEU 44 55  55  LEU LEU A . n 
A 1 45 GLY 45 56  56  GLY GLY A . n 
A 1 46 GLN 46 57  57  GLN GLN A . n 
A 1 47 TYR 47 58  58  TYR TYR A . n 
A 1 48 ILE 48 59  59  ILE ILE A . n 
A 1 49 MET 49 60  60  MET MET A . n 
A 1 50 VAL 50 61  61  VAL VAL A . n 
A 1 51 LYS 51 62  62  LYS LYS A . n 
A 1 52 GLN 52 63  63  GLN GLN A . n 
A 1 53 LEU 53 64  64  LEU LEU A . n 
A 1 54 TYR 54 65  65  TYR TYR A . n 
A 1 55 ASP 55 66  66  ASP ASP A . n 
A 1 56 GLN 56 67  67  GLN GLN A . n 
A 1 57 GLN 57 68  68  GLN GLN A . n 
A 1 58 GLU 58 69  69  GLU GLU A . n 
A 1 59 GLN 59 70  70  GLN GLN A . n 
A 1 60 HIS 60 71  71  HIS HIS A . n 
A 1 61 MET 61 72  72  MET MET A . n 
A 1 62 VAL 62 73  73  VAL VAL A . n 
A 1 63 TYR 63 74  74  TYR TYR A . n 
A 1 64 CYS 64 75  75  CYS CYS A . n 
A 1 65 GLY 65 76  76  GLY GLY A . n 
A 1 66 GLY 66 77  77  GLY GLY A . n 
A 1 67 ASP 67 78  78  ASP ASP A . n 
A 1 68 LEU 68 79  79  LEU LEU A . n 
A 1 69 LEU 69 80  80  LEU LEU A . n 
A 1 70 GLY 70 81  81  GLY GLY A . n 
A 1 71 GLU 71 82  82  GLU GLU A . n 
A 1 72 LEU 72 83  83  LEU LEU A . n 
A 1 73 LEU 73 84  84  LEU LEU A . n 
A 1 74 GLY 74 85  85  GLY GLY A . n 
A 1 75 ARG 75 86  86  ARG ARG A . n 
A 1 76 GLN 76 87  87  GLN GLN A . n 
A 1 77 SER 77 88  88  SER SER A . n 
A 1 78 PHE 78 89  89  PHE PHE A . n 
A 1 79 SER 79 90  90  SER SER A . n 
A 1 80 VAL 80 91  91  VAL VAL A . n 
A 1 81 LYS 81 92  92  LYS LYS A . n 
A 1 82 ASP 82 93  93  ASP ASP A . n 
A 1 83 PRO 83 94  94  PRO PRO A . n 
A 1 84 SER 84 95  95  SER SER A . n 
A 1 85 PRO 85 96  96  PRO PRO A . n 
A 1 86 LEU 86 97  97  LEU LEU A . n 
A 1 87 TYR 87 98  98  TYR TYR A . n 
A 1 88 ASP 88 99  99  ASP ASP A . n 
A 1 89 MET 89 100 100 MET MET A . n 
A 1 90 LEU 90 101 101 LEU LEU A . n 
A 1 91 ARG 91 102 102 ARG ARG A . n 
A 1 92 LYS 92 103 103 LYS LYS A . n 
A 1 93 ASN 93 104 104 ASN ASN A . n 
A 1 94 LEU 94 105 105 LEU LEU A . n 
A 1 95 VAL 95 106 106 VAL VAL A . n 
A 1 96 THR 96 107 107 THR THR A . n 
# 
loop_
_pdbx_nonpoly_scheme.asym_id 
_pdbx_nonpoly_scheme.entity_id 
_pdbx_nonpoly_scheme.mon_id 
_pdbx_nonpoly_scheme.ndb_seq_num 
_pdbx_nonpoly_scheme.pdb_seq_num 
_pdbx_nonpoly_scheme.auth_seq_num 
_pdbx_nonpoly_scheme.pdb_mon_id 
_pdbx_nonpoly_scheme.auth_mon_id 
_pdbx_nonpoly_scheme.pdb_strand_id 
_pdbx_nonpoly_scheme.pdb_ins_code 
B 2 O4B 1  201 11 O4B O4B A . 
C 3 NUT 1  202 21 NUT NUT A . 
D 4 HOH 1  301 24 HOH HOH A . 
D 4 HOH 2  302 30 HOH HOH A . 
D 4 HOH 3  303 28 HOH HOH A . 
D 4 HOH 4  304 20 HOH HOH A . 
D 4 HOH 5  305 18 HOH HOH A . 
D 4 HOH 6  306 16 HOH HOH A . 
D 4 HOH 7  307 11 HOH HOH A . 
D 4 HOH 8  308 12 HOH HOH A . 
D 4 HOH 9  309 27 HOH HOH A . 
D 4 HOH 10 310 29 HOH HOH A . 
D 4 HOH 11 311 32 HOH HOH A . 
D 4 HOH 12 312 14 HOH HOH A . 
D 4 HOH 13 313 33 HOH HOH A . 
D 4 HOH 14 314 23 HOH HOH A . 
D 4 HOH 15 315 31 HOH HOH A . 
D 4 HOH 16 316 25 HOH HOH A . 
D 4 HOH 17 317 34 HOH HOH A . 
D 4 HOH 18 318 17 HOH HOH A . 
D 4 HOH 19 319 15 HOH HOH A . 
D 4 HOH 20 320 13 HOH HOH A . 
D 4 HOH 21 321 35 HOH HOH A . 
D 4 HOH 22 322 26 HOH HOH A . 
D 4 HOH 23 323 19 HOH HOH A . 
D 4 HOH 24 324 22 HOH HOH A . 
D 4 HOH 25 325 21 HOH HOH A . 
# 
_pdbx_struct_assembly.id                   1 
_pdbx_struct_assembly.details              author_defined_assembly 
_pdbx_struct_assembly.method_details       ? 
_pdbx_struct_assembly.oligomeric_details   monomeric 
_pdbx_struct_assembly.oligomeric_count     1 
# 
_pdbx_struct_assembly_gen.assembly_id       1 
_pdbx_struct_assembly_gen.oper_expression   1 
_pdbx_struct_assembly_gen.asym_id_list      A,B,C,D 
# 
loop_
_pdbx_struct_assembly_prop.biol_id 
_pdbx_struct_assembly_prop.type 
_pdbx_struct_assembly_prop.value 
_pdbx_struct_assembly_prop.details 
1 'ABSA (A^2)' 0    ? 
1 MORE         0    ? 
1 'SSA (A^2)'  6750 ? 
# 
_pdbx_struct_oper_list.id                   1 
_pdbx_struct_oper_list.type                 'identity operation' 
_pdbx_struct_oper_list.name                 1_555 
_pdbx_struct_oper_list.symmetry_operation   x,y,z 
_pdbx_struct_oper_list.matrix[1][1]         1.0000000000 
_pdbx_struct_oper_list.matrix[1][2]         0.0000000000 
_pdbx_struct_oper_list.matrix[1][3]         0.0000000000 
_pdbx_struct_oper_list.vector[1]            0.0000000000 
_pdbx_struct_oper_list.matrix[2][1]         0.0000000000 
_pdbx_struct_oper_list.matrix[2][2]         1.0000000000 
_pdbx_struct_oper_list.matrix[2][3]         0.0000000000 
_pdbx_struct_oper_list.vector[2]            0.0000000000 
_pdbx_struct_oper_list.matrix[3][1]         0.0000000000 
_pdbx_struct_oper_list.matrix[3][2]         0.0000000000 
_pdbx_struct_oper_list.matrix[3][3]         1.0000000000 
_pdbx_struct_oper_list.vector[3]            0.0000000000 
# 
loop_
_pdbx_audit_revision_history.ordinal 
_pdbx_audit_revision_history.data_content_type 
_pdbx_audit_revision_history.major_revision 
_pdbx_audit_revision_history.minor_revision 
_pdbx_audit_revision_history.revision_date 
1 'Structure model' 1 0 2020-06-17 
2 'Structure model' 1 1 2023-11-29 
# 
_pdbx_audit_revision_details.ordinal             1 
_pdbx_audit_revision_details.revision_ordinal    1 
_pdbx_audit_revision_details.data_content_type   'Structure model' 
_pdbx_audit_revision_details.provider            repository 
_pdbx_audit_revision_details.type                'Initial release' 
_pdbx_audit_revision_details.description         ? 
_pdbx_audit_revision_details.details             ? 
# 
loop_
_pdbx_audit_revision_group.ordinal 
_pdbx_audit_revision_group.revision_ordinal 
_pdbx_audit_revision_group.data_content_type 
_pdbx_audit_revision_group.group 
1 2 'Structure model' 'Data collection'        
2 2 'Structure model' 'Database references'    
3 2 'Structure model' 'Derived calculations'   
4 2 'Structure model' 'Refinement description' 
# 
loop_
_pdbx_audit_revision_category.ordinal 
_pdbx_audit_revision_category.revision_ordinal 
_pdbx_audit_revision_category.data_content_type 
_pdbx_audit_revision_category.category 
1 2 'Structure model' atom_type                     
2 2 'Structure model' chem_comp_atom                
3 2 'Structure model' chem_comp_bond                
4 2 'Structure model' database_2                    
5 2 'Structure model' pdbx_initial_refinement_model 
# 
loop_
_pdbx_audit_revision_item.ordinal 
_pdbx_audit_revision_item.revision_ordinal 
_pdbx_audit_revision_item.data_content_type 
_pdbx_audit_revision_item.item 
1 2 'Structure model' '_atom_type.pdbx_N_electrons'         
2 2 'Structure model' '_atom_type.pdbx_scat_Z'              
3 2 'Structure model' '_database_2.pdbx_DOI'                
4 2 'Structure model' '_database_2.pdbx_database_accession' 
# 
_phasing.method   MR 
# 
loop_
_software.citation_id 
_software.classification 
_software.compiler_name 
_software.compiler_version 
_software.contact_author 
_software.contact_author_email 
_software.date 
_software.description 
_software.dependencies 
_software.hardware 
_software.language 
_software.location 
_software.mods 
_software.name 
_software.os 
_software.os_version 
_software.type 
_software.version 
_software.pdbx_ordinal 
? 'data reduction'  ? ? 'Zbyszek Otwinowski' hkl@hkl-xray.com            ?              ? ? ? ?          http://www.hkl-xray.com/ 
? HKL-2000    ? ? package .        1 
? 'data scaling'    ? ? 'Phil Evans'         ?                           ?              ? ? ? ?          
http://www.mrc-lmb.cam.ac.uk/harry/pre/aimless.html ? Aimless     ? ? program .        2 
? phasing           ? ? 'Randy J. Read'      cimr-phaser@lists.cam.ac.uk ?              ? ? ? ?          
http://www-structmed.cimr.cam.ac.uk/phaser/         ? PHASER      ? ? program .        3 
? refinement        ? ? 'Garib N. Murshudov' garib@ysbl.york.ac.uk       ?              ? ? ? Fortran_77 
http://www.ccp4.ac.uk/dist/html/refmac5.html        ? REFMAC      ? ? program 5.8.0258 4 
? 'data extraction' ? ? PDB                  deposit@deposit.rcsb.org    'Apr. 1, 2019' ? ? ? C++        
http://sw-tools.pdb.org/apps/PDB_EXTRACT/           ? PDB_EXTRACT ? ? package 3.25     5 
# 
_pdbx_entry_details.entry_id                 7C3Y 
_pdbx_entry_details.has_ligand_of_interest   Y 
_pdbx_entry_details.compound_details         ? 
_pdbx_entry_details.source_details           ? 
_pdbx_entry_details.nonpolymer_details       ? 
_pdbx_entry_details.sequence_details         ? 
# 
loop_
_pdbx_validate_torsion.id 
_pdbx_validate_torsion.PDB_model_num 
_pdbx_validate_torsion.auth_comp_id 
_pdbx_validate_torsion.auth_asym_id 
_pdbx_validate_torsion.auth_seq_id 
_pdbx_validate_torsion.PDB_ins_code 
_pdbx_validate_torsion.label_alt_id 
_pdbx_validate_torsion.phi 
_pdbx_validate_torsion.psi 
1 1 ASN A 24 ? ? 63.30   66.03 
2 1 GLU A 44 ? ? -140.34 18.43 
# 
loop_
_chem_comp_atom.comp_id 
_chem_comp_atom.atom_id 
_chem_comp_atom.type_symbol 
_chem_comp_atom.pdbx_aromatic_flag 
_chem_comp_atom.pdbx_stereo_config 
_chem_comp_atom.pdbx_ordinal 
ALA N    N  N N 1   
ALA CA   C  N S 2   
ALA C    C  N N 3   
ALA O    O  N N 4   
ALA CB   C  N N 5   
ALA OXT  O  N N 6   
ALA H    H  N N 7   
ALA H2   H  N N 8   
ALA HA   H  N N 9   
ALA HB1  H  N N 10  
ALA HB2  H  N N 11  
ALA HB3  H  N N 12  
ALA HXT  H  N N 13  
ARG N    N  N N 14  
ARG CA   C  N S 15  
ARG C    C  N N 16  
ARG O    O  N N 17  
ARG CB   C  N N 18  
ARG CG   C  N N 19  
ARG CD   C  N N 20  
ARG NE   N  N N 21  
ARG CZ   C  N N 22  
ARG NH1  N  N N 23  
ARG NH2  N  N N 24  
ARG OXT  O  N N 25  
ARG H    H  N N 26  
ARG H2   H  N N 27  
ARG HA   H  N N 28  
ARG HB2  H  N N 29  
ARG HB3  H  N N 30  
ARG HG2  H  N N 31  
ARG HG3  H  N N 32  
ARG HD2  H  N N 33  
ARG HD3  H  N N 34  
ARG HE   H  N N 35  
ARG HH11 H  N N 36  
ARG HH12 H  N N 37  
ARG HH21 H  N N 38  
ARG HH22 H  N N 39  
ARG HXT  H  N N 40  
ASN N    N  N N 41  
ASN CA   C  N S 42  
ASN C    C  N N 43  
ASN O    O  N N 44  
ASN CB   C  N N 45  
ASN CG   C  N N 46  
ASN OD1  O  N N 47  
ASN ND2  N  N N 48  
ASN OXT  O  N N 49  
ASN H    H  N N 50  
ASN H2   H  N N 51  
ASN HA   H  N N 52  
ASN HB2  H  N N 53  
ASN HB3  H  N N 54  
ASN HD21 H  N N 55  
ASN HD22 H  N N 56  
ASN HXT  H  N N 57  
ASP N    N  N N 58  
ASP CA   C  N S 59  
ASP C    C  N N 60  
ASP O    O  N N 61  
ASP CB   C  N N 62  
ASP CG   C  N N 63  
ASP OD1  O  N N 64  
ASP OD2  O  N N 65  
ASP OXT  O  N N 66  
ASP H    H  N N 67  
ASP H2   H  N N 68  
ASP HA   H  N N 69  
ASP HB2  H  N N 70  
ASP HB3  H  N N 71  
ASP HD2  H  N N 72  
ASP HXT  H  N N 73  
CYS N    N  N N 74  
CYS CA   C  N R 75  
CYS C    C  N N 76  
CYS O    O  N N 77  
CYS CB   C  N N 78  
CYS SG   S  N N 79  
CYS OXT  O  N N 80  
CYS H    H  N N 81  
CYS H2   H  N N 82  
CYS HA   H  N N 83  
CYS HB2  H  N N 84  
CYS HB3  H  N N 85  
CYS HG   H  N N 86  
CYS HXT  H  N N 87  
GLN N    N  N N 88  
GLN CA   C  N S 89  
GLN C    C  N N 90  
GLN O    O  N N 91  
GLN CB   C  N N 92  
GLN CG   C  N N 93  
GLN CD   C  N N 94  
GLN OE1  O  N N 95  
GLN NE2  N  N N 96  
GLN OXT  O  N N 97  
GLN H    H  N N 98  
GLN H2   H  N N 99  
GLN HA   H  N N 100 
GLN HB2  H  N N 101 
GLN HB3  H  N N 102 
GLN HG2  H  N N 103 
GLN HG3  H  N N 104 
GLN HE21 H  N N 105 
GLN HE22 H  N N 106 
GLN HXT  H  N N 107 
GLU N    N  N N 108 
GLU CA   C  N S 109 
GLU C    C  N N 110 
GLU O    O  N N 111 
GLU CB   C  N N 112 
GLU CG   C  N N 113 
GLU CD   C  N N 114 
GLU OE1  O  N N 115 
GLU OE2  O  N N 116 
GLU OXT  O  N N 117 
GLU H    H  N N 118 
GLU H2   H  N N 119 
GLU HA   H  N N 120 
GLU HB2  H  N N 121 
GLU HB3  H  N N 122 
GLU HG2  H  N N 123 
GLU HG3  H  N N 124 
GLU HE2  H  N N 125 
GLU HXT  H  N N 126 
GLY N    N  N N 127 
GLY CA   C  N N 128 
GLY C    C  N N 129 
GLY O    O  N N 130 
GLY OXT  O  N N 131 
GLY H    H  N N 132 
GLY H2   H  N N 133 
GLY HA2  H  N N 134 
GLY HA3  H  N N 135 
GLY HXT  H  N N 136 
HIS N    N  N N 137 
HIS CA   C  N S 138 
HIS C    C  N N 139 
HIS O    O  N N 140 
HIS CB   C  N N 141 
HIS CG   C  Y N 142 
HIS ND1  N  Y N 143 
HIS CD2  C  Y N 144 
HIS CE1  C  Y N 145 
HIS NE2  N  Y N 146 
HIS OXT  O  N N 147 
HIS H    H  N N 148 
HIS H2   H  N N 149 
HIS HA   H  N N 150 
HIS HB2  H  N N 151 
HIS HB3  H  N N 152 
HIS HD1  H  N N 153 
HIS HD2  H  N N 154 
HIS HE1  H  N N 155 
HIS HE2  H  N N 156 
HIS HXT  H  N N 157 
HOH O    O  N N 158 
HOH H1   H  N N 159 
HOH H2   H  N N 160 
ILE N    N  N N 161 
ILE CA   C  N S 162 
ILE C    C  N N 163 
ILE O    O  N N 164 
ILE CB   C  N S 165 
ILE CG1  C  N N 166 
ILE CG2  C  N N 167 
ILE CD1  C  N N 168 
ILE OXT  O  N N 169 
ILE H    H  N N 170 
ILE H2   H  N N 171 
ILE HA   H  N N 172 
ILE HB   H  N N 173 
ILE HG12 H  N N 174 
ILE HG13 H  N N 175 
ILE HG21 H  N N 176 
ILE HG22 H  N N 177 
ILE HG23 H  N N 178 
ILE HD11 H  N N 179 
ILE HD12 H  N N 180 
ILE HD13 H  N N 181 
ILE HXT  H  N N 182 
LEU N    N  N N 183 
LEU CA   C  N S 184 
LEU C    C  N N 185 
LEU O    O  N N 186 
LEU CB   C  N N 187 
LEU CG   C  N N 188 
LEU CD1  C  N N 189 
LEU CD2  C  N N 190 
LEU OXT  O  N N 191 
LEU H    H  N N 192 
LEU H2   H  N N 193 
LEU HA   H  N N 194 
LEU HB2  H  N N 195 
LEU HB3  H  N N 196 
LEU HG   H  N N 197 
LEU HD11 H  N N 198 
LEU HD12 H  N N 199 
LEU HD13 H  N N 200 
LEU HD21 H  N N 201 
LEU HD22 H  N N 202 
LEU HD23 H  N N 203 
LEU HXT  H  N N 204 
LYS N    N  N N 205 
LYS CA   C  N S 206 
LYS C    C  N N 207 
LYS O    O  N N 208 
LYS CB   C  N N 209 
LYS CG   C  N N 210 
LYS CD   C  N N 211 
LYS CE   C  N N 212 
LYS NZ   N  N N 213 
LYS OXT  O  N N 214 
LYS H    H  N N 215 
LYS H2   H  N N 216 
LYS HA   H  N N 217 
LYS HB2  H  N N 218 
LYS HB3  H  N N 219 
LYS HG2  H  N N 220 
LYS HG3  H  N N 221 
LYS HD2  H  N N 222 
LYS HD3  H  N N 223 
LYS HE2  H  N N 224 
LYS HE3  H  N N 225 
LYS HZ1  H  N N 226 
LYS HZ2  H  N N 227 
LYS HZ3  H  N N 228 
LYS HXT  H  N N 229 
MET N    N  N N 230 
MET CA   C  N S 231 
MET C    C  N N 232 
MET O    O  N N 233 
MET CB   C  N N 234 
MET CG   C  N N 235 
MET SD   S  N N 236 
MET CE   C  N N 237 
MET OXT  O  N N 238 
MET H    H  N N 239 
MET H2   H  N N 240 
MET HA   H  N N 241 
MET HB2  H  N N 242 
MET HB3  H  N N 243 
MET HG2  H  N N 244 
MET HG3  H  N N 245 
MET HE1  H  N N 246 
MET HE2  H  N N 247 
MET HE3  H  N N 248 
MET HXT  H  N N 249 
NUT O3   O  N N 250 
NUT C25  C  N N 251 
NUT N2   N  N N 252 
NUT C29  C  N N 253 
NUT C28  C  N N 254 
NUT O2   O  N N 255 
NUT N3   N  N N 256 
NUT C27  C  N N 257 
NUT C26  C  N N 258 
NUT N1   N  N N 259 
NUT C10  C  N N 260 
NUT C9   C  Y N 261 
NUT C3   C  Y N 262 
NUT C2   C  Y N 263 
NUT C5   C  Y N 264 
NUT O1   O  N N 265 
NUT C6   C  N N 266 
NUT C8   C  N N 267 
NUT C7   C  N N 268 
NUT C4   C  Y N 269 
NUT C1   C  Y N 270 
NUT O    O  N N 271 
NUT C    C  N N 272 
NUT C18  C  N R 273 
NUT C19  C  Y N 274 
NUT C24  C  Y N 275 
NUT C23  C  Y N 276 
NUT C22  C  Y N 277 
NUT CL1  CL N N 278 
NUT C21  C  Y N 279 
NUT C20  C  Y N 280 
NUT C11  C  N S 281 
NUT N    N  N N 282 
NUT C12  C  Y N 283 
NUT C17  C  Y N 284 
NUT C16  C  Y N 285 
NUT C15  C  Y N 286 
NUT CL   CL N N 287 
NUT C14  C  Y N 288 
NUT C13  C  Y N 289 
NUT H1   H  N N 290 
NUT H2   H  N N 291 
NUT H3   H  N N 292 
NUT H4   H  N N 293 
NUT H5   H  N N 294 
NUT H6   H  N N 295 
NUT H7   H  N N 296 
NUT H9   H  N N 297 
NUT H10  H  N N 298 
NUT H11  H  N N 299 
NUT H12  H  N N 300 
NUT H13  H  N N 301 
NUT H14  H  N N 302 
NUT H15  H  N N 303 
NUT H16  H  N N 304 
NUT H17  H  N N 305 
NUT H18  H  N N 306 
NUT H19  H  N N 307 
NUT H20  H  N N 308 
NUT H21  H  N N 309 
NUT H22  H  N N 310 
NUT H23  H  N N 311 
NUT H24  H  N N 312 
NUT H25  H  N N 313 
NUT H26  H  N N 314 
NUT H27  H  N N 315 
NUT H30  H  N N 316 
NUT H31  H  N N 317 
NUT H32  H  N N 318 
NUT H33  H  N N 319 
O4B CAA  C  N N 320 
O4B OAM  O  N N 321 
O4B CAC  C  N N 322 
O4B CAD  C  N N 323 
O4B OAO  O  N N 324 
O4B CAG  C  N N 325 
O4B CAH  C  N N 326 
O4B OAQ  O  N N 327 
O4B CAK  C  N N 328 
O4B CAL  C  N N 329 
O4B OAR  O  N N 330 
O4B CAJ  C  N N 331 
O4B CAI  C  N N 332 
O4B OAP  O  N N 333 
O4B CAF  C  N N 334 
O4B CAE  C  N N 335 
O4B OAN  O  N N 336 
O4B CAB  C  N N 337 
O4B HAA1 H  N N 338 
O4B HAA2 H  N N 339 
O4B HAB1 H  N N 340 
O4B HAB2 H  N N 341 
O4B HAC1 H  N N 342 
O4B HAC2 H  N N 343 
O4B HAD1 H  N N 344 
O4B HAD2 H  N N 345 
O4B HAG1 H  N N 346 
O4B HAG2 H  N N 347 
O4B HAH1 H  N N 348 
O4B HAH2 H  N N 349 
O4B HAK1 H  N N 350 
O4B HAK2 H  N N 351 
O4B HAL1 H  N N 352 
O4B HAL2 H  N N 353 
O4B HAJ1 H  N N 354 
O4B HAJ2 H  N N 355 
O4B HAI1 H  N N 356 
O4B HAI2 H  N N 357 
O4B HAF1 H  N N 358 
O4B HAF2 H  N N 359 
O4B HAE1 H  N N 360 
O4B HAE2 H  N N 361 
PHE N    N  N N 362 
PHE CA   C  N S 363 
PHE C    C  N N 364 
PHE O    O  N N 365 
PHE CB   C  N N 366 
PHE CG   C  Y N 367 
PHE CD1  C  Y N 368 
PHE CD2  C  Y N 369 
PHE CE1  C  Y N 370 
PHE CE2  C  Y N 371 
PHE CZ   C  Y N 372 
PHE OXT  O  N N 373 
PHE H    H  N N 374 
PHE H2   H  N N 375 
PHE HA   H  N N 376 
PHE HB2  H  N N 377 
PHE HB3  H  N N 378 
PHE HD1  H  N N 379 
PHE HD2  H  N N 380 
PHE HE1  H  N N 381 
PHE HE2  H  N N 382 
PHE HZ   H  N N 383 
PHE HXT  H  N N 384 
PRO N    N  N N 385 
PRO CA   C  N S 386 
PRO C    C  N N 387 
PRO O    O  N N 388 
PRO CB   C  N N 389 
PRO CG   C  N N 390 
PRO CD   C  N N 391 
PRO OXT  O  N N 392 
PRO H    H  N N 393 
PRO HA   H  N N 394 
PRO HB2  H  N N 395 
PRO HB3  H  N N 396 
PRO HG2  H  N N 397 
PRO HG3  H  N N 398 
PRO HD2  H  N N 399 
PRO HD3  H  N N 400 
PRO HXT  H  N N 401 
SER N    N  N N 402 
SER CA   C  N S 403 
SER C    C  N N 404 
SER O    O  N N 405 
SER CB   C  N N 406 
SER OG   O  N N 407 
SER OXT  O  N N 408 
SER H    H  N N 409 
SER H2   H  N N 410 
SER HA   H  N N 411 
SER HB2  H  N N 412 
SER HB3  H  N N 413 
SER HG   H  N N 414 
SER HXT  H  N N 415 
THR N    N  N N 416 
THR CA   C  N S 417 
THR C    C  N N 418 
THR O    O  N N 419 
THR CB   C  N R 420 
THR OG1  O  N N 421 
THR CG2  C  N N 422 
THR OXT  O  N N 423 
THR H    H  N N 424 
THR H2   H  N N 425 
THR HA   H  N N 426 
THR HB   H  N N 427 
THR HG1  H  N N 428 
THR HG21 H  N N 429 
THR HG22 H  N N 430 
THR HG23 H  N N 431 
THR HXT  H  N N 432 
TYR N    N  N N 433 
TYR CA   C  N S 434 
TYR C    C  N N 435 
TYR O    O  N N 436 
TYR CB   C  N N 437 
TYR CG   C  Y N 438 
TYR CD1  C  Y N 439 
TYR CD2  C  Y N 440 
TYR CE1  C  Y N 441 
TYR CE2  C  Y N 442 
TYR CZ   C  Y N 443 
TYR OH   O  N N 444 
TYR OXT  O  N N 445 
TYR H    H  N N 446 
TYR H2   H  N N 447 
TYR HA   H  N N 448 
TYR HB2  H  N N 449 
TYR HB3  H  N N 450 
TYR HD1  H  N N 451 
TYR HD2  H  N N 452 
TYR HE1  H  N N 453 
TYR HE2  H  N N 454 
TYR HH   H  N N 455 
TYR HXT  H  N N 456 
VAL N    N  N N 457 
VAL CA   C  N S 458 
VAL C    C  N N 459 
VAL O    O  N N 460 
VAL CB   C  N N 461 
VAL CG1  C  N N 462 
VAL CG2  C  N N 463 
VAL OXT  O  N N 464 
VAL H    H  N N 465 
VAL H2   H  N N 466 
VAL HA   H  N N 467 
VAL HB   H  N N 468 
VAL HG11 H  N N 469 
VAL HG12 H  N N 470 
VAL HG13 H  N N 471 
VAL HG21 H  N N 472 
VAL HG22 H  N N 473 
VAL HG23 H  N N 474 
VAL HXT  H  N N 475 
# 
loop_
_chem_comp_bond.comp_id 
_chem_comp_bond.atom_id_1 
_chem_comp_bond.atom_id_2 
_chem_comp_bond.value_order 
_chem_comp_bond.pdbx_aromatic_flag 
_chem_comp_bond.pdbx_stereo_config 
_chem_comp_bond.pdbx_ordinal 
ALA N   CA   sing N N 1   
ALA N   H    sing N N 2   
ALA N   H2   sing N N 3   
ALA CA  C    sing N N 4   
ALA CA  CB   sing N N 5   
ALA CA  HA   sing N N 6   
ALA C   O    doub N N 7   
ALA C   OXT  sing N N 8   
ALA CB  HB1  sing N N 9   
ALA CB  HB2  sing N N 10  
ALA CB  HB3  sing N N 11  
ALA OXT HXT  sing N N 12  
ARG N   CA   sing N N 13  
ARG N   H    sing N N 14  
ARG N   H2   sing N N 15  
ARG CA  C    sing N N 16  
ARG CA  CB   sing N N 17  
ARG CA  HA   sing N N 18  
ARG C   O    doub N N 19  
ARG C   OXT  sing N N 20  
ARG CB  CG   sing N N 21  
ARG CB  HB2  sing N N 22  
ARG CB  HB3  sing N N 23  
ARG CG  CD   sing N N 24  
ARG CG  HG2  sing N N 25  
ARG CG  HG3  sing N N 26  
ARG CD  NE   sing N N 27  
ARG CD  HD2  sing N N 28  
ARG CD  HD3  sing N N 29  
ARG NE  CZ   sing N N 30  
ARG NE  HE   sing N N 31  
ARG CZ  NH1  sing N N 32  
ARG CZ  NH2  doub N N 33  
ARG NH1 HH11 sing N N 34  
ARG NH1 HH12 sing N N 35  
ARG NH2 HH21 sing N N 36  
ARG NH2 HH22 sing N N 37  
ARG OXT HXT  sing N N 38  
ASN N   CA   sing N N 39  
ASN N   H    sing N N 40  
ASN N   H2   sing N N 41  
ASN CA  C    sing N N 42  
ASN CA  CB   sing N N 43  
ASN CA  HA   sing N N 44  
ASN C   O    doub N N 45  
ASN C   OXT  sing N N 46  
ASN CB  CG   sing N N 47  
ASN CB  HB2  sing N N 48  
ASN CB  HB3  sing N N 49  
ASN CG  OD1  doub N N 50  
ASN CG  ND2  sing N N 51  
ASN ND2 HD21 sing N N 52  
ASN ND2 HD22 sing N N 53  
ASN OXT HXT  sing N N 54  
ASP N   CA   sing N N 55  
ASP N   H    sing N N 56  
ASP N   H2   sing N N 57  
ASP CA  C    sing N N 58  
ASP CA  CB   sing N N 59  
ASP CA  HA   sing N N 60  
ASP C   O    doub N N 61  
ASP C   OXT  sing N N 62  
ASP CB  CG   sing N N 63  
ASP CB  HB2  sing N N 64  
ASP CB  HB3  sing N N 65  
ASP CG  OD1  doub N N 66  
ASP CG  OD2  sing N N 67  
ASP OD2 HD2  sing N N 68  
ASP OXT HXT  sing N N 69  
CYS N   CA   sing N N 70  
CYS N   H    sing N N 71  
CYS N   H2   sing N N 72  
CYS CA  C    sing N N 73  
CYS CA  CB   sing N N 74  
CYS CA  HA   sing N N 75  
CYS C   O    doub N N 76  
CYS C   OXT  sing N N 77  
CYS CB  SG   sing N N 78  
CYS CB  HB2  sing N N 79  
CYS CB  HB3  sing N N 80  
CYS SG  HG   sing N N 81  
CYS OXT HXT  sing N N 82  
GLN N   CA   sing N N 83  
GLN N   H    sing N N 84  
GLN N   H2   sing N N 85  
GLN CA  C    sing N N 86  
GLN CA  CB   sing N N 87  
GLN CA  HA   sing N N 88  
GLN C   O    doub N N 89  
GLN C   OXT  sing N N 90  
GLN CB  CG   sing N N 91  
GLN CB  HB2  sing N N 92  
GLN CB  HB3  sing N N 93  
GLN CG  CD   sing N N 94  
GLN CG  HG2  sing N N 95  
GLN CG  HG3  sing N N 96  
GLN CD  OE1  doub N N 97  
GLN CD  NE2  sing N N 98  
GLN NE2 HE21 sing N N 99  
GLN NE2 HE22 sing N N 100 
GLN OXT HXT  sing N N 101 
GLU N   CA   sing N N 102 
GLU N   H    sing N N 103 
GLU N   H2   sing N N 104 
GLU CA  C    sing N N 105 
GLU CA  CB   sing N N 106 
GLU CA  HA   sing N N 107 
GLU C   O    doub N N 108 
GLU C   OXT  sing N N 109 
GLU CB  CG   sing N N 110 
GLU CB  HB2  sing N N 111 
GLU CB  HB3  sing N N 112 
GLU CG  CD   sing N N 113 
GLU CG  HG2  sing N N 114 
GLU CG  HG3  sing N N 115 
GLU CD  OE1  doub N N 116 
GLU CD  OE2  sing N N 117 
GLU OE2 HE2  sing N N 118 
GLU OXT HXT  sing N N 119 
GLY N   CA   sing N N 120 
GLY N   H    sing N N 121 
GLY N   H2   sing N N 122 
GLY CA  C    sing N N 123 
GLY CA  HA2  sing N N 124 
GLY CA  HA3  sing N N 125 
GLY C   O    doub N N 126 
GLY C   OXT  sing N N 127 
GLY OXT HXT  sing N N 128 
HIS N   CA   sing N N 129 
HIS N   H    sing N N 130 
HIS N   H2   sing N N 131 
HIS CA  C    sing N N 132 
HIS CA  CB   sing N N 133 
HIS CA  HA   sing N N 134 
HIS C   O    doub N N 135 
HIS C   OXT  sing N N 136 
HIS CB  CG   sing N N 137 
HIS CB  HB2  sing N N 138 
HIS CB  HB3  sing N N 139 
HIS CG  ND1  sing Y N 140 
HIS CG  CD2  doub Y N 141 
HIS ND1 CE1  doub Y N 142 
HIS ND1 HD1  sing N N 143 
HIS CD2 NE2  sing Y N 144 
HIS CD2 HD2  sing N N 145 
HIS CE1 NE2  sing Y N 146 
HIS CE1 HE1  sing N N 147 
HIS NE2 HE2  sing N N 148 
HIS OXT HXT  sing N N 149 
HOH O   H1   sing N N 150 
HOH O   H2   sing N N 151 
ILE N   CA   sing N N 152 
ILE N   H    sing N N 153 
ILE N   H2   sing N N 154 
ILE CA  C    sing N N 155 
ILE CA  CB   sing N N 156 
ILE CA  HA   sing N N 157 
ILE C   O    doub N N 158 
ILE C   OXT  sing N N 159 
ILE CB  CG1  sing N N 160 
ILE CB  CG2  sing N N 161 
ILE CB  HB   sing N N 162 
ILE CG1 CD1  sing N N 163 
ILE CG1 HG12 sing N N 164 
ILE CG1 HG13 sing N N 165 
ILE CG2 HG21 sing N N 166 
ILE CG2 HG22 sing N N 167 
ILE CG2 HG23 sing N N 168 
ILE CD1 HD11 sing N N 169 
ILE CD1 HD12 sing N N 170 
ILE CD1 HD13 sing N N 171 
ILE OXT HXT  sing N N 172 
LEU N   CA   sing N N 173 
LEU N   H    sing N N 174 
LEU N   H2   sing N N 175 
LEU CA  C    sing N N 176 
LEU CA  CB   sing N N 177 
LEU CA  HA   sing N N 178 
LEU C   O    doub N N 179 
LEU C   OXT  sing N N 180 
LEU CB  CG   sing N N 181 
LEU CB  HB2  sing N N 182 
LEU CB  HB3  sing N N 183 
LEU CG  CD1  sing N N 184 
LEU CG  CD2  sing N N 185 
LEU CG  HG   sing N N 186 
LEU CD1 HD11 sing N N 187 
LEU CD1 HD12 sing N N 188 
LEU CD1 HD13 sing N N 189 
LEU CD2 HD21 sing N N 190 
LEU CD2 HD22 sing N N 191 
LEU CD2 HD23 sing N N 192 
LEU OXT HXT  sing N N 193 
LYS N   CA   sing N N 194 
LYS N   H    sing N N 195 
LYS N   H2   sing N N 196 
LYS CA  C    sing N N 197 
LYS CA  CB   sing N N 198 
LYS CA  HA   sing N N 199 
LYS C   O    doub N N 200 
LYS C   OXT  sing N N 201 
LYS CB  CG   sing N N 202 
LYS CB  HB2  sing N N 203 
LYS CB  HB3  sing N N 204 
LYS CG  CD   sing N N 205 
LYS CG  HG2  sing N N 206 
LYS CG  HG3  sing N N 207 
LYS CD  CE   sing N N 208 
LYS CD  HD2  sing N N 209 
LYS CD  HD3  sing N N 210 
LYS CE  NZ   sing N N 211 
LYS CE  HE2  sing N N 212 
LYS CE  HE3  sing N N 213 
LYS NZ  HZ1  sing N N 214 
LYS NZ  HZ2  sing N N 215 
LYS NZ  HZ3  sing N N 216 
LYS OXT HXT  sing N N 217 
MET N   CA   sing N N 218 
MET N   H    sing N N 219 
MET N   H2   sing N N 220 
MET CA  C    sing N N 221 
MET CA  CB   sing N N 222 
MET CA  HA   sing N N 223 
MET C   O    doub N N 224 
MET C   OXT  sing N N 225 
MET CB  CG   sing N N 226 
MET CB  HB2  sing N N 227 
MET CB  HB3  sing N N 228 
MET CG  SD   sing N N 229 
MET CG  HG2  sing N N 230 
MET CG  HG3  sing N N 231 
MET SD  CE   sing N N 232 
MET CE  HE1  sing N N 233 
MET CE  HE2  sing N N 234 
MET CE  HE3  sing N N 235 
MET OXT HXT  sing N N 236 
NUT O2  C28  doub N N 237 
NUT C28 C29  sing N N 238 
NUT C28 N3   sing N N 239 
NUT C29 N2   sing N N 240 
NUT O3  C25  doub N N 241 
NUT N3  C27  sing N N 242 
NUT C25 N2   sing N N 243 
NUT C25 N1   sing N N 244 
NUT N2  C26  sing N N 245 
NUT C27 C26  sing N N 246 
NUT C11 C18  sing N N 247 
NUT C11 N    sing N N 248 
NUT C11 C12  sing N N 249 
NUT C3  C2   doub Y N 250 
NUT C3  C9   sing Y N 251 
NUT N1  C18  sing N N 252 
NUT N1  C10  sing N N 253 
NUT C2  C1   sing Y N 254 
NUT C17 C12  doub Y N 255 
NUT C17 C16  sing Y N 256 
NUT C18 C19  sing N N 257 
NUT C10 N    doub N N 258 
NUT C10 C9   sing N N 259 
NUT C9  C5   doub Y N 260 
NUT C   O    sing N N 261 
NUT C12 C13  sing Y N 262 
NUT C1  O    sing N N 263 
NUT C1  C4   doub Y N 264 
NUT C16 C15  doub Y N 265 
NUT C5  C4   sing Y N 266 
NUT C5  O1   sing N N 267 
NUT C8  C6   sing N N 268 
NUT O1  C6   sing N N 269 
NUT C19 C24  doub Y N 270 
NUT C19 C20  sing Y N 271 
NUT C24 C23  sing Y N 272 
NUT C13 C14  doub Y N 273 
NUT C15 C14  sing Y N 274 
NUT C15 CL   sing N N 275 
NUT C6  C7   sing N N 276 
NUT C20 C21  doub Y N 277 
NUT C23 C22  doub Y N 278 
NUT C21 C22  sing Y N 279 
NUT C22 CL1  sing N N 280 
NUT C29 H1   sing N N 281 
NUT C29 H2   sing N N 282 
NUT N3  H3   sing N N 283 
NUT C27 H4   sing N N 284 
NUT C27 H5   sing N N 285 
NUT C26 H6   sing N N 286 
NUT C26 H7   sing N N 287 
NUT C3  H9   sing N N 288 
NUT C2  H10  sing N N 289 
NUT C6  H11  sing N N 290 
NUT C8  H12  sing N N 291 
NUT C8  H13  sing N N 292 
NUT C8  H14  sing N N 293 
NUT C7  H15  sing N N 294 
NUT C7  H16  sing N N 295 
NUT C7  H17  sing N N 296 
NUT C4  H18  sing N N 297 
NUT C   H19  sing N N 298 
NUT C   H20  sing N N 299 
NUT C   H21  sing N N 300 
NUT C18 H22  sing N N 301 
NUT C24 H23  sing N N 302 
NUT C23 H24  sing N N 303 
NUT C21 H25  sing N N 304 
NUT C20 H26  sing N N 305 
NUT C11 H27  sing N N 306 
NUT C17 H30  sing N N 307 
NUT C16 H31  sing N N 308 
NUT C14 H32  sing N N 309 
NUT C13 H33  sing N N 310 
O4B CAA OAM  sing N N 311 
O4B CAA CAB  sing N N 312 
O4B OAM CAC  sing N N 313 
O4B CAC CAD  sing N N 314 
O4B CAD OAO  sing N N 315 
O4B OAO CAG  sing N N 316 
O4B CAG CAH  sing N N 317 
O4B CAH OAQ  sing N N 318 
O4B OAQ CAK  sing N N 319 
O4B CAK CAL  sing N N 320 
O4B CAL OAR  sing N N 321 
O4B OAR CAJ  sing N N 322 
O4B CAJ CAI  sing N N 323 
O4B CAI OAP  sing N N 324 
O4B OAP CAF  sing N N 325 
O4B CAF CAE  sing N N 326 
O4B CAE OAN  sing N N 327 
O4B OAN CAB  sing N N 328 
O4B CAA HAA1 sing N N 329 
O4B CAA HAA2 sing N N 330 
O4B CAB HAB1 sing N N 331 
O4B CAB HAB2 sing N N 332 
O4B CAC HAC1 sing N N 333 
O4B CAC HAC2 sing N N 334 
O4B CAD HAD1 sing N N 335 
O4B CAD HAD2 sing N N 336 
O4B CAG HAG1 sing N N 337 
O4B CAG HAG2 sing N N 338 
O4B CAH HAH1 sing N N 339 
O4B CAH HAH2 sing N N 340 
O4B CAK HAK1 sing N N 341 
O4B CAK HAK2 sing N N 342 
O4B CAL HAL1 sing N N 343 
O4B CAL HAL2 sing N N 344 
O4B CAJ HAJ1 sing N N 345 
O4B CAJ HAJ2 sing N N 346 
O4B CAI HAI1 sing N N 347 
O4B CAI HAI2 sing N N 348 
O4B CAF HAF1 sing N N 349 
O4B CAF HAF2 sing N N 350 
O4B CAE HAE1 sing N N 351 
O4B CAE HAE2 sing N N 352 
PHE N   CA   sing N N 353 
PHE N   H    sing N N 354 
PHE N   H2   sing N N 355 
PHE CA  C    sing N N 356 
PHE CA  CB   sing N N 357 
PHE CA  HA   sing N N 358 
PHE C   O    doub N N 359 
PHE C   OXT  sing N N 360 
PHE CB  CG   sing N N 361 
PHE CB  HB2  sing N N 362 
PHE CB  HB3  sing N N 363 
PHE CG  CD1  doub Y N 364 
PHE CG  CD2  sing Y N 365 
PHE CD1 CE1  sing Y N 366 
PHE CD1 HD1  sing N N 367 
PHE CD2 CE2  doub Y N 368 
PHE CD2 HD2  sing N N 369 
PHE CE1 CZ   doub Y N 370 
PHE CE1 HE1  sing N N 371 
PHE CE2 CZ   sing Y N 372 
PHE CE2 HE2  sing N N 373 
PHE CZ  HZ   sing N N 374 
PHE OXT HXT  sing N N 375 
PRO N   CA   sing N N 376 
PRO N   CD   sing N N 377 
PRO N   H    sing N N 378 
PRO CA  C    sing N N 379 
PRO CA  CB   sing N N 380 
PRO CA  HA   sing N N 381 
PRO C   O    doub N N 382 
PRO C   OXT  sing N N 383 
PRO CB  CG   sing N N 384 
PRO CB  HB2  sing N N 385 
PRO CB  HB3  sing N N 386 
PRO CG  CD   sing N N 387 
PRO CG  HG2  sing N N 388 
PRO CG  HG3  sing N N 389 
PRO CD  HD2  sing N N 390 
PRO CD  HD3  sing N N 391 
PRO OXT HXT  sing N N 392 
SER N   CA   sing N N 393 
SER N   H    sing N N 394 
SER N   H2   sing N N 395 
SER CA  C    sing N N 396 
SER CA  CB   sing N N 397 
SER CA  HA   sing N N 398 
SER C   O    doub N N 399 
SER C   OXT  sing N N 400 
SER CB  OG   sing N N 401 
SER CB  HB2  sing N N 402 
SER CB  HB3  sing N N 403 
SER OG  HG   sing N N 404 
SER OXT HXT  sing N N 405 
THR N   CA   sing N N 406 
THR N   H    sing N N 407 
THR N   H2   sing N N 408 
THR CA  C    sing N N 409 
THR CA  CB   sing N N 410 
THR CA  HA   sing N N 411 
THR C   O    doub N N 412 
THR C   OXT  sing N N 413 
THR CB  OG1  sing N N 414 
THR CB  CG2  sing N N 415 
THR CB  HB   sing N N 416 
THR OG1 HG1  sing N N 417 
THR CG2 HG21 sing N N 418 
THR CG2 HG22 sing N N 419 
THR CG2 HG23 sing N N 420 
THR OXT HXT  sing N N 421 
TYR N   CA   sing N N 422 
TYR N   H    sing N N 423 
TYR N   H2   sing N N 424 
TYR CA  C    sing N N 425 
TYR CA  CB   sing N N 426 
TYR CA  HA   sing N N 427 
TYR C   O    doub N N 428 
TYR C   OXT  sing N N 429 
TYR CB  CG   sing N N 430 
TYR CB  HB2  sing N N 431 
TYR CB  HB3  sing N N 432 
TYR CG  CD1  doub Y N 433 
TYR CG  CD2  sing Y N 434 
TYR CD1 CE1  sing Y N 435 
TYR CD1 HD1  sing N N 436 
TYR CD2 CE2  doub Y N 437 
TYR CD2 HD2  sing N N 438 
TYR CE1 CZ   doub Y N 439 
TYR CE1 HE1  sing N N 440 
TYR CE2 CZ   sing Y N 441 
TYR CE2 HE2  sing N N 442 
TYR CZ  OH   sing N N 443 
TYR OH  HH   sing N N 444 
TYR OXT HXT  sing N N 445 
VAL N   CA   sing N N 446 
VAL N   H    sing N N 447 
VAL N   H2   sing N N 448 
VAL CA  C    sing N N 449 
VAL CA  CB   sing N N 450 
VAL CA  HA   sing N N 451 
VAL C   O    doub N N 452 
VAL C   OXT  sing N N 453 
VAL CB  CG1  sing N N 454 
VAL CB  CG2  sing N N 455 
VAL CB  HB   sing N N 456 
VAL CG1 HG11 sing N N 457 
VAL CG1 HG12 sing N N 458 
VAL CG1 HG13 sing N N 459 
VAL CG2 HG21 sing N N 460 
VAL CG2 HG22 sing N N 461 
VAL CG2 HG23 sing N N 462 
VAL OXT HXT  sing N N 463 
# 
_pdbx_entity_instance_feature.ordinal        1 
_pdbx_entity_instance_feature.comp_id        NUT 
_pdbx_entity_instance_feature.asym_id        ? 
_pdbx_entity_instance_feature.seq_num        ? 
_pdbx_entity_instance_feature.auth_comp_id   NUT 
_pdbx_entity_instance_feature.auth_asym_id   ? 
_pdbx_entity_instance_feature.auth_seq_num   ? 
_pdbx_entity_instance_feature.feature_type   'SUBJECT OF INVESTIGATION' 
_pdbx_entity_instance_feature.details        ? 
# 
loop_
_pdbx_entity_nonpoly.entity_id 
_pdbx_entity_nonpoly.name 
_pdbx_entity_nonpoly.comp_id 
2 1,4,7,10,13,16-HEXAOXACYCLOOCTADECANE O4B 
3 
'4-({(4S,5R)-4,5-bis(4-chlorophenyl)-2-[4-methoxy-2-(propan-2-yloxy)phenyl]-4,5-dihydro-1H-imidazol-1-yl}carbonyl)piperazin-2-one' 
NUT 
4 water HOH 
# 
loop_
_pdbx_initial_refinement_model.id 
_pdbx_initial_refinement_model.entity_id_list 
_pdbx_initial_refinement_model.type 
_pdbx_initial_refinement_model.source_name 
_pdbx_initial_refinement_model.accession_code 
_pdbx_initial_refinement_model.details 
1 ? 'experimental model' PDB 6Q9W '6Q9W, 6V4F' 
2 ? 'experimental model' PDB 6V4F '6Q9W, 6V4F' 
# 
